data_5HN8
#
_entry.id   5HN8
#
_cell.length_a   84.072
_cell.length_b   117.220
_cell.length_c   92.786
_cell.angle_alpha   90.000
_cell.angle_beta   116.200
_cell.angle_gamma   90.000
#
_symmetry.space_group_name_H-M   'P 1 21 1'
#
loop_
_entity.id
_entity.type
_entity.pdbx_description
1 polymer 'Farnesyl pyrophosphate synthase, putative'
2 non-polymer '2-{[3-hydroxy-5-(octyloxy)benzyl]sulfanyl}benzoic acid'
3 non-polymer 'SULFATE ION'
4 water water
#
_entity_poly.entity_id   1
_entity_poly.type   'polypeptide(L)'
_entity_poly.pdbx_seq_one_letter_code
;MKETNSEEADSGLAFFRNMYDKYRDAFLSHLNEYSLEEEIKEHISKYYKLLFDYNCLGGKNNRGILVILIYEYVKNRDIN
SSEWEKAACLAWCIEILQAAFLVADDIMDKGEMRRNKYCWYLLKDVETKNAVNDVLLLYNSIYKLIEIYLRNESCYVDVI
ATFRDATLKTIIGQHLDTNIFSDKYSDAHREIDVNNINVPEQPVIDINMINFGVYKNIVIHKTAYYSFFLPIVCGMLLAG
IAVDNLIYKKIEDISMLMGEYFQIHDDYLDIFGDSTKTGKVGSDIQNNKLTWPLIKTFELCSEPDKIKIVKNYGKNNLAC
VKVIDSLYEQYKIRKHYESYEKAQKAKILSAINELHHEGIEYVLKYLLEILFTGV
;
_entity_poly.pdbx_strand_id   A,B,C,D
#
loop_
_chem_comp.id
_chem_comp.type
_chem_comp.name
_chem_comp.formula
HXK non-polymer '2-{[3-hydroxy-5-(octyloxy)benzyl]sulfanyl}benzoic acid' 'C22 H28 O4 S'
SO4 non-polymer 'SULFATE ION' 'O4 S -2'
#
# COMPACT_ATOMS: atom_id res chain seq x y z
N LEU A 13 11.50 -23.97 5.04
CA LEU A 13 12.16 -22.88 4.23
C LEU A 13 11.17 -21.80 3.69
N ALA A 14 11.63 -21.08 2.68
CA ALA A 14 10.89 -20.07 1.94
C ALA A 14 10.69 -20.61 0.53
N PHE A 15 10.96 -21.91 0.37
CA PHE A 15 10.56 -22.65 -0.84
C PHE A 15 9.04 -22.69 -0.77
N PHE A 16 8.56 -23.09 0.40
CA PHE A 16 7.14 -23.10 0.67
C PHE A 16 6.53 -21.75 0.34
N ARG A 17 7.00 -20.71 1.01
CA ARG A 17 6.52 -19.35 0.76
C ARG A 17 6.57 -18.93 -0.72
N ASN A 18 7.36 -19.63 -1.53
CA ASN A 18 7.41 -19.38 -2.98
C ASN A 18 6.25 -19.95 -3.74
N MET A 19 5.74 -21.09 -3.28
CA MET A 19 4.68 -21.82 -3.95
C MET A 19 3.33 -21.11 -3.87
N TYR A 20 3.26 -20.11 -3.00
CA TYR A 20 2.02 -19.45 -2.65
C TYR A 20 1.22 -19.01 -3.89
N ASP A 21 1.85 -18.26 -4.77
CA ASP A 21 1.13 -17.64 -5.90
C ASP A 21 0.46 -18.66 -6.77
N LYS A 22 1.08 -19.83 -6.89
CA LYS A 22 0.58 -20.93 -7.70
C LYS A 22 -0.81 -21.37 -7.23
N TYR A 23 -0.96 -21.56 -5.92
CA TYR A 23 -2.19 -22.09 -5.37
C TYR A 23 -3.29 -21.04 -5.27
N ARG A 24 -2.88 -19.82 -4.98
CA ARG A 24 -3.81 -18.71 -4.99
C ARG A 24 -4.36 -18.54 -6.40
N ASP A 25 -3.47 -18.52 -7.38
CA ASP A 25 -3.87 -18.32 -8.74
C ASP A 25 -4.64 -19.51 -9.32
N ALA A 26 -4.44 -20.71 -8.81
CA ALA A 26 -5.18 -21.85 -9.29
C ALA A 26 -6.65 -21.65 -8.96
N PHE A 27 -6.91 -21.27 -7.70
CA PHE A 27 -8.26 -21.03 -7.24
C PHE A 27 -8.88 -19.76 -7.86
N LEU A 28 -8.07 -18.73 -8.04
CA LEU A 28 -8.54 -17.54 -8.76
C LEU A 28 -8.96 -17.87 -10.21
N SER A 29 -8.22 -18.79 -10.83
CA SER A 29 -8.53 -19.26 -12.16
C SER A 29 -9.86 -19.96 -12.15
N HIS A 30 -10.08 -20.81 -11.15
CA HIS A 30 -11.33 -21.53 -11.03
C HIS A 30 -12.50 -20.55 -11.02
N LEU A 31 -12.40 -19.50 -10.21
CA LEU A 31 -13.44 -18.49 -10.17
C LEU A 31 -13.66 -17.83 -11.53
N ASN A 32 -12.54 -17.44 -12.16
CA ASN A 32 -12.55 -16.73 -13.43
C ASN A 32 -13.13 -17.54 -14.60
N GLU A 33 -13.36 -18.85 -14.36
CA GLU A 33 -14.03 -19.75 -15.32
C GLU A 33 -15.58 -19.90 -15.15
N TYR A 34 -16.14 -19.09 -14.25
CA TYR A 34 -17.58 -19.00 -14.02
C TYR A 34 -18.27 -18.19 -15.12
N SER A 35 -19.52 -18.53 -15.41
CA SER A 35 -20.32 -17.80 -16.37
C SER A 35 -20.65 -16.43 -15.87
N LEU A 36 -19.77 -15.48 -16.13
CA LEU A 36 -19.96 -14.09 -15.72
C LEU A 36 -19.51 -13.16 -16.85
N GLU A 37 -19.79 -11.88 -16.69
CA GLU A 37 -19.38 -10.85 -17.63
C GLU A 37 -17.99 -10.37 -17.30
N GLU A 38 -17.26 -9.93 -18.32
CA GLU A 38 -15.84 -9.64 -18.20
C GLU A 38 -15.50 -8.55 -17.18
N GLU A 39 -16.24 -7.45 -17.23
CA GLU A 39 -16.07 -6.41 -16.23
C GLU A 39 -16.20 -6.98 -14.83
N ILE A 40 -17.24 -7.82 -14.62
CA ILE A 40 -17.55 -8.43 -13.34
C ILE A 40 -16.43 -9.36 -12.86
N LYS A 41 -15.96 -10.21 -13.77
CA LYS A 41 -14.84 -11.09 -13.49
C LYS A 41 -13.65 -10.32 -13.02
N GLU A 42 -13.44 -9.13 -13.58
CA GLU A 42 -12.27 -8.33 -13.25
C GLU A 42 -12.31 -7.82 -11.82
N HIS A 43 -13.48 -7.33 -11.40
CA HIS A 43 -13.72 -6.88 -10.01
C HIS A 43 -13.55 -8.03 -9.00
N ILE A 44 -14.18 -9.16 -9.31
CA ILE A 44 -14.07 -10.36 -8.51
C ILE A 44 -12.61 -10.73 -8.22
N SER A 45 -11.77 -10.75 -9.25
CA SER A 45 -10.35 -11.07 -9.13
C SER A 45 -9.61 -10.13 -8.21
N LYS A 46 -9.87 -8.85 -8.42
CA LYS A 46 -9.18 -7.80 -7.72
C LYS A 46 -9.44 -8.01 -6.27
N TYR A 47 -10.70 -8.33 -5.95
CA TYR A 47 -11.13 -8.50 -4.57
C TYR A 47 -10.59 -9.75 -3.88
N TYR A 48 -10.77 -10.88 -4.54
CA TYR A 48 -10.36 -12.14 -3.98
C TYR A 48 -8.84 -12.33 -3.89
N LYS A 49 -8.10 -11.69 -4.79
CA LYS A 49 -6.67 -11.72 -4.72
C LYS A 49 -6.27 -11.02 -3.44
N LEU A 50 -6.95 -9.92 -3.13
CA LEU A 50 -6.68 -9.22 -1.87
C LEU A 50 -7.07 -10.03 -0.61
N LEU A 51 -8.20 -10.71 -0.67
CA LEU A 51 -8.66 -11.52 0.42
C LEU A 51 -7.62 -12.57 0.77
N PHE A 52 -7.07 -13.20 -0.25
CA PHE A 52 -6.01 -14.16 -0.06
C PHE A 52 -4.74 -13.50 0.43
N ASP A 53 -4.27 -12.45 -0.25
CA ASP A 53 -3.00 -11.85 0.06
C ASP A 53 -3.00 -11.26 1.45
N TYR A 54 -4.09 -10.59 1.79
CA TYR A 54 -4.14 -9.85 3.04
C TYR A 54 -4.16 -10.76 4.24
N ASN A 55 -4.70 -11.97 4.07
CA ASN A 55 -5.01 -12.84 5.19
C ASN A 55 -4.16 -14.11 5.22
N CYS A 56 -3.61 -14.49 4.09
CA CYS A 56 -2.78 -15.71 4.04
C CYS A 56 -1.30 -15.47 4.27
N LEU A 57 -0.83 -14.27 3.95
CA LEU A 57 0.59 -13.98 4.09
C LEU A 57 0.80 -13.22 5.37
N GLY A 58 2.02 -13.25 5.89
CA GLY A 58 2.34 -12.46 7.06
C GLY A 58 2.51 -13.31 8.29
N GLY A 59 1.95 -14.51 8.28
CA GLY A 59 2.06 -15.36 9.44
C GLY A 59 3.37 -16.12 9.48
N LYS A 60 3.68 -16.71 10.63
CA LYS A 60 4.91 -17.50 10.80
C LYS A 60 4.93 -18.77 9.94
N ASN A 61 3.74 -19.37 9.71
CA ASN A 61 3.54 -20.52 8.82
C ASN A 61 3.96 -21.87 9.41
N ASN A 62 3.96 -21.97 10.73
CA ASN A 62 4.36 -23.20 11.41
C ASN A 62 3.57 -24.40 11.02
N ARG A 63 2.26 -24.23 10.85
CA ARG A 63 1.37 -25.34 10.50
C ARG A 63 1.72 -25.80 9.08
N GLY A 64 2.02 -24.82 8.23
CA GLY A 64 2.37 -25.11 6.85
C GLY A 64 3.63 -25.94 6.79
N ILE A 65 4.70 -25.42 7.39
CA ILE A 65 6.04 -26.07 7.35
C ILE A 65 6.01 -27.45 7.94
N LEU A 66 5.22 -27.61 9.00
CA LEU A 66 5.01 -28.88 9.61
C LEU A 66 4.56 -29.94 8.62
N VAL A 67 3.66 -29.59 7.70
CA VAL A 67 3.20 -30.56 6.69
C VAL A 67 4.41 -31.00 5.89
N ILE A 68 5.14 -30.00 5.39
CA ILE A 68 6.27 -30.24 4.51
C ILE A 68 7.36 -31.03 5.20
N LEU A 69 7.64 -30.71 6.45
CA LEU A 69 8.60 -31.47 7.25
C LEU A 69 8.14 -32.90 7.47
N ILE A 70 6.94 -33.10 8.00
CA ILE A 70 6.50 -34.47 8.27
C ILE A 70 6.52 -35.34 6.99
N TYR A 71 6.03 -34.79 5.89
CA TYR A 71 6.01 -35.51 4.64
C TYR A 71 7.42 -35.90 4.26
N GLU A 72 8.33 -34.93 4.25
CA GLU A 72 9.72 -35.16 3.87
C GLU A 72 10.37 -36.32 4.64
N TYR A 73 10.12 -36.39 5.94
CA TYR A 73 10.72 -37.43 6.79
C TYR A 73 9.86 -38.68 6.84
N ILE A 79 12.00 -37.47 -3.35
CA ILE A 79 10.77 -36.73 -3.60
C ILE A 79 10.82 -35.89 -4.88
N ASN A 80 10.07 -36.31 -5.89
CA ASN A 80 10.04 -35.57 -7.14
C ASN A 80 9.20 -34.30 -7.03
N SER A 81 9.18 -33.51 -8.09
CA SER A 81 8.46 -32.25 -8.12
C SER A 81 6.93 -32.39 -8.05
N SER A 82 6.36 -33.46 -8.62
CA SER A 82 4.92 -33.69 -8.56
C SER A 82 4.46 -33.88 -7.13
N GLU A 83 5.31 -34.52 -6.33
CA GLU A 83 4.99 -34.83 -4.94
C GLU A 83 5.03 -33.57 -4.09
N TRP A 84 6.07 -32.75 -4.29
CA TRP A 84 6.14 -31.43 -3.64
C TRP A 84 4.82 -30.67 -3.92
N GLU A 85 4.51 -30.53 -5.21
CA GLU A 85 3.28 -29.89 -5.69
C GLU A 85 2.08 -30.28 -4.87
N LYS A 86 1.92 -31.58 -4.59
CA LYS A 86 0.81 -32.04 -3.77
C LYS A 86 0.97 -31.74 -2.27
N ALA A 87 2.20 -31.83 -1.77
CA ALA A 87 2.44 -31.62 -0.34
C ALA A 87 2.38 -30.13 0.02
N ALA A 88 2.89 -29.30 -0.90
CA ALA A 88 2.85 -27.86 -0.73
C ALA A 88 1.40 -27.35 -0.87
N CYS A 89 0.60 -28.08 -1.65
CA CYS A 89 -0.83 -27.77 -1.71
C CYS A 89 -1.41 -27.93 -0.31
N LEU A 90 -1.28 -29.11 0.28
CA LEU A 90 -1.83 -29.37 1.63
C LEU A 90 -1.34 -28.36 2.63
N ALA A 91 -0.03 -28.10 2.57
CA ALA A 91 0.62 -27.10 3.42
C ALA A 91 0.00 -25.71 3.28
N TRP A 92 -0.28 -25.29 2.07
CA TRP A 92 -0.96 -24.01 1.88
C TRP A 92 -2.43 -24.04 2.29
N CYS A 93 -3.04 -25.21 2.22
CA CYS A 93 -4.43 -25.35 2.55
C CYS A 93 -4.58 -25.16 4.02
N ILE A 94 -3.55 -25.55 4.77
CA ILE A 94 -3.59 -25.37 6.20
C ILE A 94 -3.48 -23.87 6.50
N GLU A 95 -2.60 -23.18 5.79
CA GLU A 95 -2.46 -21.77 6.00
C GLU A 95 -3.71 -20.99 5.61
N ILE A 96 -4.41 -21.45 4.56
CA ILE A 96 -5.71 -20.86 4.20
C ILE A 96 -6.72 -21.10 5.35
N LEU A 97 -6.78 -22.33 5.85
CA LEU A 97 -7.63 -22.63 7.01
C LEU A 97 -7.32 -21.67 8.16
N GLN A 98 -6.02 -21.47 8.39
CA GLN A 98 -5.61 -20.59 9.47
C GLN A 98 -6.15 -19.20 9.16
N ALA A 99 -5.99 -18.75 7.92
CA ALA A 99 -6.48 -17.44 7.53
C ALA A 99 -8.00 -17.33 7.83
N ALA A 100 -8.77 -18.33 7.43
CA ALA A 100 -10.20 -18.25 7.62
C ALA A 100 -10.53 -18.18 9.10
N PHE A 101 -9.80 -18.94 9.93
CA PHE A 101 -10.04 -18.95 11.39
C PHE A 101 -9.74 -17.59 12.01
N LEU A 102 -8.61 -17.00 11.61
CA LEU A 102 -8.25 -15.65 12.05
C LEU A 102 -9.33 -14.64 11.67
N VAL A 103 -9.75 -14.60 10.40
CA VAL A 103 -10.79 -13.68 9.99
C VAL A 103 -12.03 -13.90 10.86
N ALA A 104 -12.47 -15.15 10.99
CA ALA A 104 -13.69 -15.43 11.75
C ALA A 104 -13.54 -15.03 13.22
N ASP A 105 -12.41 -15.41 13.82
CA ASP A 105 -12.17 -15.13 15.24
C ASP A 105 -12.18 -13.65 15.52
N ASP A 106 -11.66 -12.86 14.58
CA ASP A 106 -11.59 -11.44 14.80
C ASP A 106 -12.96 -10.81 14.72
N ILE A 107 -13.85 -11.39 13.94
CA ILE A 107 -15.20 -10.88 13.85
C ILE A 107 -15.86 -11.16 15.20
N MET A 108 -15.68 -12.39 15.65
CA MET A 108 -16.32 -12.86 16.85
C MET A 108 -15.82 -12.10 18.05
N ASP A 109 -14.51 -11.95 18.18
CA ASP A 109 -13.94 -11.25 19.36
C ASP A 109 -13.88 -9.74 19.22
N LYS A 110 -14.36 -9.25 18.08
CA LYS A 110 -14.37 -7.83 17.80
C LYS A 110 -12.95 -7.30 17.98
N GLY A 111 -12.01 -7.84 17.22
CA GLY A 111 -10.60 -7.52 17.35
C GLY A 111 -10.25 -6.27 16.58
N GLU A 112 -9.04 -5.75 16.82
CA GLU A 112 -8.58 -4.50 16.22
C GLU A 112 -7.41 -4.79 15.29
N MET A 113 -6.41 -5.49 15.82
CA MET A 113 -5.16 -5.73 15.09
C MET A 113 -4.86 -7.22 14.96
N ARG A 114 -4.40 -7.62 13.77
CA ARG A 114 -3.97 -9.01 13.53
C ARG A 114 -2.81 -9.01 12.54
N ARG A 115 -1.67 -9.59 12.96
CA ARG A 115 -0.41 -9.56 12.20
C ARG A 115 0.03 -8.13 11.89
N ASN A 116 -0.08 -7.27 12.89
CA ASN A 116 0.31 -5.86 12.81
C ASN A 116 -0.31 -5.08 11.66
N LYS A 117 -1.52 -5.47 11.28
CA LYS A 117 -2.37 -4.61 10.49
C LYS A 117 -3.80 -4.69 11.02
N TYR A 118 -4.67 -3.83 10.50
CA TYR A 118 -6.08 -3.84 10.86
C TYR A 118 -6.69 -5.17 10.46
N CYS A 119 -7.63 -5.65 11.28
CA CYS A 119 -8.36 -6.87 10.95
C CYS A 119 -9.15 -6.65 9.67
N TRP A 120 -9.20 -7.68 8.83
CA TRP A 120 -9.97 -7.65 7.60
C TRP A 120 -11.35 -7.02 7.74
N TYR A 121 -12.14 -7.47 8.70
CA TYR A 121 -13.56 -7.05 8.81
C TYR A 121 -13.71 -5.55 9.12
N LEU A 122 -12.66 -4.95 9.67
CA LEU A 122 -12.67 -3.56 10.07
C LEU A 122 -12.64 -2.62 8.88
N LEU A 123 -12.15 -3.11 7.77
CA LEU A 123 -11.92 -2.28 6.59
C LEU A 123 -13.22 -1.79 6.06
N LYS A 124 -13.26 -0.51 5.69
CA LYS A 124 -14.50 0.09 5.21
C LYS A 124 -14.99 -0.47 3.90
N ASP A 125 -14.09 -0.92 3.03
CA ASP A 125 -14.44 -1.60 1.77
C ASP A 125 -14.89 -3.05 2.00
N VAL A 126 -14.69 -3.56 3.20
CA VAL A 126 -14.97 -4.96 3.50
C VAL A 126 -16.19 -5.07 4.39
N GLU A 127 -16.05 -4.62 5.64
CA GLU A 127 -17.11 -4.69 6.66
C GLU A 127 -17.47 -6.11 7.10
N THR A 128 -18.23 -6.22 8.18
CA THR A 128 -18.67 -7.51 8.68
C THR A 128 -19.41 -8.32 7.63
N LYS A 129 -20.25 -7.65 6.87
CA LYS A 129 -21.02 -8.34 5.85
C LYS A 129 -20.20 -9.14 4.87
N ASN A 130 -19.09 -8.58 4.41
CA ASN A 130 -18.21 -9.33 3.56
C ASN A 130 -17.38 -10.37 4.30
N ALA A 131 -16.81 -10.00 5.44
CA ALA A 131 -15.91 -10.89 6.15
C ALA A 131 -16.57 -12.24 6.43
N VAL A 132 -17.81 -12.20 6.86
CA VAL A 132 -18.52 -13.45 7.07
C VAL A 132 -18.49 -14.32 5.81
N ASN A 133 -18.87 -13.73 4.68
CA ASN A 133 -18.96 -14.43 3.43
C ASN A 133 -17.60 -14.96 2.97
N ASP A 134 -16.57 -14.14 3.21
CA ASP A 134 -15.17 -14.46 2.98
C ASP A 134 -14.61 -15.60 3.83
N VAL A 135 -15.06 -15.79 5.06
CA VAL A 135 -14.68 -16.96 5.84
C VAL A 135 -15.17 -18.20 5.12
N LEU A 136 -16.38 -18.15 4.57
CA LEU A 136 -16.92 -19.33 3.94
C LEU A 136 -16.19 -19.60 2.66
N LEU A 137 -15.75 -18.53 2.02
CA LEU A 137 -15.05 -18.67 0.76
C LEU A 137 -13.64 -19.24 0.93
N LEU A 138 -12.83 -18.64 1.80
CA LEU A 138 -11.55 -19.22 2.18
C LEU A 138 -11.72 -20.68 2.57
N TYR A 139 -12.67 -20.96 3.43
CA TYR A 139 -12.86 -22.31 3.89
C TYR A 139 -13.10 -23.26 2.74
N ASN A 140 -14.08 -22.96 1.90
CA ASN A 140 -14.34 -23.79 0.73
C ASN A 140 -13.22 -23.81 -0.32
N SER A 141 -12.45 -22.74 -0.44
CA SER A 141 -11.33 -22.73 -1.38
C SER A 141 -10.39 -23.92 -1.13
N ILE A 142 -10.27 -24.30 0.14
CA ILE A 142 -9.39 -25.35 0.57
C ILE A 142 -9.77 -26.62 -0.16
N TYR A 143 -11.06 -26.94 -0.12
CA TYR A 143 -11.49 -28.22 -0.65
C TYR A 143 -11.39 -28.24 -2.16
N LYS A 144 -11.44 -27.07 -2.79
CA LYS A 144 -11.33 -27.02 -4.25
C LYS A 144 -9.88 -27.26 -4.61
N LEU A 145 -8.97 -26.62 -3.89
CA LEU A 145 -7.55 -26.82 -4.14
C LEU A 145 -7.14 -28.27 -3.99
N ILE A 146 -7.74 -28.95 -3.04
CA ILE A 146 -7.42 -30.35 -2.81
C ILE A 146 -7.98 -31.20 -3.96
N GLU A 147 -9.15 -30.86 -4.48
CA GLU A 147 -9.64 -31.55 -5.69
C GLU A 147 -8.67 -31.33 -6.86
N ILE A 148 -8.24 -30.10 -7.06
CA ILE A 148 -7.31 -29.85 -8.14
C ILE A 148 -6.02 -30.68 -8.04
N TYR A 149 -5.43 -30.76 -6.86
CA TYR A 149 -4.08 -31.31 -6.80
C TYR A 149 -4.01 -32.74 -6.36
N LEU A 150 -5.09 -33.29 -5.78
CA LEU A 150 -5.05 -34.62 -5.17
C LEU A 150 -6.28 -35.48 -5.44
N ARG A 151 -7.12 -35.06 -6.39
CA ARG A 151 -8.36 -35.78 -6.70
C ARG A 151 -8.12 -37.25 -7.04
N ASN A 152 -6.95 -37.53 -7.61
CA ASN A 152 -6.66 -38.86 -8.08
C ASN A 152 -5.89 -39.72 -7.11
N GLU A 153 -5.34 -39.11 -6.07
CA GLU A 153 -4.62 -39.83 -5.04
C GLU A 153 -5.55 -40.72 -4.30
N SER A 154 -5.04 -41.83 -3.76
CA SER A 154 -5.85 -42.75 -2.96
C SER A 154 -6.21 -42.15 -1.60
N CYS A 155 -5.33 -41.32 -1.05
CA CYS A 155 -5.61 -40.70 0.26
C CYS A 155 -6.63 -39.56 0.19
N TYR A 156 -6.90 -39.08 -1.03
CA TYR A 156 -7.90 -38.04 -1.27
C TYR A 156 -9.03 -38.04 -0.26
N VAL A 157 -9.84 -39.09 -0.25
CA VAL A 157 -11.00 -39.08 0.61
C VAL A 157 -10.62 -38.86 2.06
N ASP A 158 -9.58 -39.56 2.50
CA ASP A 158 -9.08 -39.41 3.89
C ASP A 158 -8.61 -37.98 4.20
N VAL A 159 -7.90 -37.38 3.25
CA VAL A 159 -7.41 -36.03 3.43
C VAL A 159 -8.60 -35.11 3.65
N ILE A 160 -9.54 -35.07 2.71
CA ILE A 160 -10.65 -34.14 2.90
C ILE A 160 -11.34 -34.40 4.22
N ALA A 161 -11.41 -35.66 4.67
CA ALA A 161 -12.09 -35.94 5.96
C ALA A 161 -11.30 -35.37 7.13
N THR A 162 -9.97 -35.46 7.03
CA THR A 162 -9.13 -34.97 8.10
C THR A 162 -9.46 -33.50 8.31
N PHE A 163 -9.41 -32.73 7.20
CA PHE A 163 -9.75 -31.33 7.27
C PHE A 163 -11.13 -31.16 7.86
N ARG A 164 -12.08 -32.01 7.51
CA ARG A 164 -13.45 -31.78 7.97
C ARG A 164 -13.51 -31.99 9.47
N ASP A 165 -12.93 -33.09 9.92
CA ASP A 165 -13.02 -33.43 11.36
C ASP A 165 -12.29 -32.42 12.29
N ALA A 166 -11.13 -31.95 11.85
CA ALA A 166 -10.42 -30.95 12.61
C ALA A 166 -11.20 -29.63 12.68
N THR A 167 -11.73 -29.20 11.54
CA THR A 167 -12.55 -28.01 11.58
C THR A 167 -13.70 -28.14 12.62
N LEU A 168 -14.45 -29.25 12.55
CA LEU A 168 -15.57 -29.46 13.49
C LEU A 168 -15.09 -29.40 14.94
N LYS A 169 -14.00 -30.07 15.25
CA LYS A 169 -13.46 -29.95 16.60
C LYS A 169 -13.08 -28.49 16.94
N THR A 170 -12.40 -27.81 15.99
CA THR A 170 -12.09 -26.41 16.19
C THR A 170 -13.35 -25.63 16.49
N ILE A 171 -14.44 -25.93 15.78
CA ILE A 171 -15.65 -25.06 15.85
C ILE A 171 -16.25 -25.18 17.23
N ILE A 172 -16.21 -26.41 17.74
CA ILE A 172 -16.70 -26.70 19.06
C ILE A 172 -15.80 -26.04 20.11
N GLY A 173 -14.49 -26.14 19.89
CA GLY A 173 -13.53 -25.52 20.80
C GLY A 173 -13.79 -24.05 20.89
N GLN A 174 -14.16 -23.46 19.75
CA GLN A 174 -14.47 -22.04 19.69
C GLN A 174 -15.76 -21.74 20.42
N HIS A 175 -16.69 -22.66 20.32
CA HIS A 175 -17.97 -22.44 20.96
C HIS A 175 -17.73 -22.34 22.44
N LEU A 176 -17.03 -23.35 22.97
CA LEU A 176 -16.68 -23.40 24.39
C LEU A 176 -15.95 -22.12 24.85
N ASP A 177 -14.90 -21.73 24.12
CA ASP A 177 -14.11 -20.58 24.53
C ASP A 177 -14.95 -19.33 24.62
N THR A 178 -16.03 -19.29 23.85
CA THR A 178 -16.82 -18.08 23.72
C THR A 178 -17.89 -18.02 24.78
N ASN A 179 -18.29 -19.18 25.27
CA ASN A 179 -19.48 -19.30 26.08
C ASN A 179 -19.32 -19.82 27.52
N ILE A 180 -18.10 -20.28 27.85
CA ILE A 180 -17.84 -20.95 29.12
C ILE A 180 -18.27 -20.16 30.38
N PHE A 181 -18.21 -18.83 30.30
CA PHE A 181 -18.64 -17.98 31.40
C PHE A 181 -19.99 -17.35 31.15
N SER A 182 -20.65 -17.73 30.06
CA SER A 182 -21.88 -17.03 29.66
C SER A 182 -23.10 -17.46 30.46
N ASP A 183 -24.12 -16.60 30.41
CA ASP A 183 -25.39 -16.73 31.12
C ASP A 183 -26.03 -18.12 30.94
N LYS A 184 -25.93 -18.67 29.74
CA LYS A 184 -26.59 -19.94 29.43
C LYS A 184 -25.88 -21.17 30.04
N TYR A 185 -24.74 -20.90 30.66
CA TYR A 185 -23.93 -21.95 31.24
C TYR A 185 -24.02 -21.74 32.76
N SER A 186 -25.09 -22.30 33.32
CA SER A 186 -25.47 -22.11 34.73
C SER A 186 -26.28 -23.34 35.15
N ASP A 187 -26.25 -23.69 36.44
CA ASP A 187 -27.09 -24.79 36.96
C ASP A 187 -28.44 -24.28 37.48
N ILE A 192 -32.64 -21.46 26.65
CA ILE A 192 -32.34 -20.20 26.00
C ILE A 192 -33.63 -19.44 25.67
N ASP A 193 -33.66 -18.15 25.96
CA ASP A 193 -34.85 -17.37 25.68
C ASP A 193 -34.90 -16.92 24.24
N VAL A 194 -35.74 -17.58 23.45
CA VAL A 194 -35.85 -17.24 22.02
C VAL A 194 -36.70 -15.98 21.78
N ASN A 195 -36.89 -15.19 22.83
CA ASN A 195 -37.64 -13.93 22.71
C ASN A 195 -36.87 -12.71 23.20
N ASN A 196 -35.80 -12.95 23.98
CA ASN A 196 -34.93 -11.87 24.43
C ASN A 196 -33.91 -11.50 23.35
N ILE A 197 -34.02 -10.27 22.88
CA ILE A 197 -33.09 -9.70 21.89
C ILE A 197 -32.53 -8.39 22.41
N ASN A 198 -32.63 -8.17 23.71
CA ASN A 198 -32.18 -6.92 24.32
C ASN A 198 -30.73 -6.99 24.79
N VAL A 199 -29.99 -5.90 24.62
CA VAL A 199 -28.52 -6.01 24.72
C VAL A 199 -28.08 -7.12 25.74
N PRO A 200 -27.01 -7.88 25.43
CA PRO A 200 -26.72 -9.08 26.23
C PRO A 200 -26.41 -8.77 27.68
N GLU A 201 -26.44 -9.81 28.51
CA GLU A 201 -26.06 -9.69 29.93
C GLU A 201 -24.61 -9.19 30.10
N GLN A 202 -24.37 -8.43 31.17
CA GLN A 202 -23.00 -8.06 31.49
C GLN A 202 -22.27 -9.34 31.91
N PRO A 203 -21.06 -9.53 31.39
CA PRO A 203 -20.24 -10.72 31.53
C PRO A 203 -19.76 -10.91 32.96
N VAL A 204 -19.89 -12.13 33.48
CA VAL A 204 -19.39 -12.45 34.82
C VAL A 204 -18.74 -13.83 34.80
N ILE A 205 -17.55 -13.98 35.37
CA ILE A 205 -16.91 -15.31 35.42
C ILE A 205 -17.79 -16.24 36.25
N ASP A 206 -17.73 -17.54 35.97
CA ASP A 206 -18.42 -18.53 36.77
C ASP A 206 -17.39 -19.45 37.43
N ILE A 207 -17.34 -19.41 38.75
CA ILE A 207 -16.30 -20.13 39.50
C ILE A 207 -16.32 -21.64 39.20
N ASN A 208 -17.50 -22.15 38.81
CA ASN A 208 -17.64 -23.57 38.53
C ASN A 208 -16.84 -24.01 37.34
N MET A 209 -16.59 -23.07 36.43
CA MET A 209 -15.88 -23.36 35.19
C MET A 209 -14.38 -23.21 35.35
N ILE A 210 -13.93 -22.64 36.46
CA ILE A 210 -12.51 -22.33 36.64
C ILE A 210 -11.69 -23.53 37.12
N ASN A 211 -11.66 -24.59 36.31
CA ASN A 211 -10.86 -25.76 36.61
C ASN A 211 -10.16 -26.31 35.38
N PHE A 212 -9.13 -27.11 35.59
CA PHE A 212 -8.25 -27.59 34.53
C PHE A 212 -8.94 -28.47 33.49
N GLY A 213 -9.92 -29.24 33.95
CA GLY A 213 -10.56 -30.22 33.09
C GLY A 213 -11.17 -29.48 31.92
N VAL A 214 -12.08 -28.57 32.26
CA VAL A 214 -12.72 -27.69 31.29
C VAL A 214 -11.69 -27.02 30.37
N TYR A 215 -10.68 -26.40 30.96
CA TYR A 215 -9.71 -25.65 30.18
C TYR A 215 -9.08 -26.55 29.11
N LYS A 216 -8.76 -27.79 29.47
CA LYS A 216 -8.16 -28.71 28.50
C LYS A 216 -9.16 -29.06 27.42
N ASN A 217 -10.41 -29.24 27.84
CA ASN A 217 -11.51 -29.42 26.89
C ASN A 217 -11.56 -28.31 25.82
N ILE A 218 -11.39 -27.06 26.27
CA ILE A 218 -11.42 -25.90 25.38
C ILE A 218 -10.16 -25.93 24.52
N VAL A 219 -9.00 -25.91 25.17
CA VAL A 219 -7.73 -25.76 24.48
C VAL A 219 -7.45 -26.90 23.50
N ILE A 220 -7.88 -28.11 23.83
CA ILE A 220 -7.60 -29.26 22.95
C ILE A 220 -8.34 -29.10 21.62
N HIS A 221 -9.65 -28.86 21.76
CA HIS A 221 -10.56 -28.70 20.62
C HIS A 221 -10.30 -27.45 19.81
N LYS A 222 -10.19 -26.30 20.50
CA LYS A 222 -9.98 -25.03 19.82
C LYS A 222 -8.68 -24.97 19.01
N THR A 223 -7.63 -25.65 19.46
CA THR A 223 -6.36 -25.46 18.79
C THR A 223 -5.55 -26.70 18.41
N ALA A 224 -5.71 -27.80 19.14
CA ALA A 224 -4.80 -28.93 18.97
C ALA A 224 -5.00 -29.73 17.67
N TYR A 225 -6.25 -30.04 17.38
CA TYR A 225 -6.58 -30.74 16.14
C TYR A 225 -6.16 -30.07 14.83
N TYR A 226 -6.37 -28.76 14.71
CA TYR A 226 -6.04 -28.15 13.44
C TYR A 226 -4.57 -27.70 13.42
N SER A 227 -3.98 -27.43 14.59
CA SER A 227 -2.61 -26.88 14.58
C SER A 227 -1.58 -27.98 14.56
N PHE A 228 -1.94 -29.14 15.09
CA PHE A 228 -0.95 -30.23 15.11
C PHE A 228 -1.38 -31.50 14.40
N PHE A 229 -2.48 -32.09 14.87
CA PHE A 229 -3.00 -33.29 14.26
C PHE A 229 -3.13 -33.18 12.72
N LEU A 230 -3.95 -32.22 12.25
CA LEU A 230 -4.19 -32.04 10.82
C LEU A 230 -2.89 -31.97 9.96
N PRO A 231 -1.95 -31.06 10.31
CA PRO A 231 -0.81 -30.98 9.41
C PRO A 231 0.00 -32.27 9.47
N ILE A 232 0.06 -32.93 10.62
CA ILE A 232 0.89 -34.11 10.73
C ILE A 232 0.24 -35.25 9.91
N VAL A 233 -1.00 -35.60 10.29
CA VAL A 233 -1.83 -36.51 9.47
C VAL A 233 -1.83 -36.19 7.95
N CYS A 234 -1.81 -34.91 7.58
CA CYS A 234 -1.72 -34.59 6.16
C CYS A 234 -0.45 -35.11 5.51
N GLY A 235 0.68 -34.89 6.18
CA GLY A 235 2.00 -35.32 5.70
C GLY A 235 2.12 -36.84 5.72
N MET A 236 1.50 -37.45 6.74
CA MET A 236 1.46 -38.91 6.87
C MET A 236 0.61 -39.63 5.78
N LEU A 237 -0.60 -39.14 5.54
CA LEU A 237 -1.50 -39.76 4.57
C LEU A 237 -0.89 -39.69 3.18
N LEU A 238 -0.39 -38.51 2.83
CA LEU A 238 0.19 -38.37 1.52
C LEU A 238 1.35 -39.33 1.35
N ALA A 239 2.10 -39.57 2.43
CA ALA A 239 3.26 -40.49 2.39
C ALA A 239 2.91 -41.98 2.34
N GLY A 240 1.66 -42.36 2.59
CA GLY A 240 1.24 -43.74 2.45
C GLY A 240 0.89 -44.45 3.74
N ILE A 241 0.99 -43.80 4.89
CA ILE A 241 0.50 -44.44 6.10
C ILE A 241 -1.03 -44.29 6.22
N ASP A 244 -6.02 -45.47 9.75
CA ASP A 244 -5.37 -46.60 9.13
C ASP A 244 -4.56 -47.46 10.15
N ASN A 245 -3.23 -47.27 10.15
CA ASN A 245 -2.28 -47.82 11.12
C ASN A 245 -2.59 -47.36 12.57
N LEU A 246 -2.10 -48.11 13.57
CA LEU A 246 -2.26 -47.70 14.98
C LEU A 246 -1.37 -46.50 15.44
N ILE A 247 -0.53 -45.96 14.55
CA ILE A 247 0.33 -44.81 14.88
C ILE A 247 -0.43 -43.46 14.83
N TYR A 248 -1.61 -43.46 14.22
CA TYR A 248 -2.41 -42.24 14.13
C TYR A 248 -2.90 -41.83 15.50
N LYS A 249 -3.37 -42.79 16.30
CA LYS A 249 -3.84 -42.46 17.65
C LYS A 249 -2.68 -42.01 18.55
N LYS A 250 -1.48 -42.50 18.28
CA LYS A 250 -0.32 -42.03 19.00
C LYS A 250 -0.16 -40.56 18.71
N ILE A 251 -0.23 -40.22 17.41
CA ILE A 251 -0.11 -38.83 16.94
C ILE A 251 -1.23 -37.94 17.49
N GLU A 252 -2.43 -38.48 17.61
CA GLU A 252 -3.53 -37.71 18.16
C GLU A 252 -3.18 -37.24 19.58
N ASP A 253 -2.68 -38.18 20.38
CA ASP A 253 -2.34 -37.92 21.78
C ASP A 253 -1.18 -36.92 21.95
N ILE A 254 -0.07 -37.14 21.25
CA ILE A 254 0.98 -36.15 21.21
C ILE A 254 0.40 -34.77 20.85
N SER A 255 -0.46 -34.75 19.83
CA SER A 255 -1.10 -33.53 19.33
C SER A 255 -1.94 -32.85 20.39
N MET A 256 -2.75 -33.64 21.11
CA MET A 256 -3.48 -33.13 22.26
C MET A 256 -2.52 -32.50 23.27
N LEU A 257 -1.39 -33.17 23.52
CA LEU A 257 -0.47 -32.68 24.51
C LEU A 257 0.15 -31.37 24.06
N MET A 258 0.72 -31.36 22.86
CA MET A 258 1.31 -30.13 22.32
C MET A 258 0.36 -28.93 22.33
N GLY A 259 -0.88 -29.16 21.90
CA GLY A 259 -1.91 -28.11 21.90
C GLY A 259 -1.94 -27.36 23.20
N GLU A 260 -2.12 -28.13 24.29
CA GLU A 260 -2.09 -27.61 25.66
C GLU A 260 -0.76 -26.86 26.00
N TYR A 261 0.36 -27.54 25.74
CA TYR A 261 1.69 -27.02 26.11
C TYR A 261 1.84 -25.60 25.65
N PHE A 262 1.00 -25.28 24.69
CA PHE A 262 1.34 -24.28 23.74
C PHE A 262 0.37 -23.11 23.83
N GLN A 263 -0.90 -23.46 24.03
CA GLN A 263 -1.90 -22.48 24.32
C GLN A 263 -1.49 -21.91 25.68
N ILE A 264 -1.06 -22.79 26.58
CA ILE A 264 -0.64 -22.34 27.92
C ILE A 264 0.53 -21.36 27.85
N HIS A 265 1.51 -21.69 27.02
CA HIS A 265 2.57 -20.72 26.76
C HIS A 265 2.02 -19.35 26.31
N ASP A 266 1.02 -19.37 25.41
CA ASP A 266 0.42 -18.16 24.91
C ASP A 266 -0.28 -17.42 26.05
N ASP A 267 -0.89 -18.17 26.97
CA ASP A 267 -1.54 -17.56 28.11
C ASP A 267 -0.54 -16.85 29.01
N TYR A 268 0.65 -17.45 29.12
CA TYR A 268 1.72 -16.87 29.89
C TYR A 268 2.18 -15.55 29.31
N LEU A 269 2.34 -15.47 28.00
CA LEU A 269 2.72 -14.19 27.42
C LEU A 269 1.65 -13.14 27.66
N ASP A 270 0.40 -13.58 27.64
CA ASP A 270 -0.69 -12.73 28.00
C ASP A 270 -0.70 -12.44 29.51
N SER A 283 -4.91 -8.34 26.12
CA SER A 283 -6.28 -8.19 26.60
C SER A 283 -6.99 -9.54 26.83
N ASP A 284 -6.48 -10.37 27.74
CA ASP A 284 -7.12 -11.64 28.11
C ASP A 284 -8.01 -11.50 29.32
N ILE A 285 -7.47 -10.88 30.37
CA ILE A 285 -8.24 -10.43 31.56
C ILE A 285 -9.39 -9.52 31.12
N GLN A 286 -9.06 -8.50 30.33
CA GLN A 286 -10.04 -7.54 29.80
C GLN A 286 -11.17 -8.18 28.99
N ASN A 287 -10.88 -9.30 28.35
CA ASN A 287 -11.83 -9.97 27.47
C ASN A 287 -12.50 -11.15 28.15
N ASN A 288 -12.28 -11.26 29.46
CA ASN A 288 -13.03 -12.19 30.31
C ASN A 288 -12.83 -13.63 29.86
N LYS A 289 -11.58 -13.96 29.53
CA LYS A 289 -11.26 -15.27 28.98
C LYS A 289 -10.79 -16.22 30.04
N LEU A 290 -11.13 -17.49 29.90
CA LEU A 290 -10.61 -18.54 30.77
C LEU A 290 -9.17 -18.75 30.36
N THR A 291 -8.24 -18.41 31.25
CA THR A 291 -6.82 -18.60 30.97
C THR A 291 -6.22 -19.56 31.96
N TRP A 292 -4.99 -20.02 31.67
CA TRP A 292 -4.25 -20.83 32.65
C TRP A 292 -3.93 -20.03 33.95
N PRO A 293 -3.26 -18.86 33.82
CA PRO A 293 -2.98 -18.06 35.01
C PRO A 293 -4.22 -17.86 35.87
N LEU A 294 -5.38 -17.56 35.26
CA LEU A 294 -6.62 -17.44 36.02
C LEU A 294 -6.92 -18.69 36.85
N ILE A 295 -6.78 -19.86 36.24
CA ILE A 295 -7.05 -21.13 36.93
C ILE A 295 -6.00 -21.47 37.98
N LYS A 296 -4.75 -21.21 37.68
CA LYS A 296 -3.69 -21.49 38.62
C LYS A 296 -3.81 -20.61 39.87
N THR A 297 -4.09 -19.33 39.65
CA THR A 297 -4.32 -18.38 40.73
C THR A 297 -5.52 -18.81 41.58
N PHE A 298 -6.57 -19.28 40.94
CA PHE A 298 -7.79 -19.62 41.65
C PHE A 298 -7.62 -20.83 42.57
N GLU A 299 -6.95 -21.87 42.07
CA GLU A 299 -6.70 -23.06 42.87
C GLU A 299 -5.69 -22.83 44.01
N LEU A 300 -5.24 -21.58 44.15
CA LEU A 300 -4.09 -21.29 44.98
C LEU A 300 -4.31 -20.14 45.98
N CYS A 301 -5.31 -19.30 45.68
CA CYS A 301 -5.55 -18.07 46.43
C CYS A 301 -6.48 -18.23 47.63
N PRO A 304 -10.81 -15.08 50.29
CA PRO A 304 -11.08 -13.63 50.14
C PRO A 304 -10.58 -13.07 48.82
N ASP A 305 -9.49 -13.64 48.32
CA ASP A 305 -8.91 -13.19 47.07
C ASP A 305 -9.75 -13.63 45.87
N LYS A 306 -10.37 -14.80 46.01
CA LYS A 306 -11.29 -15.32 45.00
C LYS A 306 -12.39 -14.34 44.70
N ILE A 307 -12.79 -13.57 45.69
CA ILE A 307 -13.86 -12.60 45.56
C ILE A 307 -13.34 -11.30 44.92
N ILE A 309 -11.07 -11.24 42.74
CA ILE A 309 -11.00 -11.77 41.38
C ILE A 309 -12.35 -11.59 40.67
N VAL A 310 -13.40 -12.16 41.27
CA VAL A 310 -14.74 -12.10 40.69
C VAL A 310 -15.19 -10.62 40.42
N LYS A 311 -14.77 -9.69 41.27
CA LYS A 311 -15.23 -8.30 41.17
C LYS A 311 -14.41 -7.49 40.17
N ASN A 312 -13.32 -8.06 39.67
CA ASN A 312 -12.43 -7.30 38.79
C ASN A 312 -12.10 -7.95 37.45
N TYR A 313 -12.37 -9.25 37.33
CA TYR A 313 -12.09 -9.97 36.09
C TYR A 313 -13.14 -9.72 35.04
N GLY A 314 -12.71 -9.12 33.94
CA GLY A 314 -13.57 -8.94 32.79
C GLY A 314 -13.85 -7.49 32.48
N LYS A 315 -12.96 -6.61 32.99
CA LYS A 315 -13.08 -5.14 32.92
C LYS A 315 -11.84 -4.50 32.26
N VAL A 323 -5.20 -5.12 38.80
CA VAL A 323 -5.23 -5.69 40.15
C VAL A 323 -5.30 -7.20 40.11
N ILE A 324 -6.01 -7.71 39.12
CA ILE A 324 -5.91 -9.10 38.72
C ILE A 324 -4.43 -9.29 38.40
N ASP A 325 -3.91 -8.30 37.66
CA ASP A 325 -2.51 -8.27 37.28
C ASP A 325 -1.60 -8.41 38.50
N SER A 326 -1.96 -7.76 39.60
CA SER A 326 -1.12 -7.79 40.79
C SER A 326 -1.32 -9.08 41.59
N LEU A 327 -2.48 -9.70 41.45
CA LEU A 327 -2.71 -11.03 42.00
C LEU A 327 -1.82 -12.11 41.35
N TYR A 328 -1.37 -11.85 40.12
CA TYR A 328 -0.54 -12.80 39.39
C TYR A 328 0.94 -12.77 39.86
N GLU A 329 1.57 -11.58 39.83
CA GLU A 329 2.91 -11.38 40.44
C GLU A 329 2.95 -11.82 41.91
N GLN A 330 1.79 -11.87 42.54
CA GLN A 330 1.62 -12.23 43.94
C GLN A 330 1.87 -13.70 44.17
N TYR A 331 1.18 -14.51 43.38
CA TYR A 331 1.16 -15.93 43.60
C TYR A 331 2.20 -16.59 42.72
N LYS A 335 6.47 -17.99 37.86
CA LYS A 335 7.30 -19.08 38.37
C LYS A 335 6.60 -20.44 38.22
N HIS A 336 5.28 -20.45 38.38
CA HIS A 336 4.49 -21.68 38.28
C HIS A 336 4.40 -22.17 36.84
N TYR A 337 4.48 -21.23 35.90
CA TYR A 337 4.59 -21.57 34.49
C TYR A 337 5.91 -22.28 34.19
N GLU A 338 7.03 -21.71 34.62
CA GLU A 338 8.36 -22.30 34.37
C GLU A 338 8.41 -23.75 34.86
N SER A 339 7.68 -24.02 35.94
CA SER A 339 7.52 -25.34 36.51
C SER A 339 6.72 -26.26 35.58
N TYR A 340 5.62 -25.73 35.05
CA TYR A 340 4.76 -26.52 34.15
C TYR A 340 5.44 -26.83 32.80
N GLU A 341 6.12 -25.83 32.23
CA GLU A 341 6.80 -25.97 30.95
C GLU A 341 7.84 -27.07 31.02
N LYS A 342 8.57 -27.14 32.13
CA LYS A 342 9.57 -28.20 32.32
C LYS A 342 8.89 -29.58 32.37
N ALA A 343 7.82 -29.71 33.18
CA ALA A 343 7.06 -30.96 33.31
C ALA A 343 6.28 -31.37 32.02
N GLN A 344 5.65 -30.40 31.36
CA GLN A 344 4.87 -30.70 30.16
C GLN A 344 5.78 -31.07 29.00
N LYS A 345 6.90 -30.34 28.83
CA LYS A 345 7.90 -30.66 27.79
C LYS A 345 8.40 -32.10 27.92
N ALA A 346 8.58 -32.52 29.18
CA ALA A 346 9.00 -33.88 29.47
C ALA A 346 7.92 -34.88 29.07
N LYS A 347 6.66 -34.63 29.48
CA LYS A 347 5.52 -35.48 29.09
C LYS A 347 5.42 -35.63 27.57
N ILE A 348 5.67 -34.54 26.82
CA ILE A 348 5.57 -34.58 25.34
C ILE A 348 6.70 -35.41 24.70
N LEU A 349 7.94 -35.25 25.19
CA LEU A 349 9.11 -36.00 24.71
C LEU A 349 9.02 -37.49 25.01
N SER A 350 8.47 -37.79 26.18
CA SER A 350 8.21 -39.17 26.61
C SER A 350 7.24 -39.87 25.68
N ALA A 351 6.19 -39.17 25.25
CA ALA A 351 5.22 -39.76 24.30
C ALA A 351 5.78 -39.87 22.86
N ILE A 352 6.70 -39.00 22.50
CA ILE A 352 7.29 -39.04 21.19
C ILE A 352 8.26 -40.22 21.09
N GLU A 354 8.01 -43.09 22.48
CA GLU A 354 7.21 -44.30 22.33
C GLU A 354 6.49 -44.38 20.95
N LEU A 355 6.92 -43.53 19.99
CA LEU A 355 6.33 -43.51 18.64
C LEU A 355 6.96 -44.54 17.68
N HIS A 356 8.21 -44.87 17.91
CA HIS A 356 8.95 -45.77 17.04
C HIS A 356 8.89 -45.35 15.56
N HIS A 357 9.43 -44.16 15.27
CA HIS A 357 9.60 -43.68 13.89
C HIS A 357 10.64 -42.54 13.84
N GLU A 358 11.91 -42.90 13.69
CA GLU A 358 13.05 -41.94 13.72
C GLU A 358 12.81 -40.64 12.95
N GLY A 359 12.09 -40.72 11.83
CA GLY A 359 11.80 -39.53 10.98
C GLY A 359 10.80 -38.54 11.56
N ILE A 360 9.63 -39.07 11.95
CA ILE A 360 8.59 -38.30 12.64
C ILE A 360 9.07 -37.76 13.99
N GLU A 361 9.69 -38.63 14.79
CA GLU A 361 10.28 -38.25 16.10
C GLU A 361 11.25 -37.07 15.96
N TYR A 362 12.08 -37.08 14.92
CA TYR A 362 13.00 -35.98 14.73
C TYR A 362 12.26 -34.63 14.51
N VAL A 363 11.26 -34.64 13.63
CA VAL A 363 10.48 -33.43 13.30
C VAL A 363 9.73 -32.91 14.51
N LEU A 364 9.09 -33.82 15.25
CA LEU A 364 8.31 -33.38 16.40
C LEU A 364 9.20 -32.81 17.51
N LYS A 365 10.37 -33.41 17.71
CA LYS A 365 11.36 -32.86 18.61
C LYS A 365 11.77 -31.51 18.10
N TYR A 366 11.95 -31.40 16.79
CA TYR A 366 12.29 -30.13 16.17
C TYR A 366 11.22 -29.04 16.35
N LEU A 367 9.96 -29.37 16.06
CA LEU A 367 8.90 -28.38 16.18
C LEU A 367 8.75 -27.89 17.63
N LEU A 368 8.92 -28.81 18.58
CA LEU A 368 8.82 -28.48 19.99
C LEU A 368 9.91 -27.45 20.43
N GLU A 369 11.00 -27.39 19.68
CA GLU A 369 11.99 -26.33 19.89
C GLU A 369 11.54 -24.99 19.28
N ILE A 370 10.92 -25.01 18.11
CA ILE A 370 10.55 -23.76 17.41
C ILE A 370 9.06 -23.38 17.50
N ALA B 14 38.77 0.85 -2.60
CA ALA B 14 39.52 -0.03 -3.56
C ALA B 14 38.73 -1.26 -4.00
N PHE B 15 37.95 -1.84 -3.08
CA PHE B 15 36.83 -2.74 -3.42
C PHE B 15 35.60 -1.86 -3.62
N PHE B 16 35.67 -0.68 -3.03
CA PHE B 16 34.65 0.35 -3.16
C PHE B 16 34.90 1.12 -4.47
N ARG B 17 36.09 1.73 -4.59
CA ARG B 17 36.47 2.53 -5.75
C ARG B 17 36.29 1.78 -7.08
N ASN B 18 36.20 0.46 -6.99
CA ASN B 18 35.92 -0.39 -8.15
C ASN B 18 34.47 -0.41 -8.58
N MET B 19 33.58 -0.36 -7.61
CA MET B 19 32.15 -0.45 -7.89
C MET B 19 31.59 0.78 -8.59
N TYR B 20 32.41 1.84 -8.66
CA TYR B 20 31.96 3.13 -9.12
C TYR B 20 31.19 3.04 -10.45
N ASP B 21 31.84 2.47 -11.46
CA ASP B 21 31.34 2.45 -12.83
C ASP B 21 29.96 1.84 -12.91
N LYS B 22 29.72 0.85 -12.07
CA LYS B 22 28.45 0.14 -12.05
C LYS B 22 27.27 1.06 -11.71
N TYR B 23 27.46 1.90 -10.71
CA TYR B 23 26.40 2.81 -10.26
C TYR B 23 26.22 4.02 -11.17
N ARG B 24 27.34 4.56 -11.62
CA ARG B 24 27.29 5.60 -12.63
C ARG B 24 26.55 5.10 -13.85
N ASP B 25 26.90 3.89 -14.30
CA ASP B 25 26.31 3.38 -15.54
C ASP B 25 24.83 3.03 -15.36
N ALA B 26 24.46 2.54 -14.17
CA ALA B 26 23.07 2.19 -13.89
C ALA B 26 22.19 3.41 -14.10
N PHE B 27 22.66 4.56 -13.59
CA PHE B 27 21.93 5.82 -13.74
C PHE B 27 21.96 6.35 -15.16
N LEU B 28 23.12 6.28 -15.80
CA LEU B 28 23.22 6.66 -17.22
C LEU B 28 22.33 5.79 -18.11
N SER B 29 22.16 4.52 -17.74
CA SER B 29 21.24 3.65 -18.43
C SER B 29 19.83 4.14 -18.25
N HIS B 30 19.49 4.51 -17.02
CA HIS B 30 18.17 5.04 -16.74
C HIS B 30 17.87 6.20 -17.65
N LEU B 31 18.80 7.14 -17.75
CA LEU B 31 18.64 8.28 -18.63
C LEU B 31 18.43 7.84 -20.05
N ASN B 32 19.28 6.90 -20.46
CA ASN B 32 19.34 6.45 -21.83
C ASN B 32 18.07 5.73 -22.33
N GLU B 33 17.13 5.50 -21.41
CA GLU B 33 15.85 4.95 -21.82
C GLU B 33 14.76 6.01 -21.79
N TYR B 34 15.11 7.28 -21.95
CA TYR B 34 14.09 8.34 -22.09
C TYR B 34 13.58 8.42 -23.53
N SER B 35 12.38 8.99 -23.73
CA SER B 35 11.84 9.20 -25.08
C SER B 35 12.64 10.30 -25.79
N LEU B 36 13.82 9.91 -26.29
CA LEU B 36 14.72 10.81 -27.00
C LEU B 36 15.23 10.24 -28.31
N GLU B 37 15.72 11.12 -29.16
CA GLU B 37 16.32 10.74 -30.43
C GLU B 37 17.75 10.30 -30.21
N GLU B 38 18.21 9.37 -31.01
CA GLU B 38 19.51 8.71 -30.79
C GLU B 38 20.72 9.64 -30.74
N GLU B 39 20.75 10.61 -31.65
CA GLU B 39 21.80 11.63 -31.65
C GLU B 39 21.82 12.38 -30.32
N ILE B 40 20.64 12.81 -29.89
CA ILE B 40 20.44 13.52 -28.63
C ILE B 40 20.88 12.68 -27.43
N LYS B 41 20.46 11.41 -27.39
CA LYS B 41 20.85 10.47 -26.33
C LYS B 41 22.35 10.40 -26.19
N GLU B 42 23.04 10.41 -27.32
CA GLU B 42 24.49 10.28 -27.36
C GLU B 42 25.20 11.48 -26.73
N HIS B 43 24.69 12.68 -27.01
CA HIS B 43 25.23 13.90 -26.43
C HIS B 43 25.00 13.91 -24.90
N ILE B 44 23.78 13.53 -24.51
CA ILE B 44 23.40 13.49 -23.11
C ILE B 44 24.38 12.63 -22.32
N SER B 45 24.68 11.44 -22.85
CA SER B 45 25.62 10.48 -22.26
C SER B 45 27.02 11.06 -22.07
N LYS B 46 27.57 11.60 -23.15
CA LYS B 46 28.92 12.13 -23.12
C LYS B 46 29.03 13.19 -22.01
N TYR B 47 27.98 13.99 -21.87
CA TYR B 47 27.93 15.07 -20.88
C TYR B 47 27.77 14.55 -19.46
N TYR B 48 26.78 13.70 -19.24
CA TYR B 48 26.50 13.30 -17.88
C TYR B 48 27.57 12.36 -17.31
N LYS B 49 28.26 11.64 -18.20
CA LYS B 49 29.32 10.75 -17.79
C LYS B 49 30.43 11.61 -17.27
N LEU B 50 30.64 12.75 -17.92
CA LEU B 50 31.67 13.67 -17.45
C LEU B 50 31.26 14.32 -16.14
N LEU B 51 30.01 14.77 -16.07
CA LEU B 51 29.48 15.35 -14.82
C LEU B 51 29.78 14.44 -13.63
N PHE B 52 29.49 13.15 -13.78
CA PHE B 52 29.79 12.17 -12.74
C PHE B 52 31.28 11.98 -12.50
N ASP B 53 32.04 11.66 -13.55
CA ASP B 53 33.51 11.45 -13.43
C ASP B 53 34.26 12.67 -12.87
N TYR B 54 33.91 13.84 -13.37
CA TYR B 54 34.67 15.00 -12.98
C TYR B 54 34.50 15.34 -11.50
N ASN B 55 33.32 15.03 -10.97
CA ASN B 55 32.92 15.53 -9.66
C ASN B 55 32.83 14.46 -8.57
N CYS B 56 32.70 13.19 -8.97
CA CYS B 56 32.57 12.12 -8.00
C CYS B 56 33.90 11.47 -7.66
N LEU B 57 34.83 11.49 -8.60
CA LEU B 57 36.13 10.84 -8.39
C LEU B 57 37.11 11.87 -7.93
N GLY B 58 38.21 11.43 -7.30
CA GLY B 58 39.27 12.35 -6.89
C GLY B 58 39.30 12.67 -5.40
N GLY B 59 38.16 12.53 -4.73
CA GLY B 59 38.11 12.82 -3.30
C GLY B 59 38.58 11.64 -2.47
N LYS B 60 38.76 11.89 -1.17
CA LYS B 60 39.32 10.88 -0.25
C LYS B 60 38.34 9.76 0.08
N ASN B 61 37.05 10.05 -0.09
CA ASN B 61 35.96 9.07 0.03
C ASN B 61 35.68 8.57 1.43
N ASN B 62 36.05 9.36 2.44
CA ASN B 62 35.83 8.98 3.86
C ASN B 62 34.39 8.66 4.20
N ARG B 63 33.45 9.44 3.67
CA ARG B 63 32.02 9.25 3.90
C ARG B 63 31.55 7.96 3.28
N GLY B 64 32.06 7.67 2.08
CA GLY B 64 31.79 6.40 1.40
C GLY B 64 32.26 5.21 2.21
N ILE B 65 33.56 5.15 2.52
CA ILE B 65 34.14 4.01 3.23
C ILE B 65 33.42 3.76 4.55
N LEU B 66 33.15 4.86 5.25
CA LEU B 66 32.41 4.81 6.52
C LEU B 66 31.13 3.96 6.46
N VAL B 67 30.34 4.09 5.39
CA VAL B 67 29.16 3.27 5.20
C VAL B 67 29.61 1.82 5.19
N ILE B 68 30.61 1.51 4.37
CA ILE B 68 31.04 0.12 4.16
C ILE B 68 31.63 -0.49 5.44
N LEU B 69 32.48 0.26 6.14
CA LEU B 69 32.97 -0.17 7.44
C LEU B 69 31.86 -0.42 8.47
N ILE B 70 30.99 0.56 8.70
CA ILE B 70 29.91 0.39 9.67
C ILE B 70 29.02 -0.80 9.34
N TYR B 71 28.59 -0.90 8.08
CA TYR B 71 27.81 -2.05 7.66
C TYR B 71 28.53 -3.38 7.99
N GLU B 72 29.79 -3.48 7.56
CA GLU B 72 30.58 -4.68 7.76
C GLU B 72 30.61 -5.12 9.23
N TYR B 73 30.81 -4.17 10.13
CA TYR B 73 30.91 -4.46 11.56
C TYR B 73 29.61 -4.46 12.36
N VAL B 74 28.46 -4.23 11.75
CA VAL B 74 27.25 -4.38 12.54
C VAL B 74 26.83 -5.84 12.44
N LYS B 75 27.18 -6.44 11.30
CA LYS B 75 26.92 -7.86 11.01
C LYS B 75 28.22 -8.63 10.82
N ASP B 78 28.20 -12.62 8.22
CA ASP B 78 28.81 -13.00 6.94
C ASP B 78 28.02 -12.46 5.73
N ILE B 79 28.73 -11.78 4.82
CA ILE B 79 28.14 -10.86 3.84
C ILE B 79 28.28 -11.30 2.37
N ASN B 80 27.16 -11.67 1.77
CA ASN B 80 27.15 -12.09 0.37
C ASN B 80 27.28 -10.93 -0.63
N SER B 81 27.36 -11.25 -1.91
CA SER B 81 27.59 -10.23 -2.95
C SER B 81 26.43 -9.25 -3.14
N SER B 82 25.20 -9.74 -2.96
CA SER B 82 23.98 -8.93 -3.11
C SER B 82 23.90 -7.83 -2.07
N GLU B 83 24.34 -8.16 -0.86
CA GLU B 83 24.44 -7.21 0.24
C GLU B 83 25.52 -6.14 -0.01
N TRP B 84 26.72 -6.53 -0.42
CA TRP B 84 27.70 -5.53 -0.84
C TRP B 84 27.14 -4.61 -1.92
N GLU B 85 26.45 -5.19 -2.89
CA GLU B 85 25.86 -4.44 -3.98
C GLU B 85 25.00 -3.29 -3.43
N LYS B 86 24.19 -3.60 -2.42
CA LYS B 86 23.34 -2.60 -1.75
C LYS B 86 24.12 -1.62 -0.84
N ALA B 87 25.09 -2.12 -0.08
CA ALA B 87 25.91 -1.25 0.77
C ALA B 87 26.82 -0.32 -0.04
N ALA B 88 27.35 -0.84 -1.14
CA ALA B 88 28.21 -0.06 -1.98
C ALA B 88 27.40 0.99 -2.73
N CYS B 89 26.11 0.70 -2.97
CA CYS B 89 25.22 1.69 -3.56
C CYS B 89 25.10 2.89 -2.61
N LEU B 90 24.64 2.65 -1.38
CA LEU B 90 24.58 3.69 -0.33
C LEU B 90 25.86 4.48 -0.18
N ALA B 91 26.99 3.75 -0.17
CA ALA B 91 28.32 4.39 -0.08
C ALA B 91 28.58 5.30 -1.26
N TRP B 92 28.18 4.87 -2.45
CA TRP B 92 28.36 5.74 -3.59
C TRP B 92 27.36 6.87 -3.65
N CYS B 93 26.15 6.62 -3.15
CA CYS B 93 25.18 7.69 -3.04
C CYS B 93 25.66 8.83 -2.14
N ILE B 94 26.47 8.51 -1.13
CA ILE B 94 26.96 9.53 -0.25
C ILE B 94 27.95 10.36 -1.03
N GLU B 95 28.79 9.68 -1.81
CA GLU B 95 29.85 10.37 -2.54
C GLU B 95 29.26 11.27 -3.60
N ILE B 96 28.15 10.84 -4.22
CA ILE B 96 27.40 11.67 -5.15
C ILE B 96 26.87 12.89 -4.41
N LEU B 97 26.19 12.67 -3.28
CA LEU B 97 25.77 13.79 -2.46
C LEU B 97 26.92 14.74 -2.20
N GLN B 98 28.05 14.23 -1.73
CA GLN B 98 29.22 15.08 -1.59
C GLN B 98 29.52 15.84 -2.87
N ALA B 99 29.61 15.15 -3.99
CA ALA B 99 29.88 15.82 -5.26
C ALA B 99 28.89 17.00 -5.50
N ALA B 100 27.59 16.74 -5.31
CA ALA B 100 26.61 17.78 -5.51
C ALA B 100 26.89 18.96 -4.60
N PHE B 101 27.21 18.69 -3.34
CA PHE B 101 27.44 19.77 -2.39
C PHE B 101 28.67 20.56 -2.77
N LEU B 102 29.70 19.87 -3.22
CA LEU B 102 30.91 20.60 -3.70
C LEU B 102 30.55 21.49 -4.88
N VAL B 103 29.82 20.96 -5.86
CA VAL B 103 29.53 21.74 -7.04
C VAL B 103 28.74 22.98 -6.64
N ALA B 104 27.74 22.78 -5.78
CA ALA B 104 26.88 23.90 -5.35
C ALA B 104 27.71 24.89 -4.57
N ASP B 105 28.46 24.40 -3.57
CA ASP B 105 29.25 25.26 -2.70
C ASP B 105 30.19 26.15 -3.48
N ASP B 106 30.86 25.59 -4.47
CA ASP B 106 31.76 26.37 -5.33
C ASP B 106 31.06 27.44 -6.15
N ILE B 107 29.83 27.17 -6.59
CA ILE B 107 29.06 28.22 -7.23
C ILE B 107 28.82 29.34 -6.21
N MET B 108 28.31 28.97 -5.06
CA MET B 108 27.94 29.91 -4.03
C MET B 108 29.11 30.75 -3.53
N ASP B 109 30.25 30.11 -3.30
CA ASP B 109 31.44 30.81 -2.79
C ASP B 109 32.30 31.39 -3.89
N LYS B 110 31.89 31.20 -5.13
CA LYS B 110 32.65 31.68 -6.28
C LYS B 110 34.10 31.17 -6.14
N GLY B 111 34.23 29.84 -6.05
CA GLY B 111 35.52 29.19 -5.92
C GLY B 111 36.28 29.06 -7.23
N GLU B 112 37.59 28.78 -7.12
CA GLU B 112 38.49 28.65 -8.26
C GLU B 112 38.94 27.21 -8.44
N MET B 113 39.37 26.60 -7.34
CA MET B 113 39.98 25.25 -7.38
C MET B 113 39.28 24.25 -6.45
N ARG B 114 39.09 23.03 -6.93
CA ARG B 114 38.51 21.98 -6.10
C ARG B 114 39.09 20.65 -6.53
N ARG B 115 39.74 19.97 -5.58
CA ARG B 115 40.46 18.71 -5.79
C ARG B 115 41.55 18.87 -6.86
N ASN B 116 42.24 20.01 -6.78
CA ASN B 116 43.33 20.36 -7.70
C ASN B 116 42.96 20.36 -9.19
N LYS B 117 41.69 20.64 -9.47
CA LYS B 117 41.29 21.08 -10.80
C LYS B 117 40.33 22.26 -10.70
N TYR B 118 40.04 22.87 -11.85
CA TYR B 118 39.09 23.95 -11.90
C TYR B 118 37.70 23.46 -11.46
N CYS B 119 36.98 24.31 -10.71
CA CYS B 119 35.61 23.98 -10.31
C CYS B 119 34.76 23.83 -11.55
N TRP B 120 33.91 22.81 -11.56
CA TRP B 120 32.95 22.54 -12.62
C TRP B 120 32.32 23.80 -13.27
N TYR B 121 31.74 24.67 -12.45
CA TYR B 121 30.95 25.79 -12.95
C TYR B 121 31.80 26.79 -13.73
N LEU B 122 33.11 26.77 -13.49
CA LEU B 122 34.02 27.66 -14.17
C LEU B 122 34.25 27.29 -15.65
N LEU B 123 34.08 26.01 -15.98
CA LEU B 123 34.31 25.55 -17.33
C LEU B 123 33.43 26.27 -18.34
N LYS B 124 34.03 26.66 -19.45
CA LYS B 124 33.30 27.37 -20.50
C LYS B 124 32.19 26.54 -21.17
N ASP B 125 32.41 25.24 -21.34
CA ASP B 125 31.35 24.34 -21.82
C ASP B 125 30.27 24.05 -20.77
N VAL B 126 30.45 24.52 -19.54
CA VAL B 126 29.51 24.23 -18.44
C VAL B 126 28.79 25.50 -17.96
N GLU B 127 29.55 26.42 -17.38
CA GLU B 127 29.05 27.70 -16.88
C GLU B 127 28.05 27.53 -15.74
N THR B 128 27.76 28.64 -15.06
CA THR B 128 26.83 28.67 -13.94
C THR B 128 25.48 28.08 -14.31
N LYS B 129 24.92 28.51 -15.44
CA LYS B 129 23.63 27.96 -15.92
C LYS B 129 23.55 26.42 -15.96
N ASN B 130 24.64 25.72 -16.29
CA ASN B 130 24.59 24.28 -16.23
C ASN B 130 24.85 23.73 -14.83
N ALA B 131 25.77 24.36 -14.11
CA ALA B 131 26.18 23.84 -12.80
C ALA B 131 25.01 23.74 -11.84
N VAL B 132 24.21 24.78 -11.80
CA VAL B 132 22.99 24.74 -11.02
C VAL B 132 22.09 23.53 -11.37
N ASN B 133 21.77 23.38 -12.65
CA ASN B 133 20.93 22.28 -13.09
C ASN B 133 21.57 20.94 -12.71
N ASP B 134 22.89 20.88 -12.80
CA ASP B 134 23.65 19.68 -12.52
C ASP B 134 23.64 19.34 -11.03
N VAL B 135 23.53 20.35 -10.16
CA VAL B 135 23.40 20.08 -8.75
C VAL B 135 22.10 19.31 -8.48
N LEU B 136 21.01 19.77 -9.07
CA LEU B 136 19.75 19.10 -8.87
C LEU B 136 19.79 17.69 -9.40
N LEU B 137 20.58 17.47 -10.45
CA LEU B 137 20.56 16.22 -11.14
C LEU B 137 21.36 15.20 -10.32
N LEU B 138 22.58 15.58 -9.94
CA LEU B 138 23.36 14.68 -9.06
C LEU B 138 22.48 14.30 -7.88
N TYR B 139 21.88 15.34 -7.27
CA TYR B 139 21.06 15.17 -6.13
C TYR B 139 19.98 14.13 -6.38
N ASN B 140 19.14 14.37 -7.38
CA ASN B 140 18.11 13.39 -7.71
C ASN B 140 18.60 11.99 -8.16
N SER B 141 19.83 11.91 -8.68
CA SER B 141 20.38 10.64 -9.15
C SER B 141 20.47 9.69 -7.97
N ILE B 142 20.81 10.26 -6.80
CA ILE B 142 20.92 9.51 -5.55
C ILE B 142 19.64 8.73 -5.35
N TYR B 143 18.51 9.43 -5.40
CA TYR B 143 17.28 8.74 -5.02
C TYR B 143 16.87 7.70 -6.05
N LYS B 144 17.32 7.89 -7.30
CA LYS B 144 17.05 6.89 -8.35
C LYS B 144 17.87 5.64 -8.13
N LEU B 145 19.13 5.83 -7.81
CA LEU B 145 19.97 4.68 -7.51
C LEU B 145 19.48 3.87 -6.36
N ILE B 146 18.94 4.52 -5.34
CA ILE B 146 18.47 3.83 -4.17
C ILE B 146 17.23 3.02 -4.55
N GLU B 147 16.34 3.57 -5.36
CA GLU B 147 15.21 2.81 -5.86
C GLU B 147 15.72 1.57 -6.58
N ILE B 148 16.67 1.73 -7.50
CA ILE B 148 17.16 0.57 -8.25
C ILE B 148 17.66 -0.55 -7.36
N TYR B 149 18.46 -0.21 -6.33
CA TYR B 149 19.16 -1.24 -5.56
C TYR B 149 18.52 -1.68 -4.26
N LEU B 150 17.62 -0.83 -3.73
CA LEU B 150 17.01 -1.08 -2.41
C LEU B 150 15.48 -0.97 -2.32
N ARG B 151 14.82 -0.74 -3.44
CA ARG B 151 13.37 -0.54 -3.46
C ARG B 151 12.58 -1.59 -2.67
N ASN B 152 13.12 -2.80 -2.60
CA ASN B 152 12.38 -3.91 -1.99
C ASN B 152 12.83 -4.23 -0.57
N GLU B 153 13.92 -3.60 -0.12
CA GLU B 153 14.39 -3.71 1.26
C GLU B 153 13.39 -3.08 2.23
N SER B 154 13.34 -3.56 3.47
CA SER B 154 12.37 -3.00 4.42
C SER B 154 12.81 -1.63 4.89
N CYS B 155 14.12 -1.43 4.99
CA CYS B 155 14.67 -0.13 5.39
C CYS B 155 14.55 0.99 4.31
N TYR B 156 14.18 0.60 3.09
CA TYR B 156 14.08 1.54 1.96
C TYR B 156 13.58 2.94 2.34
N VAL B 157 12.35 3.03 2.81
CA VAL B 157 11.74 4.29 3.20
C VAL B 157 12.57 5.02 4.23
N ASP B 158 13.04 4.33 5.26
CA ASP B 158 13.92 4.95 6.23
C ASP B 158 15.18 5.57 5.61
N VAL B 159 15.82 4.80 4.71
CA VAL B 159 17.06 5.22 4.05
C VAL B 159 16.84 6.53 3.28
N ILE B 160 15.83 6.53 2.41
CA ILE B 160 15.53 7.76 1.67
C ILE B 160 15.20 8.93 2.60
N ALA B 161 14.52 8.66 3.72
CA ALA B 161 14.28 9.73 4.70
C ALA B 161 15.56 10.24 5.39
N THR B 162 16.50 9.33 5.66
CA THR B 162 17.78 9.76 6.24
C THR B 162 18.54 10.73 5.34
N PHE B 163 18.62 10.42 4.04
CA PHE B 163 19.20 11.31 3.05
C PHE B 163 18.43 12.64 3.01
N ARG B 164 17.11 12.55 3.09
CA ARG B 164 16.32 13.75 2.97
C ARG B 164 16.62 14.67 4.15
N ASP B 165 16.50 14.14 5.38
CA ASP B 165 16.73 14.96 6.61
C ASP B 165 18.15 15.50 6.73
N ALA B 166 19.13 14.73 6.29
CA ALA B 166 20.51 15.21 6.37
C ALA B 166 20.77 16.37 5.43
N THR B 167 20.15 16.28 4.24
CA THR B 167 20.32 17.32 3.23
C THR B 167 19.66 18.59 3.74
N LEU B 168 18.41 18.47 4.17
CA LEU B 168 17.76 19.60 4.85
C LEU B 168 18.65 20.25 5.95
N LYS B 169 19.21 19.47 6.87
CA LYS B 169 20.06 20.07 7.89
C LYS B 169 21.29 20.74 7.26
N THR B 170 21.86 20.06 6.26
CA THR B 170 22.98 20.64 5.50
C THR B 170 22.66 21.96 4.80
N ILE B 171 21.44 22.09 4.25
CA ILE B 171 21.08 23.27 3.52
C ILE B 171 20.98 24.40 4.52
N ILE B 172 20.39 24.13 5.68
CA ILE B 172 20.27 25.17 6.71
C ILE B 172 21.65 25.55 7.22
N GLY B 173 22.52 24.55 7.40
CA GLY B 173 23.89 24.85 7.85
C GLY B 173 24.60 25.76 6.86
N GLN B 174 24.31 25.58 5.58
CA GLN B 174 24.91 26.39 4.54
C GLN B 174 24.31 27.81 4.54
N HIS B 175 23.01 27.89 4.78
CA HIS B 175 22.38 29.19 4.88
C HIS B 175 23.12 30.03 5.94
N LEU B 176 23.10 29.55 7.17
CA LEU B 176 23.84 30.18 8.29
C LEU B 176 25.29 30.58 7.92
N ASP B 177 26.09 29.63 7.47
CA ASP B 177 27.46 29.94 7.12
C ASP B 177 27.57 31.11 6.12
N THR B 178 26.51 31.29 5.34
CA THR B 178 26.58 32.20 4.19
C THR B 178 26.19 33.58 4.65
N ASN B 179 25.35 33.60 5.66
CA ASN B 179 24.67 34.80 6.04
C ASN B 179 24.99 35.38 7.43
N ILE B 180 25.75 34.64 8.23
CA ILE B 180 25.86 34.96 9.67
C ILE B 180 26.34 36.41 9.93
N PHE B 181 27.13 36.94 9.01
CA PHE B 181 27.65 38.30 9.11
C PHE B 181 26.91 39.28 8.19
N SER B 182 25.90 38.78 7.46
CA SER B 182 25.22 39.59 6.45
C SER B 182 24.27 40.63 7.08
N ASP B 183 24.01 41.66 6.26
CA ASP B 183 23.21 42.80 6.65
C ASP B 183 21.85 42.50 7.28
N LYS B 184 21.22 41.41 6.79
CA LYS B 184 19.88 41.05 7.23
C LYS B 184 19.90 40.39 8.60
N TYR B 185 21.10 40.24 9.13
CA TYR B 185 21.32 39.58 10.42
C TYR B 185 21.85 40.58 11.46
N ARG B 190 13.72 45.22 10.72
CA ARG B 190 14.38 45.52 9.46
C ARG B 190 14.24 44.39 8.39
N GLU B 191 12.98 44.04 8.07
CA GLU B 191 12.63 43.06 7.02
C GLU B 191 13.37 43.27 5.69
N ILE B 192 13.54 42.19 4.90
CA ILE B 192 14.33 42.25 3.66
C ILE B 192 13.70 43.18 2.63
N ASP B 193 14.53 43.98 1.98
CA ASP B 193 14.04 44.90 0.98
C ASP B 193 13.85 44.16 -0.34
N VAL B 194 12.61 43.90 -0.70
CA VAL B 194 12.30 43.22 -1.95
C VAL B 194 12.33 44.16 -3.16
N ASN B 195 12.91 45.35 -2.98
CA ASN B 195 13.06 46.32 -4.06
C ASN B 195 14.53 46.72 -4.33
N ASN B 196 15.40 46.41 -3.38
CA ASN B 196 16.82 46.64 -3.59
C ASN B 196 17.50 45.51 -4.36
N ILE B 197 18.03 45.84 -5.54
CA ILE B 197 18.70 44.88 -6.41
C ILE B 197 20.07 45.44 -6.77
N ASN B 198 20.54 46.41 -6.00
CA ASN B 198 21.77 47.20 -6.29
C ASN B 198 22.93 46.90 -5.36
N PRO B 203 30.59 43.72 2.92
CA PRO B 203 30.59 42.74 4.01
C PRO B 203 31.34 43.22 5.25
N VAL B 204 30.70 43.12 6.41
CA VAL B 204 31.33 43.49 7.66
C VAL B 204 30.99 42.47 8.73
N ILE B 205 31.98 42.04 9.51
CA ILE B 205 31.71 41.06 10.56
C ILE B 205 30.80 41.69 11.61
N ASP B 206 30.03 40.86 12.31
CA ASP B 206 29.14 41.35 13.35
C ASP B 206 29.54 40.75 14.71
N ILE B 207 30.05 41.58 15.61
CA ILE B 207 30.59 41.10 16.88
C ILE B 207 29.62 40.23 17.68
N ASN B 208 28.32 40.44 17.46
CA ASN B 208 27.33 39.67 18.17
C ASN B 208 27.29 38.19 17.79
N MET B 209 27.74 37.90 16.57
CA MET B 209 27.74 36.52 16.08
C MET B 209 29.02 35.76 16.47
N ILE B 210 30.05 36.49 16.93
CA ILE B 210 31.34 35.88 17.19
C ILE B 210 31.40 35.11 18.52
N ASN B 211 30.56 34.09 18.64
CA ASN B 211 30.60 33.25 19.81
C ASN B 211 30.45 31.76 19.46
N PHE B 212 30.79 30.92 20.42
CA PHE B 212 30.86 29.49 20.21
C PHE B 212 29.53 28.81 19.95
N GLY B 213 28.47 29.32 20.59
CA GLY B 213 27.12 28.74 20.42
C GLY B 213 26.68 28.73 18.97
N VAL B 214 26.75 29.90 18.34
CA VAL B 214 26.42 30.09 16.93
C VAL B 214 27.29 29.20 16.02
N TYR B 215 28.60 29.26 16.23
CA TYR B 215 29.53 28.48 15.43
C TYR B 215 29.16 26.99 15.43
N LYS B 216 28.85 26.45 16.60
CA LYS B 216 28.44 25.05 16.69
C LYS B 216 27.16 24.84 15.91
N ASN B 217 26.20 25.76 16.06
CA ASN B 217 24.99 25.74 15.25
C ASN B 217 25.29 25.59 13.76
N ILE B 218 26.26 26.37 13.28
CA ILE B 218 26.60 26.36 11.86
C ILE B 218 27.30 25.05 11.53
N VAL B 219 28.31 24.72 12.32
CA VAL B 219 29.18 23.61 12.02
C VAL B 219 28.46 22.27 12.10
N ILE B 220 27.62 22.11 13.13
CA ILE B 220 26.89 20.88 13.29
C ILE B 220 26.05 20.65 12.02
N HIS B 221 25.19 21.62 11.67
CA HIS B 221 24.23 21.47 10.58
C HIS B 221 24.88 21.39 9.21
N LYS B 222 25.85 22.25 8.96
CA LYS B 222 26.50 22.31 7.66
C LYS B 222 27.30 21.04 7.32
N THR B 223 27.87 20.39 8.34
CA THR B 223 28.75 19.26 8.07
C THR B 223 28.51 17.94 8.79
N ALA B 224 27.98 17.98 10.02
CA ALA B 224 27.95 16.76 10.87
C ALA B 224 26.92 15.72 10.41
N TYR B 225 25.73 16.16 10.01
CA TYR B 225 24.69 15.22 9.69
C TYR B 225 24.92 14.46 8.39
N TYR B 226 25.51 15.10 7.40
CA TYR B 226 25.75 14.40 6.16
C TYR B 226 27.13 13.70 6.11
N SER B 227 28.10 14.22 6.87
CA SER B 227 29.42 13.60 6.89
C SER B 227 29.51 12.42 7.84
N PHE B 228 28.66 12.39 8.86
CA PHE B 228 28.82 11.33 9.88
C PHE B 228 27.58 10.58 10.14
N PHE B 229 26.54 11.28 10.57
CA PHE B 229 25.24 10.65 10.87
C PHE B 229 24.72 9.83 9.71
N LEU B 230 24.62 10.46 8.54
CA LEU B 230 24.07 9.79 7.34
C LEU B 230 24.83 8.48 7.01
N PRO B 231 26.17 8.56 6.80
CA PRO B 231 26.81 7.32 6.46
C PRO B 231 26.59 6.27 7.53
N ILE B 232 26.80 6.62 8.79
CA ILE B 232 26.68 5.62 9.84
C ILE B 232 25.26 5.04 9.86
N VAL B 233 24.25 5.93 9.84
CA VAL B 233 22.86 5.46 9.85
C VAL B 233 22.55 4.60 8.62
N CYS B 234 23.15 4.92 7.47
CA CYS B 234 22.97 4.09 6.30
C CYS B 234 23.43 2.66 6.55
N GLY B 235 24.64 2.52 7.09
CA GLY B 235 25.22 1.22 7.39
C GLY B 235 24.39 0.46 8.41
N MET B 236 23.93 1.17 9.43
CA MET B 236 23.10 0.59 10.48
C MET B 236 21.72 0.12 10.00
N LEU B 237 21.04 0.92 9.17
CA LEU B 237 19.70 0.57 8.70
C LEU B 237 19.69 -0.67 7.83
N LEU B 238 20.65 -0.71 6.91
CA LEU B 238 20.78 -1.83 6.04
C LEU B 238 21.08 -3.10 6.84
N ALA B 239 21.81 -2.96 7.94
CA ALA B 239 22.15 -4.12 8.76
C ALA B 239 20.97 -4.59 9.62
N GLY B 240 19.88 -3.81 9.66
CA GLY B 240 18.67 -4.21 10.35
C GLY B 240 18.42 -3.60 11.72
N ILE B 241 19.26 -2.67 12.18
CA ILE B 241 18.97 -1.91 13.39
C ILE B 241 17.95 -0.83 13.03
N ASP B 244 14.48 4.07 15.27
CA ASP B 244 14.12 2.73 15.68
C ASP B 244 14.55 2.48 17.14
N ASN B 245 15.70 1.81 17.30
CA ASN B 245 16.39 1.54 18.58
C ASN B 245 16.94 2.83 19.21
N LEU B 246 17.16 2.83 20.52
CA LEU B 246 17.69 3.99 21.23
C LEU B 246 19.18 4.30 20.97
N ILE B 247 19.84 3.49 20.12
CA ILE B 247 21.26 3.71 19.79
C ILE B 247 21.48 4.76 18.68
N TYR B 248 20.43 5.05 17.93
CA TYR B 248 20.51 6.09 16.91
C TYR B 248 20.76 7.49 17.47
N LYS B 249 20.14 7.81 18.60
CA LYS B 249 20.34 9.11 19.23
C LYS B 249 21.73 9.21 19.84
N LYS B 250 22.25 8.08 20.32
CA LYS B 250 23.65 8.03 20.77
C LYS B 250 24.59 8.36 19.60
N ILE B 251 24.29 7.81 18.42
CA ILE B 251 25.07 8.09 17.21
C ILE B 251 24.98 9.55 16.74
N GLU B 252 23.76 10.13 16.83
CA GLU B 252 23.53 11.53 16.48
C GLU B 252 24.46 12.45 17.24
N ASP B 253 24.50 12.26 18.56
CA ASP B 253 25.37 13.01 19.45
C ASP B 253 26.84 12.84 19.14
N ILE B 254 27.32 11.60 19.00
CA ILE B 254 28.70 11.38 18.57
C ILE B 254 28.96 12.14 17.25
N SER B 255 28.01 12.05 16.33
CA SER B 255 28.12 12.72 15.02
C SER B 255 28.18 14.24 15.10
N MET B 256 27.32 14.82 15.93
CA MET B 256 27.47 16.22 16.31
C MET B 256 28.88 16.53 16.85
N LEU B 257 29.40 15.67 17.73
CA LEU B 257 30.71 15.91 18.32
C LEU B 257 31.81 15.81 17.30
N MET B 258 31.76 14.79 16.47
CA MET B 258 32.77 14.63 15.44
C MET B 258 32.81 15.74 14.40
N GLY B 259 31.63 16.17 13.94
CA GLY B 259 31.51 17.28 12.97
C GLY B 259 32.23 18.56 13.44
N GLU B 260 32.03 18.94 14.70
CA GLU B 260 32.74 20.06 15.30
C GLU B 260 34.26 19.84 15.34
N TYR B 261 34.69 18.68 15.85
CA TYR B 261 36.10 18.33 16.08
C TYR B 261 36.88 18.58 14.82
N PHE B 262 36.14 18.58 13.75
CA PHE B 262 36.70 18.26 12.50
C PHE B 262 36.71 19.48 11.57
N GLN B 263 35.59 20.18 11.59
CA GLN B 263 35.48 21.47 10.99
C GLN B 263 36.48 22.39 11.68
N ILE B 264 36.56 22.34 13.00
CA ILE B 264 37.56 23.12 13.73
C ILE B 264 38.98 22.76 13.33
N HIS B 265 39.28 21.48 13.11
CA HIS B 265 40.58 21.07 12.55
C HIS B 265 40.84 21.74 11.20
N ASP B 266 39.86 21.69 10.31
CA ASP B 266 39.93 22.36 9.04
C ASP B 266 40.21 23.89 9.16
N ASP B 267 39.52 24.54 10.08
CA ASP B 267 39.77 25.95 10.32
C ASP B 267 41.23 26.19 10.74
N TYR B 268 41.80 25.25 11.49
CA TYR B 268 43.18 25.43 11.96
C TYR B 268 44.13 25.40 10.77
N LEU B 269 43.85 24.52 9.82
CA LEU B 269 44.71 24.41 8.67
C LEU B 269 44.60 25.60 7.73
N ASP B 270 43.38 25.90 7.27
CA ASP B 270 43.18 27.02 6.36
C ASP B 270 43.90 28.30 6.86
N ILE B 271 44.42 28.26 8.09
CA ILE B 271 45.33 29.27 8.57
C ILE B 271 46.70 28.62 8.73
N ASN B 287 37.60 35.78 2.89
CA ASN B 287 36.24 35.39 2.51
C ASN B 287 35.24 35.70 3.63
N ASN B 288 35.74 36.38 4.67
CA ASN B 288 34.89 36.89 5.77
C ASN B 288 34.06 35.79 6.48
N LYS B 289 34.71 34.66 6.73
CA LYS B 289 34.05 33.51 7.29
C LYS B 289 34.17 33.47 8.82
N LEU B 290 33.11 33.01 9.48
CA LEU B 290 33.17 32.71 10.90
C LEU B 290 34.04 31.46 11.09
N THR B 291 35.24 31.63 11.65
CA THR B 291 36.09 30.50 11.94
C THR B 291 36.30 30.28 13.43
N TRP B 292 36.87 29.14 13.81
CA TRP B 292 37.23 28.90 15.20
C TRP B 292 38.31 29.90 15.67
N PRO B 293 39.46 29.99 14.96
CA PRO B 293 40.51 30.94 15.31
C PRO B 293 39.98 32.36 15.53
N LEU B 294 39.05 32.81 14.68
CA LEU B 294 38.46 34.14 14.81
C LEU B 294 37.76 34.26 16.16
N ILE B 295 36.98 33.24 16.52
CA ILE B 295 36.24 33.23 17.79
C ILE B 295 37.13 33.12 19.00
N LYS B 296 38.14 32.27 18.91
CA LYS B 296 39.08 32.09 20.01
C LYS B 296 39.88 33.38 20.26
N THR B 297 40.28 34.05 19.18
CA THR B 297 41.02 35.30 19.28
C THR B 297 40.17 36.39 19.89
N PHE B 298 38.89 36.40 19.53
CA PHE B 298 37.99 37.45 19.98
C PHE B 298 37.70 37.37 21.47
N GLU B 299 37.47 36.17 21.97
CA GLU B 299 37.17 36.00 23.39
C GLU B 299 38.42 36.21 24.27
N LEU B 300 39.54 36.54 23.62
CA LEU B 300 40.83 36.49 24.27
C LEU B 300 41.65 37.79 24.14
N CYS B 301 41.32 38.59 23.14
CA CYS B 301 42.13 39.76 22.83
C CYS B 301 41.70 41.01 23.59
N SER B 302 42.60 41.99 23.61
CA SER B 302 42.34 43.28 24.22
C SER B 302 41.29 44.09 23.43
N GLU B 303 40.43 44.81 24.15
CA GLU B 303 39.40 45.62 23.52
C GLU B 303 39.84 46.42 22.28
N PRO B 304 41.04 47.02 22.33
CA PRO B 304 41.64 47.70 21.16
C PRO B 304 41.94 46.77 19.99
N ASP B 305 42.24 45.51 20.28
CA ASP B 305 42.56 44.54 19.22
C ASP B 305 41.29 44.07 18.50
N LYS B 306 40.18 44.00 19.23
CA LYS B 306 38.87 43.69 18.65
C LYS B 306 38.51 44.65 17.52
N ILE B 307 38.96 45.88 17.65
CA ILE B 307 38.69 46.92 16.66
C ILE B 307 39.54 46.73 15.40
N LYS B 308 40.83 46.41 15.54
CA LYS B 308 41.65 46.24 14.35
C LYS B 308 41.29 44.94 13.64
N ILE B 309 40.68 44.01 14.36
CA ILE B 309 40.04 42.82 13.77
C ILE B 309 38.89 43.26 12.85
N VAL B 310 37.98 44.06 13.39
CA VAL B 310 36.83 44.56 12.64
C VAL B 310 37.25 45.35 11.40
N LYS B 311 38.36 46.08 11.49
CA LYS B 311 38.80 46.90 10.36
C LYS B 311 39.60 46.13 9.29
N ASN B 312 39.97 44.89 9.59
CA ASN B 312 40.83 44.13 8.67
C ASN B 312 40.27 42.76 8.25
N TYR B 313 39.27 42.28 8.95
CA TYR B 313 38.68 41.00 8.61
C TYR B 313 37.69 41.09 7.44
N GLY B 314 38.04 40.42 6.34
CA GLY B 314 37.12 40.24 5.22
C GLY B 314 37.56 41.06 4.03
N ASN B 317 41.37 41.73 -0.72
CA ASN B 317 41.26 42.28 0.62
C ASN B 317 42.38 41.79 1.52
N LEU B 318 43.64 42.11 1.17
CA LEU B 318 44.82 41.62 1.89
C LEU B 318 45.47 42.66 2.81
N ALA B 319 45.96 42.19 3.96
CA ALA B 319 46.50 43.01 5.04
C ALA B 319 45.55 44.13 5.46
N LYS B 322 45.30 41.00 7.11
CA LYS B 322 46.29 39.94 6.97
C LYS B 322 47.53 40.43 7.77
N VAL B 323 47.31 40.35 9.07
CA VAL B 323 47.59 41.32 10.11
C VAL B 323 46.65 40.69 11.16
N ILE B 324 45.47 40.29 10.67
CA ILE B 324 44.64 39.27 11.30
C ILE B 324 45.54 38.07 11.53
N ASP B 325 46.29 37.72 10.49
CA ASP B 325 47.24 36.63 10.53
C ASP B 325 48.20 36.80 11.68
N SER B 326 48.67 38.03 11.90
CA SER B 326 49.64 38.26 12.94
C SER B 326 49.00 38.28 14.32
N LEU B 327 47.70 38.59 14.38
CA LEU B 327 46.92 38.49 15.62
C LEU B 327 46.82 37.05 16.08
N TYR B 328 46.87 36.12 15.12
CA TYR B 328 46.78 34.70 15.42
C TYR B 328 48.08 34.14 16.06
N GLU B 329 49.23 34.35 15.42
CA GLU B 329 50.52 33.85 16.00
C GLU B 329 50.81 34.54 17.33
N GLN B 330 49.98 35.53 17.64
CA GLN B 330 50.12 36.48 18.73
C GLN B 330 49.47 35.95 20.00
N TYR B 331 48.22 35.52 19.86
CA TYR B 331 47.47 34.98 20.99
C TYR B 331 47.62 33.45 21.08
N LYS B 332 48.68 32.92 20.49
CA LYS B 332 49.02 31.50 20.57
C LYS B 332 47.80 30.65 20.19
N ILE B 333 47.34 30.84 18.96
CA ILE B 333 46.16 30.14 18.50
C ILE B 333 46.48 28.69 18.16
N ARG B 334 47.64 28.47 17.53
CA ARG B 334 48.09 27.10 17.23
C ARG B 334 48.19 26.30 18.52
N LYS B 335 48.61 26.95 19.59
CA LYS B 335 48.71 26.28 20.88
C LYS B 335 47.32 25.99 21.47
N HIS B 336 46.37 26.90 21.27
CA HIS B 336 45.02 26.75 21.80
C HIS B 336 44.22 25.69 21.07
N TYR B 337 44.56 25.48 19.79
CA TYR B 337 44.00 24.37 19.05
C TYR B 337 44.45 23.04 19.65
N GLU B 338 45.76 22.87 19.85
CA GLU B 338 46.33 21.62 20.35
C GLU B 338 45.68 21.25 21.67
N SER B 339 45.34 22.27 22.44
CA SER B 339 44.61 22.11 23.70
C SER B 339 43.17 21.65 23.50
N TYR B 340 42.50 22.20 22.49
CA TYR B 340 41.12 21.81 22.18
C TYR B 340 41.05 20.39 21.58
N GLU B 341 42.03 20.05 20.72
CA GLU B 341 42.07 18.76 20.05
C GLU B 341 42.18 17.63 21.08
N LYS B 342 43.03 17.85 22.08
CA LYS B 342 43.21 16.90 23.16
C LYS B 342 41.89 16.70 23.90
N ALA B 343 41.27 17.81 24.26
CA ALA B 343 40.02 17.78 25.03
C ALA B 343 38.82 17.26 24.23
N GLN B 344 38.73 17.63 22.95
CA GLN B 344 37.60 17.21 22.16
C GLN B 344 37.69 15.73 21.78
N LYS B 345 38.88 15.27 21.45
CA LYS B 345 39.13 13.85 21.17
C LYS B 345 38.67 12.97 22.34
N ALA B 346 38.97 13.45 23.55
CA ALA B 346 38.59 12.78 24.77
C ALA B 346 37.08 12.74 24.94
N LYS B 347 36.42 13.87 24.71
CA LYS B 347 34.96 13.92 24.75
C LYS B 347 34.33 12.95 23.76
N ILE B 348 34.91 12.80 22.56
CA ILE B 348 34.38 11.90 21.54
C ILE B 348 34.56 10.42 21.91
N LEU B 349 35.73 10.06 22.45
CA LEU B 349 36.01 8.68 22.90
C LEU B 349 35.14 8.24 24.05
N SER B 350 34.92 9.17 24.97
CA SER B 350 34.07 8.96 26.11
C SER B 350 32.63 8.60 25.69
N ALA B 351 32.11 9.31 24.69
CA ALA B 351 30.76 9.06 24.21
C ALA B 351 30.65 7.77 23.43
N ILE B 352 31.73 7.40 22.74
CA ILE B 352 31.79 6.16 21.99
C ILE B 352 31.75 4.95 22.93
N ASN B 353 32.49 5.04 24.03
CA ASN B 353 32.56 3.92 24.95
C ASN B 353 31.24 3.63 25.64
N GLU B 354 30.38 4.63 25.75
CA GLU B 354 29.04 4.44 26.32
C GLU B 354 28.04 3.92 25.27
N LEU B 355 28.53 3.51 24.11
CA LEU B 355 27.68 3.03 22.99
C LEU B 355 27.28 1.56 23.10
N HIS B 356 28.08 0.77 23.81
CA HIS B 356 27.83 -0.66 23.98
C HIS B 356 27.59 -1.40 22.66
N HIS B 357 28.61 -1.41 21.79
CA HIS B 357 28.57 -2.17 20.54
C HIS B 357 29.99 -2.28 19.97
N GLU B 358 30.72 -3.32 20.38
CA GLU B 358 32.14 -3.53 20.02
C GLU B 358 32.47 -3.24 18.55
N GLY B 359 31.53 -3.57 17.65
CA GLY B 359 31.75 -3.39 16.21
C GLY B 359 31.79 -1.94 15.78
N ILE B 360 30.73 -1.21 16.07
CA ILE B 360 30.62 0.20 15.75
C ILE B 360 31.67 1.03 16.48
N GLU B 361 31.92 0.71 17.77
CA GLU B 361 32.95 1.38 18.59
C GLU B 361 34.33 1.27 17.96
N TYR B 362 34.65 0.10 17.42
CA TYR B 362 35.93 -0.06 16.74
C TYR B 362 36.04 0.86 15.52
N VAL B 363 34.97 0.90 14.71
CA VAL B 363 34.98 1.68 13.46
C VAL B 363 35.12 3.18 13.71
N LEU B 364 34.40 3.68 14.70
CA LEU B 364 34.41 5.08 15.06
C LEU B 364 35.72 5.49 15.71
N LYS B 365 36.32 4.62 16.52
CA LYS B 365 37.67 4.89 17.00
C LYS B 365 38.61 4.91 15.80
N TYR B 366 38.36 4.04 14.83
CA TYR B 366 39.18 3.98 13.65
C TYR B 366 39.07 5.26 12.83
N LEU B 367 37.85 5.67 12.49
CA LEU B 367 37.67 6.88 11.70
C LEU B 367 38.28 8.11 12.34
N LEU B 368 38.18 8.20 13.67
CA LEU B 368 38.74 9.31 14.44
C LEU B 368 40.27 9.38 14.36
N GLU B 369 40.91 8.26 14.03
CA GLU B 369 42.34 8.25 13.67
C GLU B 369 42.61 8.75 12.26
N ILE B 370 41.76 8.39 11.29
CA ILE B 370 42.01 8.72 9.88
C ILE B 370 41.18 9.87 9.34
N PHE C 16 -41.16 -36.80 4.78
CA PHE C 16 -39.89 -36.02 4.87
C PHE C 16 -39.81 -35.37 6.25
N ARG C 17 -40.69 -34.40 6.51
CA ARG C 17 -40.69 -33.63 7.76
C ARG C 17 -40.65 -34.50 9.02
N ASN C 18 -40.92 -35.79 8.85
CA ASN C 18 -40.82 -36.76 9.92
C ASN C 18 -39.41 -37.25 10.22
N MET C 19 -38.62 -37.39 9.16
CA MET C 19 -37.25 -37.89 9.27
C MET C 19 -36.29 -36.92 9.97
N TYR C 20 -36.78 -35.70 10.20
CA TYR C 20 -35.93 -34.62 10.65
C TYR C 20 -35.12 -35.00 11.87
N ASP C 21 -35.81 -35.43 12.92
CA ASP C 21 -35.21 -35.66 14.22
C ASP C 21 -34.10 -36.67 14.14
N LYS C 22 -34.21 -37.60 13.20
CA LYS C 22 -33.26 -38.68 13.06
C LYS C 22 -31.91 -38.11 12.67
N TYR C 23 -31.93 -37.14 11.75
CA TYR C 23 -30.66 -36.59 11.21
C TYR C 23 -30.05 -35.54 12.12
N ARG C 24 -30.91 -34.76 12.74
CA ARG C 24 -30.49 -33.85 13.77
C ARG C 24 -29.79 -34.64 14.86
N ASP C 25 -30.45 -35.67 15.37
CA ASP C 25 -29.89 -36.45 16.47
C ASP C 25 -28.62 -37.20 16.09
N ALA C 26 -28.54 -37.72 14.86
CA ALA C 26 -27.33 -38.42 14.46
C ALA C 26 -26.13 -37.45 14.58
N PHE C 27 -26.34 -36.19 14.22
CA PHE C 27 -25.26 -35.23 14.29
C PHE C 27 -25.01 -34.83 15.75
N LEU C 28 -26.10 -34.56 16.48
CA LEU C 28 -25.95 -34.33 17.92
C LEU C 28 -25.18 -35.48 18.60
N SER C 29 -25.46 -36.71 18.17
CA SER C 29 -24.77 -37.89 18.70
C SER C 29 -23.29 -37.77 18.44
N HIS C 30 -22.94 -37.39 17.21
CA HIS C 30 -21.53 -37.28 16.83
C HIS C 30 -20.77 -36.34 17.77
N LEU C 31 -21.40 -35.20 18.05
CA LEU C 31 -20.84 -34.21 18.96
C LEU C 31 -20.70 -34.83 20.35
N ASN C 32 -21.78 -35.46 20.82
CA ASN C 32 -21.79 -36.00 22.18
C ASN C 32 -20.78 -37.15 22.48
N GLU C 33 -19.97 -37.54 21.49
CA GLU C 33 -18.76 -38.32 21.75
C GLU C 33 -17.53 -37.59 21.13
N GLU C 37 -16.39 -33.20 29.14
CA GLU C 37 -16.95 -33.44 30.46
C GLU C 37 -18.46 -33.43 30.37
N GLU C 38 -19.11 -34.24 31.21
CA GLU C 38 -20.54 -34.48 31.09
C GLU C 38 -21.44 -33.23 31.20
N GLU C 39 -21.16 -32.40 32.19
CA GLU C 39 -21.88 -31.13 32.35
C GLU C 39 -21.78 -30.31 31.07
N ILE C 40 -20.56 -30.20 30.53
CA ILE C 40 -20.27 -29.47 29.30
C ILE C 40 -21.05 -30.08 28.11
N LYS C 41 -20.94 -31.41 27.93
CA LYS C 41 -21.74 -32.12 26.91
C LYS C 41 -23.21 -31.74 26.96
N GLU C 42 -23.74 -31.60 28.17
CA GLU C 42 -25.14 -31.33 28.33
C GLU C 42 -25.53 -29.93 27.84
N HIS C 43 -24.68 -28.94 28.12
CA HIS C 43 -24.87 -27.57 27.65
C HIS C 43 -24.76 -27.48 26.12
N ILE C 44 -23.76 -28.16 25.58
CA ILE C 44 -23.56 -28.23 24.13
C ILE C 44 -24.85 -28.71 23.41
N SER C 45 -25.44 -29.79 23.93
CA SER C 45 -26.65 -30.36 23.38
C SER C 45 -27.85 -29.42 23.39
N LYS C 46 -28.16 -28.85 24.56
CA LYS C 46 -29.25 -27.87 24.71
C LYS C 46 -29.12 -26.72 23.69
N TYR C 47 -27.86 -26.36 23.39
CA TYR C 47 -27.59 -25.25 22.51
C TYR C 47 -27.77 -25.67 21.06
N TYR C 48 -27.03 -26.70 20.67
CA TYR C 48 -27.03 -27.10 19.27
C TYR C 48 -28.36 -27.65 18.80
N LYS C 49 -29.11 -28.29 19.68
CA LYS C 49 -30.45 -28.73 19.32
C LYS C 49 -31.29 -27.54 18.93
N LEU C 50 -31.15 -26.45 19.69
CA LEU C 50 -31.93 -25.28 19.39
C LEU C 50 -31.45 -24.66 18.07
N LEU C 51 -30.12 -24.62 17.87
CA LEU C 51 -29.56 -24.08 16.62
C LEU C 51 -30.23 -24.76 15.41
N PHE C 52 -30.22 -26.09 15.43
CA PHE C 52 -30.95 -26.85 14.43
C PHE C 52 -32.46 -26.52 14.42
N ASP C 53 -33.15 -26.74 15.54
CA ASP C 53 -34.59 -26.61 15.51
C ASP C 53 -34.99 -25.23 15.05
N TYR C 54 -34.31 -24.20 15.55
CA TYR C 54 -34.76 -22.82 15.36
C TYR C 54 -34.65 -22.42 13.90
N ASN C 55 -33.69 -23.01 13.19
CA ASN C 55 -33.29 -22.50 11.89
C ASN C 55 -33.61 -23.45 10.73
N CYS C 56 -33.72 -24.76 11.00
CA CYS C 56 -34.05 -25.74 9.97
C CYS C 56 -35.55 -25.97 9.79
N LEU C 57 -36.36 -25.73 10.80
CA LEU C 57 -37.78 -26.00 10.68
C LEU C 57 -38.48 -24.69 10.41
N GLY C 58 -39.68 -24.74 9.87
CA GLY C 58 -40.45 -23.52 9.66
C GLY C 58 -40.49 -23.05 8.22
N GLY C 59 -39.55 -23.53 7.41
CA GLY C 59 -39.53 -23.14 6.00
C GLY C 59 -40.40 -24.08 5.20
N LYS C 60 -40.73 -23.67 3.97
CA LYS C 60 -41.58 -24.46 3.08
C LYS C 60 -40.97 -25.80 2.65
N ASN C 61 -39.63 -25.87 2.63
CA ASN C 61 -38.88 -27.10 2.32
C ASN C 61 -38.85 -27.54 0.84
N ASN C 62 -39.04 -26.57 -0.06
CA ASN C 62 -39.07 -26.87 -1.48
C ASN C 62 -37.84 -27.58 -1.99
N ARG C 63 -36.67 -27.12 -1.52
CA ARG C 63 -35.40 -27.70 -1.90
C ARG C 63 -35.32 -29.14 -1.43
N GLY C 64 -35.76 -29.38 -0.20
CA GLY C 64 -35.75 -30.72 0.38
C GLY C 64 -36.59 -31.66 -0.45
N ILE C 65 -37.88 -31.33 -0.64
CA ILE C 65 -38.81 -32.24 -1.34
C ILE C 65 -38.35 -32.54 -2.76
N LEU C 66 -37.75 -31.53 -3.39
CA LEU C 66 -37.22 -31.67 -4.74
C LEU C 66 -36.25 -32.84 -4.83
N VAL C 67 -35.36 -33.00 -3.87
CA VAL C 67 -34.45 -34.15 -3.87
C VAL C 67 -35.28 -35.43 -3.88
N ILE C 68 -36.24 -35.51 -2.97
CA ILE C 68 -37.05 -36.73 -2.79
C ILE C 68 -37.89 -37.03 -4.05
N LEU C 69 -38.52 -36.00 -4.60
CA LEU C 69 -39.26 -36.16 -5.84
C LEU C 69 -38.38 -36.63 -6.98
N ILE C 70 -37.28 -35.94 -7.25
CA ILE C 70 -36.41 -36.31 -8.37
C ILE C 70 -35.90 -37.73 -8.19
N TYR C 71 -35.45 -38.07 -6.99
CA TYR C 71 -34.97 -39.42 -6.74
C TYR C 71 -36.04 -40.46 -7.01
N GLU C 72 -37.23 -40.23 -6.48
CA GLU C 72 -38.36 -41.13 -6.68
C GLU C 72 -38.62 -41.41 -8.15
N TYR C 73 -38.62 -40.37 -8.97
CA TYR C 73 -38.93 -40.51 -10.36
C TYR C 73 -37.77 -40.89 -11.27
N VAL C 74 -36.62 -41.26 -10.74
CA VAL C 74 -35.52 -41.68 -11.63
C VAL C 74 -34.99 -43.10 -11.38
N ILE C 79 -38.44 -48.70 -4.24
CA ILE C 79 -37.49 -48.03 -3.34
C ILE C 79 -37.60 -48.55 -1.91
N ASN C 80 -36.56 -49.24 -1.45
CA ASN C 80 -36.58 -49.77 -0.10
C ASN C 80 -36.27 -48.69 0.95
N SER C 81 -36.36 -49.07 2.23
CA SER C 81 -36.21 -48.15 3.35
C SER C 81 -34.79 -47.58 3.46
N SER C 82 -33.78 -48.39 3.16
CA SER C 82 -32.38 -47.93 3.20
C SER C 82 -32.10 -46.78 2.23
N GLU C 83 -32.71 -46.88 1.05
CA GLU C 83 -32.56 -45.89 -0.01
C GLU C 83 -33.22 -44.56 0.39
N TRP C 84 -34.42 -44.63 0.93
CA TRP C 84 -35.07 -43.44 1.46
C TRP C 84 -34.18 -42.78 2.52
N GLU C 85 -33.65 -43.62 3.42
CA GLU C 85 -32.78 -43.15 4.49
C GLU C 85 -31.71 -42.25 3.89
N LYS C 86 -31.06 -42.72 2.81
CA LYS C 86 -30.02 -41.96 2.13
C LYS C 86 -30.54 -40.70 1.40
N ALA C 87 -31.65 -40.83 0.68
CA ALA C 87 -32.26 -39.70 -0.02
C ALA C 87 -32.76 -38.62 0.94
N ALA C 88 -33.30 -39.08 2.06
CA ALA C 88 -33.88 -38.14 3.00
C ALA C 88 -32.73 -37.39 3.69
N CYS C 89 -31.60 -38.10 3.82
CA CYS C 89 -30.41 -37.46 4.32
C CYS C 89 -30.00 -36.26 3.43
N LEU C 90 -29.68 -36.54 2.15
CA LEU C 90 -29.44 -35.47 1.17
C LEU C 90 -30.49 -34.36 1.21
N ALA C 91 -31.77 -34.74 1.31
CA ALA C 91 -32.84 -33.76 1.34
C ALA C 91 -32.71 -32.90 2.56
N TRP C 92 -32.31 -33.50 3.68
CA TRP C 92 -32.21 -32.69 4.89
C TRP C 92 -30.96 -31.84 4.92
N CYS C 93 -29.90 -32.40 4.34
CA CYS C 93 -28.66 -31.64 4.16
C CYS C 93 -28.86 -30.37 3.34
N ILE C 94 -29.78 -30.41 2.36
CA ILE C 94 -30.11 -29.21 1.62
C ILE C 94 -30.77 -28.21 2.55
N GLU C 95 -31.69 -28.69 3.39
CA GLU C 95 -32.43 -27.78 4.28
C GLU C 95 -31.51 -27.17 5.33
N ILE C 96 -30.53 -27.94 5.79
CA ILE C 96 -29.48 -27.44 6.66
C ILE C 96 -28.69 -26.35 5.93
N LEU C 97 -28.09 -26.70 4.79
CA LEU C 97 -27.49 -25.66 3.95
C LEU C 97 -28.34 -24.40 3.92
N GLN C 98 -29.64 -24.53 3.56
CA GLN C 98 -30.54 -23.36 3.51
C GLN C 98 -30.48 -22.64 4.85
N ALA C 99 -30.59 -23.39 5.93
CA ALA C 99 -30.58 -22.77 7.27
C ALA C 99 -29.31 -21.95 7.47
N ALA C 100 -28.15 -22.57 7.19
CA ALA C 100 -26.86 -21.87 7.25
C ALA C 100 -26.88 -20.58 6.43
N PHE C 101 -27.44 -20.63 5.21
CA PHE C 101 -27.43 -19.44 4.35
C PHE C 101 -28.31 -18.34 4.93
N LEU C 102 -29.46 -18.73 5.43
CA LEU C 102 -30.37 -17.76 6.03
C LEU C 102 -29.71 -17.11 7.25
N VAL C 103 -29.12 -17.91 8.14
CA VAL C 103 -28.42 -17.33 9.29
C VAL C 103 -27.35 -16.33 8.83
N ALA C 104 -26.50 -16.74 7.87
CA ALA C 104 -25.43 -15.89 7.42
C ALA C 104 -25.96 -14.65 6.75
N ASP C 105 -26.98 -14.81 5.88
CA ASP C 105 -27.50 -13.68 5.12
C ASP C 105 -28.12 -12.63 6.02
N ASP C 106 -28.77 -13.09 7.08
CA ASP C 106 -29.35 -12.17 8.03
C ASP C 106 -28.30 -11.39 8.82
N ILE C 107 -27.17 -12.04 9.12
CA ILE C 107 -26.04 -11.32 9.71
C ILE C 107 -25.61 -10.25 8.74
N MET C 108 -25.38 -10.66 7.51
CA MET C 108 -24.78 -9.77 6.54
C MET C 108 -25.69 -8.58 6.25
N ASP C 109 -26.98 -8.87 6.04
CA ASP C 109 -27.93 -7.80 5.70
C ASP C 109 -28.49 -7.09 6.92
N LYS C 110 -28.07 -7.50 8.12
CA LYS C 110 -28.57 -6.90 9.36
C LYS C 110 -30.11 -6.96 9.36
N GLY C 111 -30.64 -8.17 9.21
CA GLY C 111 -32.09 -8.39 9.20
C GLY C 111 -32.74 -8.40 10.58
N GLU C 112 -34.07 -8.29 10.59
CA GLU C 112 -34.86 -8.28 11.82
C GLU C 112 -35.65 -9.58 11.97
N MET C 113 -36.42 -9.91 10.93
CA MET C 113 -37.36 -11.04 10.97
C MET C 113 -37.07 -12.09 9.90
N ARG C 114 -37.17 -13.37 10.28
CA ARG C 114 -37.02 -14.47 9.32
C ARG C 114 -37.91 -15.65 9.72
N ARG C 115 -38.83 -16.00 8.82
CA ARG C 115 -39.83 -17.05 9.05
C ARG C 115 -40.71 -16.68 10.25
N ASN C 116 -41.05 -15.39 10.29
CA ASN C 116 -41.90 -14.81 11.33
C ASN C 116 -41.44 -15.09 12.77
N LYS C 117 -40.12 -15.11 12.94
CA LYS C 117 -39.50 -14.92 14.25
C LYS C 117 -38.27 -14.02 14.11
N TYR C 118 -37.72 -13.61 15.25
CA TYR C 118 -36.46 -12.88 15.25
C TYR C 118 -35.36 -13.71 14.58
N CYS C 119 -34.49 -13.04 13.80
CA CYS C 119 -33.30 -13.72 13.26
C CYS C 119 -32.41 -14.23 14.38
N TRP C 120 -31.89 -15.44 14.21
CA TRP C 120 -30.97 -16.07 15.18
C TRP C 120 -29.95 -15.11 15.79
N TYR C 121 -29.23 -14.33 14.98
CA TYR C 121 -28.10 -13.54 15.50
C TYR C 121 -28.54 -12.44 16.46
N LEU C 122 -29.83 -12.09 16.39
CA LEU C 122 -30.36 -10.96 17.13
C LEU C 122 -30.54 -11.35 18.60
N LEU C 123 -30.66 -12.64 18.86
CA LEU C 123 -30.96 -13.15 20.20
C LEU C 123 -29.84 -12.80 21.14
N LYS C 124 -30.22 -12.34 22.32
CA LYS C 124 -29.29 -11.97 23.36
C LYS C 124 -28.40 -13.14 23.83
N ASP C 125 -28.96 -14.34 23.88
CA ASP C 125 -28.14 -15.53 24.23
C ASP C 125 -27.29 -16.06 23.05
N VAL C 126 -27.46 -15.45 21.88
CA VAL C 126 -26.75 -15.88 20.69
C VAL C 126 -25.70 -14.86 20.28
N GLU C 127 -26.17 -13.72 19.76
CA GLU C 127 -25.37 -12.58 19.30
C GLU C 127 -24.58 -12.91 18.06
N THR C 128 -24.10 -11.88 17.38
CA THR C 128 -23.35 -12.04 16.15
C THR C 128 -22.19 -13.00 16.34
N LYS C 129 -21.49 -12.92 17.48
CA LYS C 129 -20.33 -13.79 17.73
C LYS C 129 -20.67 -15.25 17.59
N ASN C 130 -21.84 -15.66 18.05
CA ASN C 130 -22.17 -17.09 17.98
C ASN C 130 -22.70 -17.47 16.61
N ALA C 131 -23.51 -16.58 16.05
CA ALA C 131 -24.13 -16.80 14.75
C ALA C 131 -23.08 -17.11 13.67
N VAL C 132 -21.99 -16.35 13.65
CA VAL C 132 -20.93 -16.65 12.70
C VAL C 132 -20.47 -18.08 12.89
N ASN C 133 -20.17 -18.46 14.12
CA ASN C 133 -19.60 -19.75 14.41
C ASN C 133 -20.59 -20.78 14.03
N ASP C 134 -21.85 -20.48 14.30
CA ASP C 134 -22.93 -21.39 13.96
C ASP C 134 -23.14 -21.63 12.45
N VAL C 135 -22.91 -20.62 11.63
CA VAL C 135 -22.91 -20.84 10.19
C VAL C 135 -21.93 -21.95 9.87
N LEU C 136 -20.70 -21.80 10.32
CA LEU C 136 -19.70 -22.78 9.99
C LEU C 136 -20.06 -24.15 10.49
N LEU C 137 -20.79 -24.17 11.60
CA LEU C 137 -21.18 -25.42 12.19
C LEU C 137 -22.26 -26.15 11.38
N LEU C 138 -23.43 -25.55 11.24
CA LEU C 138 -24.43 -26.02 10.25
C LEU C 138 -23.79 -26.50 8.93
N TYR C 139 -23.01 -25.61 8.32
CA TYR C 139 -22.32 -25.96 7.08
C TYR C 139 -21.55 -27.24 7.18
N ASN C 140 -20.59 -27.30 8.07
CA ASN C 140 -19.87 -28.57 8.27
C ASN C 140 -20.73 -29.78 8.71
N SER C 141 -21.83 -29.54 9.43
CA SER C 141 -22.72 -30.65 9.85
C SER C 141 -23.16 -31.48 8.65
N ILE C 142 -23.55 -30.76 7.57
CA ILE C 142 -23.91 -31.35 6.26
C ILE C 142 -22.92 -32.43 5.87
N TYR C 143 -21.66 -32.08 5.73
CA TYR C 143 -20.70 -33.06 5.27
C TYR C 143 -20.50 -34.24 6.23
N LYS C 144 -20.81 -34.05 7.52
CA LYS C 144 -20.67 -35.18 8.44
C LYS C 144 -21.81 -36.15 8.20
N LEU C 145 -23.03 -35.61 8.18
CA LEU C 145 -24.21 -36.42 7.87
C LEU C 145 -24.05 -37.19 6.55
N ILE C 146 -23.33 -36.62 5.58
CA ILE C 146 -23.20 -37.33 4.31
C ILE C 146 -22.25 -38.48 4.48
N GLU C 147 -21.22 -38.31 5.25
CA GLU C 147 -20.32 -39.42 5.60
C GLU C 147 -21.07 -40.55 6.36
N ILE C 148 -21.92 -40.18 7.29
CA ILE C 148 -22.63 -41.20 8.05
C ILE C 148 -23.51 -42.08 7.16
N TYR C 149 -24.31 -41.43 6.31
CA TYR C 149 -25.31 -42.14 5.53
C TYR C 149 -24.89 -42.61 4.15
N LEU C 150 -23.83 -42.04 3.56
CA LEU C 150 -23.47 -42.34 2.16
C LEU C 150 -21.99 -42.61 1.92
N ARG C 151 -21.20 -42.63 2.98
CA ARG C 151 -19.74 -42.89 2.87
C ARG C 151 -19.36 -44.07 1.99
N ASN C 152 -20.24 -45.08 1.90
CA ASN C 152 -19.95 -46.30 1.14
C ASN C 152 -20.51 -46.34 -0.29
N GLU C 153 -21.47 -45.45 -0.58
CA GLU C 153 -22.04 -45.29 -1.92
C GLU C 153 -20.98 -44.89 -2.92
N SER C 154 -21.17 -45.26 -4.17
CA SER C 154 -20.20 -44.91 -5.23
C SER C 154 -20.32 -43.43 -5.64
N CYS C 155 -21.50 -42.85 -5.51
CA CYS C 155 -21.67 -41.41 -5.79
C CYS C 155 -21.12 -40.47 -4.68
N TYR C 156 -20.75 -41.03 -3.53
CA TYR C 156 -20.25 -40.29 -2.37
C TYR C 156 -19.40 -39.08 -2.73
N VAL C 157 -18.31 -39.33 -3.44
CA VAL C 157 -17.38 -38.27 -3.77
C VAL C 157 -18.02 -37.20 -4.67
N ASP C 158 -18.79 -37.65 -5.64
CA ASP C 158 -19.55 -36.70 -6.49
C ASP C 158 -20.56 -35.89 -5.70
N VAL C 159 -21.30 -36.53 -4.81
CA VAL C 159 -22.24 -35.78 -3.98
C VAL C 159 -21.49 -34.67 -3.20
N ILE C 160 -20.44 -35.04 -2.44
CA ILE C 160 -19.81 -34.00 -1.62
C ILE C 160 -19.31 -32.89 -2.51
N ALA C 161 -18.90 -33.25 -3.71
CA ALA C 161 -18.44 -32.22 -4.69
C ALA C 161 -19.58 -31.29 -5.12
N THR C 162 -20.76 -31.85 -5.36
CA THR C 162 -21.89 -31.04 -5.77
C THR C 162 -22.18 -29.95 -4.72
N PHE C 163 -22.25 -30.37 -3.46
CA PHE C 163 -22.42 -29.45 -2.33
C PHE C 163 -21.34 -28.37 -2.31
N ARG C 164 -20.11 -28.77 -2.56
CA ARG C 164 -19.01 -27.83 -2.50
C ARG C 164 -19.11 -26.80 -3.62
N ASP C 165 -19.29 -27.26 -4.85
CA ASP C 165 -19.37 -26.38 -5.99
C ASP C 165 -20.56 -25.43 -5.93
N ALA C 166 -21.73 -25.93 -5.47
CA ALA C 166 -22.94 -25.10 -5.36
C ALA C 166 -22.79 -24.00 -4.32
N THR C 167 -22.16 -24.34 -3.20
CA THR C 167 -21.87 -23.37 -2.17
C THR C 167 -20.93 -22.27 -2.66
N LEU C 168 -19.81 -22.65 -3.29
CA LEU C 168 -18.88 -21.71 -3.89
C LEU C 168 -19.56 -20.74 -4.85
N LYS C 169 -20.41 -21.27 -5.71
CA LYS C 169 -21.18 -20.41 -6.61
C LYS C 169 -22.09 -19.45 -5.81
N THR C 170 -22.74 -19.97 -4.77
CA THR C 170 -23.60 -19.18 -3.90
C THR C 170 -22.83 -18.06 -3.19
N ILE C 171 -21.62 -18.39 -2.74
CA ILE C 171 -20.80 -17.40 -2.06
C ILE C 171 -20.48 -16.25 -3.00
N ILE C 172 -20.15 -16.57 -4.24
CA ILE C 172 -19.85 -15.54 -5.22
C ILE C 172 -21.08 -14.72 -5.55
N GLY C 173 -22.22 -15.39 -5.73
CA GLY C 173 -23.47 -14.73 -6.00
C GLY C 173 -23.81 -13.80 -4.86
N GLN C 174 -23.49 -14.19 -3.63
CA GLN C 174 -23.70 -13.33 -2.47
C GLN C 174 -22.73 -12.15 -2.47
N HIS C 175 -21.47 -12.43 -2.80
CA HIS C 175 -20.53 -11.35 -2.92
C HIS C 175 -21.06 -10.22 -3.83
N LEU C 176 -21.39 -10.59 -5.06
CA LEU C 176 -21.92 -9.66 -6.04
C LEU C 176 -23.14 -8.89 -5.56
N ASP C 177 -24.13 -9.59 -5.01
CA ASP C 177 -25.32 -8.94 -4.51
C ASP C 177 -25.05 -7.90 -3.44
N THR C 178 -23.93 -8.07 -2.73
CA THR C 178 -23.58 -7.21 -1.61
C THR C 178 -22.78 -6.02 -2.08
N ASN C 179 -22.11 -6.19 -3.21
CA ASN C 179 -21.12 -5.21 -3.61
C ASN C 179 -21.32 -4.50 -4.93
N ILE C 180 -22.32 -4.92 -5.69
CA ILE C 180 -22.51 -4.41 -7.05
C ILE C 180 -22.61 -2.86 -7.16
N PHE C 181 -23.18 -2.21 -6.15
CA PHE C 181 -23.27 -0.78 -6.17
C PHE C 181 -22.21 -0.13 -5.31
N SER C 182 -21.29 -0.91 -4.75
CA SER C 182 -20.33 -0.40 -3.78
C SER C 182 -19.21 0.41 -4.41
N ASP C 183 -18.58 1.24 -3.58
CA ASP C 183 -17.53 2.16 -3.99
C ASP C 183 -16.43 1.45 -4.74
N LYS C 184 -16.10 0.22 -4.34
CA LYS C 184 -14.96 -0.49 -4.94
C LYS C 184 -15.29 -0.98 -6.35
N TYR C 185 -16.51 -0.73 -6.77
CA TYR C 185 -16.97 -1.18 -8.07
C TYR C 185 -17.31 0.00 -8.98
N ASP C 187 -13.10 3.47 -11.39
CA ASP C 187 -12.17 2.69 -12.21
C ASP C 187 -12.00 1.23 -11.71
N ALA C 188 -10.74 0.77 -11.72
CA ALA C 188 -10.42 -0.62 -11.52
C ALA C 188 -8.93 -0.78 -11.14
N ARG C 190 -9.88 1.76 -9.54
CA ARG C 190 -9.30 1.89 -8.21
C ARG C 190 -9.32 0.58 -7.42
N GLU C 191 -8.32 0.41 -6.56
CA GLU C 191 -8.25 -0.74 -5.69
C GLU C 191 -8.80 -0.44 -4.25
N ILE C 192 -8.44 -1.27 -3.27
CA ILE C 192 -9.00 -1.17 -1.93
C ILE C 192 -8.04 -0.53 -0.93
N ASP C 193 -8.56 0.40 -0.14
CA ASP C 193 -7.78 1.09 0.87
C ASP C 193 -7.67 0.21 2.11
N VAL C 194 -6.51 -0.40 2.30
CA VAL C 194 -6.29 -1.26 3.45
C VAL C 194 -5.95 -0.45 4.69
N ASN C 195 -6.15 0.87 4.61
CA ASN C 195 -5.91 1.78 5.74
C ASN C 195 -7.13 2.58 6.21
N ASN C 196 -8.16 2.60 5.36
CA ASN C 196 -9.38 3.32 5.68
C ASN C 196 -10.37 2.47 6.46
N ILE C 197 -10.32 2.59 7.79
CA ILE C 197 -11.22 1.83 8.66
C ILE C 197 -12.38 2.69 9.15
N ASN C 198 -12.32 3.98 8.84
CA ASN C 198 -13.36 4.91 9.25
C ASN C 198 -14.23 5.37 8.07
N VAL C 199 -15.15 6.29 8.35
CA VAL C 199 -16.03 6.81 7.30
C VAL C 199 -16.77 5.68 6.59
N PRO C 200 -17.92 6.00 6.01
CA PRO C 200 -18.72 5.02 5.28
C PRO C 200 -18.90 5.40 3.82
N GLU C 201 -19.41 4.47 3.02
CA GLU C 201 -19.63 4.72 1.59
C GLU C 201 -21.09 5.04 1.31
N GLN C 202 -21.45 6.31 1.43
CA GLN C 202 -22.83 6.75 1.19
C GLN C 202 -23.48 5.92 0.08
N PRO C 203 -24.15 4.84 0.48
CA PRO C 203 -24.83 3.96 -0.48
C PRO C 203 -25.34 4.73 -1.69
N VAL C 204 -24.78 4.46 -2.86
CA VAL C 204 -25.19 5.13 -4.08
C VAL C 204 -25.18 4.17 -5.27
N ILE C 205 -26.33 4.00 -5.90
CA ILE C 205 -26.43 3.10 -7.05
C ILE C 205 -25.50 3.56 -8.14
N ASP C 206 -25.08 2.62 -8.97
CA ASP C 206 -24.16 2.90 -10.07
C ASP C 206 -24.88 2.54 -11.36
N ILE C 207 -25.16 3.55 -12.18
CA ILE C 207 -25.96 3.35 -13.39
C ILE C 207 -25.36 2.31 -14.33
N ASN C 208 -24.05 2.12 -14.22
CA ASN C 208 -23.34 1.15 -15.06
C ASN C 208 -23.69 -0.29 -14.76
N MET C 209 -24.13 -0.55 -13.54
CA MET C 209 -24.49 -1.90 -13.14
C MET C 209 -25.96 -2.22 -13.37
N ILE C 210 -26.75 -1.21 -13.73
CA ILE C 210 -28.18 -1.40 -13.87
C ILE C 210 -28.58 -2.01 -15.22
N ASN C 211 -28.07 -3.21 -15.49
CA ASN C 211 -28.43 -3.93 -16.70
C ASN C 211 -28.68 -5.43 -16.45
N PHE C 212 -29.39 -6.07 -17.38
CA PHE C 212 -29.84 -7.43 -17.22
C PHE C 212 -28.75 -8.48 -17.18
N GLY C 213 -27.66 -8.22 -17.87
CA GLY C 213 -26.56 -9.17 -17.88
C GLY C 213 -26.02 -9.42 -16.48
N VAL C 214 -25.70 -8.31 -15.78
CA VAL C 214 -25.18 -8.33 -14.42
C VAL C 214 -26.18 -9.01 -13.50
N TYR C 215 -27.42 -8.55 -13.56
CA TYR C 215 -28.47 -9.09 -12.71
C TYR C 215 -28.52 -10.64 -12.80
N LYS C 216 -28.51 -11.16 -14.03
CA LYS C 216 -28.51 -12.61 -14.24
C LYS C 216 -27.30 -13.24 -13.59
N ASN C 217 -26.13 -12.62 -13.78
CA ASN C 217 -24.91 -13.07 -13.15
C ASN C 217 -25.09 -13.21 -11.64
N ILE C 218 -25.75 -12.23 -11.00
CA ILE C 218 -25.98 -12.27 -9.56
C ILE C 218 -27.00 -13.36 -9.23
N VAL C 219 -28.16 -13.26 -9.85
CA VAL C 219 -29.27 -14.16 -9.53
C VAL C 219 -28.90 -15.64 -9.76
N ILE C 220 -28.27 -15.96 -10.89
CA ILE C 220 -27.91 -17.33 -11.20
C ILE C 220 -27.05 -17.90 -10.06
N HIS C 221 -25.98 -17.18 -9.72
CA HIS C 221 -25.00 -17.68 -8.76
C HIS C 221 -25.52 -17.70 -7.37
N LYS C 222 -26.19 -16.62 -6.97
CA LYS C 222 -26.71 -16.50 -5.61
C LYS C 222 -27.80 -17.53 -5.29
N THR C 223 -28.63 -17.87 -6.26
CA THR C 223 -29.72 -18.76 -5.92
C THR C 223 -29.94 -20.03 -6.75
N ALA C 224 -29.62 -19.99 -8.03
CA ALA C 224 -29.96 -21.11 -8.94
C ALA C 224 -29.21 -22.40 -8.59
N TYR C 225 -27.91 -22.32 -8.34
CA TYR C 225 -27.13 -23.54 -8.14
C TYR C 225 -27.52 -24.31 -6.89
N TYR C 226 -27.76 -23.62 -5.78
CA TYR C 226 -28.10 -24.35 -4.58
C TYR C 226 -29.60 -24.63 -4.42
N SER C 227 -30.44 -23.80 -5.04
CA SER C 227 -31.89 -24.03 -4.97
C SER C 227 -32.41 -25.05 -5.97
N PHE C 228 -31.75 -25.21 -7.10
CA PHE C 228 -32.28 -26.11 -8.10
C PHE C 228 -31.28 -27.17 -8.54
N PHE C 229 -30.16 -26.74 -9.09
CA PHE C 229 -29.15 -27.67 -9.52
C PHE C 229 -28.75 -28.69 -8.44
N LEU C 230 -28.34 -28.22 -7.27
CA LEU C 230 -27.95 -29.12 -6.19
C LEU C 230 -29.02 -30.21 -5.86
N PRO C 231 -30.22 -29.80 -5.46
CA PRO C 231 -31.16 -30.83 -5.16
C PRO C 231 -31.42 -31.82 -6.30
N ILE C 232 -31.56 -31.33 -7.53
CA ILE C 232 -31.84 -32.22 -8.63
C ILE C 232 -30.67 -33.19 -8.80
N VAL C 233 -29.46 -32.65 -8.95
CA VAL C 233 -28.24 -33.46 -9.06
C VAL C 233 -28.04 -34.43 -7.89
N CYS C 234 -28.39 -34.04 -6.67
CA CYS C 234 -28.38 -35.00 -5.60
C CYS C 234 -29.28 -36.20 -5.90
N GLY C 235 -30.54 -35.96 -6.27
CA GLY C 235 -31.48 -37.04 -6.57
C GLY C 235 -31.06 -37.88 -7.76
N MET C 236 -30.44 -37.24 -8.75
CA MET C 236 -29.92 -37.95 -9.91
C MET C 236 -28.70 -38.82 -9.64
N LEU C 237 -27.77 -38.35 -8.81
CA LEU C 237 -26.54 -39.10 -8.52
C LEU C 237 -26.84 -40.35 -7.70
N LEU C 238 -27.64 -40.19 -6.66
CA LEU C 238 -28.01 -41.30 -5.84
C LEU C 238 -28.70 -42.37 -6.69
N ALA C 239 -29.48 -41.95 -7.67
CA ALA C 239 -30.21 -42.88 -8.51
C ALA C 239 -29.32 -43.60 -9.52
N GLY C 240 -28.06 -43.16 -9.66
CA GLY C 240 -27.11 -43.82 -10.53
C GLY C 240 -26.81 -43.18 -11.87
N ILE C 241 -27.36 -42.00 -12.15
CA ILE C 241 -27.00 -41.31 -13.40
C ILE C 241 -25.67 -40.62 -13.20
N ASP C 244 -21.23 -36.63 -15.43
CA ASP C 244 -21.25 -37.98 -15.94
C ASP C 244 -21.87 -38.03 -17.35
N ASN C 245 -23.15 -38.37 -17.41
CA ASN C 245 -24.02 -38.31 -18.61
C ASN C 245 -24.23 -36.87 -19.10
N LEU C 246 -24.54 -36.70 -20.38
CA LEU C 246 -24.77 -35.36 -20.96
C LEU C 246 -26.09 -34.68 -20.55
N ILE C 247 -26.89 -35.31 -19.69
CA ILE C 247 -28.15 -34.74 -19.16
C ILE C 247 -27.97 -33.79 -17.98
N TYR C 248 -26.81 -33.85 -17.32
CA TYR C 248 -26.52 -32.93 -16.24
C TYR C 248 -26.42 -31.49 -16.70
N LYS C 249 -25.79 -31.25 -17.85
CA LYS C 249 -25.64 -29.90 -18.38
C LYS C 249 -27.01 -29.39 -18.79
N LYS C 250 -27.88 -30.29 -19.23
CA LYS C 250 -29.25 -29.92 -19.59
C LYS C 250 -29.96 -29.40 -18.34
N ILE C 251 -29.78 -30.11 -17.23
CA ILE C 251 -30.31 -29.72 -15.93
C ILE C 251 -29.69 -28.43 -15.37
N GLU C 252 -28.39 -28.23 -15.56
CA GLU C 252 -27.76 -26.97 -15.19
C GLU C 252 -28.44 -25.76 -15.85
N ASP C 253 -28.69 -25.84 -17.15
CA ASP C 253 -29.33 -24.78 -17.90
C ASP C 253 -30.78 -24.54 -17.45
N ILE C 254 -31.57 -25.60 -17.29
CA ILE C 254 -32.93 -25.45 -16.76
C ILE C 254 -32.85 -24.74 -15.39
N SER C 255 -31.89 -25.16 -14.56
CA SER C 255 -31.71 -24.59 -13.23
C SER C 255 -31.34 -23.13 -13.31
N MET C 256 -30.43 -22.78 -14.20
CA MET C 256 -30.15 -21.38 -14.42
C MET C 256 -31.45 -20.63 -14.75
N LEU C 257 -32.24 -21.18 -15.66
CA LEU C 257 -33.47 -20.52 -16.07
C LEU C 257 -34.47 -20.39 -14.92
N MET C 258 -34.67 -21.46 -14.18
CA MET C 258 -35.57 -21.40 -13.05
C MET C 258 -35.18 -20.40 -12.00
N GLY C 259 -33.89 -20.34 -11.65
CA GLY C 259 -33.41 -19.40 -10.64
C GLY C 259 -33.78 -17.97 -10.94
N GLU C 260 -33.50 -17.54 -12.16
CA GLU C 260 -33.94 -16.24 -12.67
C GLU C 260 -35.44 -16.04 -12.57
N TYR C 261 -36.23 -16.96 -13.16
CA TYR C 261 -37.70 -16.86 -13.22
C TYR C 261 -38.24 -16.46 -11.87
N PHE C 262 -37.48 -16.82 -10.87
CA PHE C 262 -38.01 -17.08 -9.60
C PHE C 262 -37.55 -16.01 -8.62
N GLN C 263 -36.28 -15.65 -8.74
CA GLN C 263 -35.79 -14.50 -8.04
C GLN C 263 -36.56 -13.29 -8.56
N ILE C 264 -36.79 -13.21 -9.87
CA ILE C 264 -37.54 -12.11 -10.43
C ILE C 264 -38.98 -12.07 -9.89
N HIS C 265 -39.60 -13.24 -9.73
CA HIS C 265 -40.88 -13.28 -9.05
C HIS C 265 -40.77 -12.63 -7.67
N ASP C 266 -39.77 -13.06 -6.90
CA ASP C 266 -39.57 -12.53 -5.56
C ASP C 266 -39.40 -11.00 -5.56
N ASP C 267 -38.71 -10.48 -6.57
CA ASP C 267 -38.51 -9.04 -6.68
C ASP C 267 -39.84 -8.32 -6.94
N TYR C 268 -40.73 -8.97 -7.70
CA TYR C 268 -42.06 -8.42 -7.99
C TYR C 268 -42.88 -8.31 -6.70
N LEU C 269 -42.83 -9.32 -5.83
CA LEU C 269 -43.53 -9.22 -4.57
C LEU C 269 -42.96 -8.17 -3.63
N ASP C 270 -41.65 -8.20 -3.36
CA ASP C 270 -41.04 -7.27 -2.40
C ASP C 270 -41.24 -5.79 -2.79
N ILE C 271 -42.33 -5.51 -3.52
CA ILE C 271 -42.75 -4.15 -3.82
C ILE C 271 -44.15 -3.92 -3.27
N PHE C 272 -45.06 -4.85 -3.56
CA PHE C 272 -46.45 -4.78 -3.09
C PHE C 272 -46.59 -4.82 -1.55
N SER C 283 -38.06 -4.36 1.97
CA SER C 283 -36.97 -3.43 2.31
C SER C 283 -35.96 -3.09 1.17
N ASP C 284 -36.00 -3.85 0.07
CA ASP C 284 -35.02 -3.74 -1.02
C ASP C 284 -34.66 -2.35 -1.54
N ILE C 285 -35.63 -1.44 -1.61
CA ILE C 285 -35.39 -0.13 -2.20
C ILE C 285 -34.46 0.69 -1.30
N GLN C 286 -34.77 0.72 -0.01
CA GLN C 286 -33.89 1.34 0.99
C GLN C 286 -32.63 0.51 1.20
N ASN C 287 -32.78 -0.82 1.10
CA ASN C 287 -31.61 -1.67 1.21
C ASN C 287 -30.70 -1.58 -0.01
N ASN C 288 -31.06 -0.72 -0.96
CA ASN C 288 -30.21 -0.38 -2.10
C ASN C 288 -29.84 -1.58 -2.97
N LYS C 289 -30.81 -2.47 -3.15
CA LYS C 289 -30.55 -3.70 -3.88
C LYS C 289 -30.81 -3.58 -5.36
N LEU C 290 -30.00 -4.26 -6.17
CA LEU C 290 -30.29 -4.43 -7.59
C LEU C 290 -31.49 -5.37 -7.73
N THR C 291 -32.61 -4.84 -8.17
CA THR C 291 -33.82 -5.65 -8.44
C THR C 291 -34.21 -5.65 -9.90
N TRP C 292 -35.09 -6.57 -10.26
CA TRP C 292 -35.66 -6.58 -11.61
C TRP C 292 -36.40 -5.28 -11.91
N PRO C 293 -37.44 -4.92 -11.12
CA PRO C 293 -38.16 -3.67 -11.27
C PRO C 293 -37.28 -2.44 -11.43
N LEU C 294 -36.20 -2.35 -10.66
CA LEU C 294 -35.25 -1.27 -10.83
C LEU C 294 -34.68 -1.23 -12.25
N ILE C 295 -34.27 -2.38 -12.76
CA ILE C 295 -33.65 -2.47 -14.08
C ILE C 295 -34.64 -2.20 -15.21
N LYS C 296 -35.86 -2.72 -15.05
CA LYS C 296 -36.90 -2.56 -16.05
C LYS C 296 -37.30 -1.09 -16.15
N THR C 297 -37.50 -0.45 -15.00
CA THR C 297 -37.79 0.97 -14.92
C THR C 297 -36.69 1.81 -15.56
N PHE C 298 -35.43 1.45 -15.33
CA PHE C 298 -34.31 2.23 -15.82
C PHE C 298 -34.22 2.21 -17.34
N GLU C 299 -34.40 1.03 -17.95
CA GLU C 299 -34.26 0.91 -19.41
C GLU C 299 -35.48 1.52 -20.14
N LEU C 300 -36.39 2.10 -19.36
CA LEU C 300 -37.70 2.46 -19.86
C LEU C 300 -38.08 3.90 -19.58
N CYS C 301 -37.44 4.51 -18.58
CA CYS C 301 -37.81 5.86 -18.11
C CYS C 301 -37.05 6.96 -18.84
N SER C 302 -37.50 8.19 -18.70
CA SER C 302 -36.92 9.33 -19.42
C SER C 302 -35.69 9.82 -18.71
N GLU C 303 -34.69 10.27 -19.47
CA GLU C 303 -33.46 10.79 -18.89
C GLU C 303 -33.56 11.63 -17.59
N PRO C 304 -34.63 12.44 -17.42
CA PRO C 304 -34.95 13.12 -16.16
C PRO C 304 -35.40 12.22 -15.01
N ASP C 305 -36.09 11.13 -15.32
CA ASP C 305 -36.56 10.22 -14.29
C ASP C 305 -35.43 9.36 -13.75
N LYS C 306 -34.47 9.03 -14.60
CA LYS C 306 -33.26 8.33 -14.17
C LYS C 306 -32.56 9.04 -13.03
N ILE C 307 -32.57 10.37 -13.06
CA ILE C 307 -31.91 11.20 -12.06
C ILE C 307 -32.70 11.20 -10.76
N LYS C 308 -34.03 11.27 -10.90
CA LYS C 308 -34.87 11.18 -9.72
C LYS C 308 -34.50 9.88 -8.98
N ILE C 309 -34.37 8.80 -9.76
CA ILE C 309 -34.08 7.44 -9.26
C ILE C 309 -32.80 7.43 -8.44
N VAL C 310 -31.74 7.98 -9.03
CA VAL C 310 -30.47 8.09 -8.35
C VAL C 310 -30.53 8.87 -7.03
N LYS C 311 -31.42 9.87 -6.94
CA LYS C 311 -31.49 10.73 -5.76
C LYS C 311 -32.35 10.13 -4.66
N ASN C 312 -33.07 9.05 -4.95
CA ASN C 312 -34.02 8.49 -4.00
C ASN C 312 -33.85 7.00 -3.69
N TYR C 313 -33.08 6.32 -4.53
CA TYR C 313 -32.87 4.90 -4.36
C TYR C 313 -31.82 4.59 -3.29
N GLY C 314 -32.23 3.87 -2.26
CA GLY C 314 -31.32 3.41 -1.22
C GLY C 314 -31.15 4.32 -0.02
N LYS C 315 -31.51 5.58 -0.19
CA LYS C 315 -31.42 6.56 0.86
C LYS C 315 -32.40 6.23 2.02
N ASN C 316 -32.14 6.79 3.21
CA ASN C 316 -32.96 6.51 4.42
C ASN C 316 -34.32 7.17 4.36
N ASN C 317 -34.33 8.39 3.83
CA ASN C 317 -35.54 9.20 3.81
C ASN C 317 -36.74 8.58 3.11
N LEU C 318 -37.87 8.60 3.83
CA LEU C 318 -39.11 7.99 3.36
C LEU C 318 -39.70 8.65 2.10
N ALA C 319 -39.54 9.97 1.98
CA ALA C 319 -39.94 10.65 0.73
C ALA C 319 -39.24 9.99 -0.46
N CYS C 320 -37.93 9.81 -0.35
CA CYS C 320 -37.13 9.09 -1.35
C CYS C 320 -37.75 7.76 -1.87
N VAL C 321 -38.21 6.90 -0.97
CA VAL C 321 -38.76 5.61 -1.42
C VAL C 321 -40.20 5.71 -1.92
N LYS C 322 -41.01 6.60 -1.32
CA LYS C 322 -42.47 6.79 -1.59
C LYS C 322 -42.67 7.21 -3.05
N VAL C 323 -41.58 7.11 -3.78
CA VAL C 323 -41.35 7.94 -4.92
C VAL C 323 -40.76 7.10 -6.03
N ILE C 324 -39.76 6.30 -5.65
CA ILE C 324 -39.35 5.15 -6.43
C ILE C 324 -40.60 4.28 -6.60
N ASP C 325 -41.32 4.11 -5.51
CA ASP C 325 -42.54 3.32 -5.49
C ASP C 325 -43.54 3.83 -6.52
N SER C 326 -43.63 5.16 -6.64
CA SER C 326 -44.54 5.76 -7.60
C SER C 326 -44.02 5.74 -9.03
N LEU C 327 -42.71 5.65 -9.20
CA LEU C 327 -42.13 5.41 -10.52
C LEU C 327 -42.48 4.03 -11.08
N TYR C 328 -42.76 3.09 -10.17
CA TYR C 328 -43.09 1.73 -10.56
C TYR C 328 -44.54 1.64 -11.02
N GLN C 330 -46.29 3.58 -12.31
CA GLN C 330 -46.11 4.62 -13.33
C GLN C 330 -45.72 4.01 -14.68
N TYR C 331 -44.64 3.23 -14.70
CA TYR C 331 -44.18 2.55 -15.91
C TYR C 331 -44.80 1.15 -15.98
N LYS C 332 -45.75 0.93 -15.06
CA LYS C 332 -46.62 -0.22 -14.98
C LYS C 332 -45.80 -1.49 -14.89
N ILE C 333 -44.81 -1.45 -14.00
CA ILE C 333 -43.95 -2.61 -13.75
C ILE C 333 -44.79 -3.87 -13.49
N ARG C 334 -45.89 -3.68 -12.75
CA ARG C 334 -46.88 -4.74 -12.51
C ARG C 334 -47.14 -5.53 -13.80
N LYS C 335 -47.41 -4.79 -14.86
CA LYS C 335 -47.81 -5.35 -16.13
C LYS C 335 -46.63 -5.97 -16.87
N HIS C 336 -45.45 -5.36 -16.76
CA HIS C 336 -44.26 -5.85 -17.45
C HIS C 336 -43.74 -7.15 -16.86
N TYR C 337 -44.04 -7.38 -15.57
CA TYR C 337 -43.77 -8.65 -14.96
C TYR C 337 -44.64 -9.75 -15.56
N GLU C 338 -45.95 -9.52 -15.57
CA GLU C 338 -46.90 -10.51 -16.10
C GLU C 338 -46.46 -10.96 -17.51
N SER C 339 -45.87 -10.02 -18.26
CA SER C 339 -45.38 -10.26 -19.60
C SER C 339 -44.16 -11.14 -19.59
N TYR C 340 -43.27 -10.90 -18.61
CA TYR C 340 -42.04 -11.69 -18.49
C TYR C 340 -42.33 -13.10 -17.99
N GLU C 341 -43.22 -13.23 -17.01
CA GLU C 341 -43.59 -14.52 -16.43
C GLU C 341 -44.11 -15.48 -17.50
N LYS C 342 -44.95 -14.96 -18.40
CA LYS C 342 -45.51 -15.75 -19.50
C LYS C 342 -44.39 -16.25 -20.40
N ALA C 343 -43.52 -15.33 -20.81
CA ALA C 343 -42.42 -15.65 -21.70
C ALA C 343 -41.34 -16.54 -21.07
N GLN C 344 -41.04 -16.34 -19.79
CA GLN C 344 -39.98 -17.12 -19.14
C GLN C 344 -40.47 -18.53 -18.83
N LYS C 345 -41.72 -18.64 -18.39
CA LYS C 345 -42.35 -19.95 -18.15
C LYS C 345 -42.27 -20.81 -19.41
N ALA C 346 -42.47 -20.17 -20.56
CA ALA C 346 -42.42 -20.85 -21.84
C ALA C 346 -40.99 -21.31 -22.17
N LYS C 347 -40.02 -20.43 -21.93
CA LYS C 347 -38.63 -20.76 -22.13
C LYS C 347 -38.23 -21.95 -21.26
N ILE C 348 -38.73 -21.99 -20.02
CA ILE C 348 -38.43 -23.08 -19.09
C ILE C 348 -39.04 -24.42 -19.53
N LEU C 349 -40.32 -24.40 -19.93
CA LEU C 349 -40.99 -25.61 -20.40
C LEU C 349 -40.40 -26.18 -21.70
N SER C 350 -40.01 -25.28 -22.59
CA SER C 350 -39.36 -25.66 -23.82
C SER C 350 -38.08 -26.44 -23.53
N ALA C 351 -37.27 -25.97 -22.59
CA ALA C 351 -36.01 -26.62 -22.25
C ALA C 351 -36.21 -27.94 -21.54
N ILE C 352 -37.31 -28.05 -20.79
CA ILE C 352 -37.67 -29.30 -20.10
C ILE C 352 -38.10 -30.39 -21.10
N ASN C 353 -38.95 -30.05 -22.07
CA ASN C 353 -39.34 -30.99 -23.10
C ASN C 353 -38.17 -31.55 -23.98
N GLU C 354 -37.05 -30.83 -24.06
CA GLU C 354 -35.87 -31.35 -24.76
C GLU C 354 -34.98 -32.20 -23.86
N LEU C 355 -35.48 -32.55 -22.67
CA LEU C 355 -34.75 -33.36 -21.68
C LEU C 355 -34.74 -34.88 -21.92
N HIS C 356 -35.79 -35.36 -22.59
CA HIS C 356 -35.99 -36.79 -22.85
C HIS C 356 -35.88 -37.66 -21.59
N HIS C 357 -36.72 -37.37 -20.59
CA HIS C 357 -36.84 -38.19 -19.40
C HIS C 357 -38.19 -37.96 -18.71
N GLU C 358 -39.21 -38.73 -19.09
CA GLU C 358 -40.60 -38.57 -18.61
C GLU C 358 -40.76 -38.35 -17.10
N GLY C 359 -39.88 -38.94 -16.31
CA GLY C 359 -39.92 -38.85 -14.85
C GLY C 359 -39.45 -37.51 -14.31
N ILE C 360 -38.26 -37.09 -14.73
CA ILE C 360 -37.69 -35.81 -14.37
C ILE C 360 -38.52 -34.63 -14.94
N GLU C 361 -38.93 -34.77 -16.19
CA GLU C 361 -39.82 -33.79 -16.83
C GLU C 361 -41.08 -33.55 -16.01
N TYR C 362 -41.67 -34.62 -15.52
CA TYR C 362 -42.89 -34.48 -14.73
C TYR C 362 -42.64 -33.66 -13.45
N VAL C 363 -41.57 -33.99 -12.74
CA VAL C 363 -41.22 -33.30 -11.48
C VAL C 363 -40.93 -31.82 -11.68
N LEU C 364 -40.20 -31.49 -12.73
CA LEU C 364 -39.83 -30.11 -12.99
C LEU C 364 -41.02 -29.31 -13.44
N LYS C 365 -41.89 -29.90 -14.27
CA LYS C 365 -43.16 -29.26 -14.58
C LYS C 365 -43.96 -29.03 -13.29
N TYR C 366 -43.92 -30.04 -12.41
CA TYR C 366 -44.59 -29.94 -11.13
C TYR C 366 -44.05 -28.80 -10.27
N LEU C 367 -42.75 -28.78 -10.04
CA LEU C 367 -42.16 -27.74 -9.21
C LEU C 367 -42.44 -26.36 -9.75
N LEU C 368 -42.48 -26.22 -11.06
CA LEU C 368 -42.71 -24.92 -11.69
C LEU C 368 -44.13 -24.41 -11.43
N GLU C 369 -45.04 -25.32 -11.12
CA GLU C 369 -46.38 -24.92 -10.62
C GLU C 369 -46.39 -24.52 -9.15
N ILE C 370 -45.64 -25.23 -8.30
CA ILE C 370 -45.62 -24.93 -6.84
C ILE C 370 -44.54 -23.97 -6.30
N LEU C 371 -43.38 -23.90 -6.94
CA LEU C 371 -42.40 -22.85 -6.68
C LEU C 371 -43.03 -21.55 -6.13
N LEU D 13 -9.73 27.95 -7.33
CA LEU D 13 -8.45 28.68 -7.12
C LEU D 13 -8.49 29.46 -5.80
N ALA D 14 -9.37 29.04 -4.88
CA ALA D 14 -9.69 29.83 -3.67
C ALA D 14 -9.69 29.07 -2.33
N PHE D 15 -10.32 27.89 -2.30
CA PHE D 15 -10.26 27.01 -1.13
C PHE D 15 -8.92 26.29 -1.17
N PHE D 16 -8.36 26.17 -2.36
CA PHE D 16 -6.98 25.77 -2.53
C PHE D 16 -6.10 26.88 -1.98
N ARG D 17 -6.19 28.06 -2.57
CA ARG D 17 -5.35 29.23 -2.19
C ARG D 17 -5.45 29.57 -0.70
N ASN D 18 -6.49 29.05 -0.06
CA ASN D 18 -6.65 29.17 1.39
C ASN D 18 -5.77 28.25 2.22
N MET D 19 -5.59 27.01 1.75
CA MET D 19 -4.80 26.01 2.44
C MET D 19 -3.31 26.34 2.50
N TYR D 20 -2.89 27.34 1.73
CA TYR D 20 -1.48 27.64 1.60
C TYR D 20 -0.72 27.72 2.94
N ASP D 21 -1.19 28.60 3.82
CA ASP D 21 -0.49 28.94 5.06
C ASP D 21 -0.25 27.72 5.92
N LYS D 22 -1.18 26.76 5.83
CA LYS D 22 -1.10 25.52 6.58
C LYS D 22 0.17 24.74 6.23
N TYR D 23 0.42 24.58 4.94
CA TYR D 23 1.51 23.76 4.49
C TYR D 23 2.84 24.46 4.62
N ARG D 24 2.84 25.77 4.35
CA ARG D 24 4.02 26.58 4.56
C ARG D 24 4.43 26.49 6.01
N ASP D 25 3.45 26.66 6.90
CA ASP D 25 3.73 26.67 8.33
C ASP D 25 4.14 25.31 8.86
N ALA D 26 3.57 24.24 8.30
CA ALA D 26 3.93 22.86 8.68
C ALA D 26 5.43 22.61 8.46
N PHE D 27 5.94 23.09 7.32
CA PHE D 27 7.35 22.96 7.04
C PHE D 27 8.19 23.94 7.84
N LEU D 28 7.69 25.17 8.01
CA LEU D 28 8.36 26.14 8.89
C LEU D 28 8.52 25.61 10.34
N SER D 29 7.49 24.91 10.81
CA SER D 29 7.50 24.30 12.12
C SER D 29 8.62 23.27 12.20
N HIS D 30 8.70 22.41 11.17
CA HIS D 30 9.72 21.39 11.11
C HIS D 30 11.09 22.02 11.33
N LEU D 31 11.38 23.05 10.53
CA LEU D 31 12.64 23.78 10.67
C LEU D 31 12.85 24.24 12.10
N ASN D 32 11.82 24.85 12.66
CA ASN D 32 11.88 25.49 13.97
C ASN D 32 12.08 24.53 15.17
N GLU D 33 11.94 23.22 14.95
CA GLU D 33 12.17 22.22 15.98
C GLU D 33 13.63 21.67 15.92
N TYR D 34 14.46 22.22 15.02
CA TYR D 34 15.89 21.89 14.94
C TYR D 34 16.61 22.31 16.23
N SER D 35 17.89 22.01 16.34
CA SER D 35 18.61 22.47 17.53
C SER D 35 19.39 23.72 17.25
N LEU D 36 18.65 24.81 17.20
CA LEU D 36 19.27 26.11 17.05
C LEU D 36 18.95 26.96 18.26
N GLU D 37 19.73 28.01 18.41
CA GLU D 37 19.48 29.00 19.41
C GLU D 37 18.29 29.87 18.98
N GLU D 38 17.57 30.39 19.97
CA GLU D 38 16.31 31.10 19.72
C GLU D 38 16.38 32.33 18.77
N GLU D 39 17.39 33.17 19.00
CA GLU D 39 17.68 34.25 18.07
C GLU D 39 17.86 33.73 16.62
N ILE D 40 18.68 32.70 16.46
CA ILE D 40 18.95 32.10 15.18
C ILE D 40 17.67 31.55 14.54
N LYS D 41 16.87 30.82 15.31
CA LYS D 41 15.61 30.29 14.83
C LYS D 41 14.75 31.42 14.27
N GLU D 42 14.75 32.56 14.95
CA GLU D 42 13.92 33.69 14.56
C GLU D 42 14.30 34.25 13.21
N HIS D 43 15.60 34.40 12.96
CA HIS D 43 16.12 34.84 11.66
C HIS D 43 15.78 33.86 10.52
N ILE D 44 15.92 32.57 10.81
CA ILE D 44 15.63 31.52 9.85
C ILE D 44 14.17 31.60 9.40
N SER D 45 13.26 31.82 10.35
CA SER D 45 11.83 31.95 10.04
C SER D 45 11.50 33.15 9.13
N TYR D 47 13.11 34.65 7.12
CA TYR D 47 13.78 34.41 5.83
C TYR D 47 13.04 33.37 5.01
N TYR D 48 12.83 32.21 5.60
CA TYR D 48 12.21 31.12 4.86
C TYR D 48 10.75 31.39 4.57
N LYS D 49 10.08 32.10 5.47
CA LYS D 49 8.70 32.51 5.24
C LYS D 49 8.67 33.35 3.97
N LEU D 50 9.64 34.23 3.84
CA LEU D 50 9.68 35.07 2.65
C LEU D 50 10.01 34.22 1.42
N LEU D 51 10.98 33.32 1.54
CA LEU D 51 11.33 32.44 0.41
C LEU D 51 10.10 31.72 -0.14
N PHE D 52 9.27 31.24 0.78
CA PHE D 52 7.99 30.63 0.40
C PHE D 52 6.99 31.63 -0.21
N ASP D 53 6.66 32.68 0.53
CA ASP D 53 5.69 33.71 0.09
C ASP D 53 6.06 34.37 -1.25
N TYR D 54 7.32 34.73 -1.38
CA TYR D 54 7.72 35.47 -2.55
C TYR D 54 7.68 34.64 -3.83
N ASN D 55 7.87 33.34 -3.70
CA ASN D 55 8.04 32.49 -4.88
C ASN D 55 6.89 31.53 -5.10
N CYS D 56 6.12 31.21 -4.06
CA CYS D 56 5.01 30.28 -4.19
C CYS D 56 3.70 30.90 -4.52
N LEU D 57 3.50 32.17 -4.15
CA LEU D 57 2.22 32.87 -4.43
C LEU D 57 2.37 33.77 -5.65
N GLY D 58 1.25 34.13 -6.25
CA GLY D 58 1.29 35.02 -7.40
C GLY D 58 1.04 34.33 -8.74
N GLY D 59 1.27 33.03 -8.81
CA GLY D 59 1.08 32.34 -10.06
C GLY D 59 -0.38 31.97 -10.26
N LYS D 60 -0.71 31.56 -11.48
CA LYS D 60 -2.05 31.17 -11.82
C LYS D 60 -2.49 29.87 -11.12
N ASN D 61 -1.53 28.99 -10.82
CA ASN D 61 -1.75 27.77 -10.04
C ASN D 61 -2.43 26.64 -10.77
N ASN D 62 -2.28 26.62 -12.10
CA ASN D 62 -2.94 25.61 -12.92
C ASN D 62 -2.56 24.21 -12.54
N ARG D 63 -1.28 24.02 -12.21
CA ARG D 63 -0.77 22.70 -11.85
C ARG D 63 -1.38 22.24 -10.54
N GLY D 64 -1.50 23.17 -9.59
CA GLY D 64 -2.12 22.83 -8.32
C GLY D 64 -3.57 22.40 -8.49
N ILE D 65 -4.38 23.27 -9.11
CA ILE D 65 -5.82 23.02 -9.28
C ILE D 65 -6.07 21.70 -9.98
N LEU D 66 -5.24 21.41 -10.98
CA LEU D 66 -5.31 20.17 -11.72
C LEU D 66 -5.30 18.96 -10.79
N VAL D 67 -4.44 18.94 -9.78
CA VAL D 67 -4.40 17.81 -8.82
C VAL D 67 -5.79 17.69 -8.19
N ILE D 68 -6.28 18.81 -7.65
CA ILE D 68 -7.55 18.85 -6.95
C ILE D 68 -8.70 18.44 -7.86
N LEU D 69 -8.73 18.95 -9.09
CA LEU D 69 -9.78 18.57 -10.02
C LEU D 69 -9.72 17.09 -10.36
N ILE D 70 -8.55 16.59 -10.71
CA ILE D 70 -8.43 15.17 -11.08
C ILE D 70 -8.83 14.27 -9.90
N TYR D 71 -8.35 14.60 -8.71
CA TYR D 71 -8.71 13.84 -7.52
C TYR D 71 -10.22 13.81 -7.28
N GLU D 72 -10.81 14.99 -7.28
CA GLU D 72 -12.26 15.13 -7.12
C GLU D 72 -13.06 14.23 -8.07
N TYR D 73 -12.67 14.18 -9.33
CA TYR D 73 -13.42 13.43 -10.36
C TYR D 73 -13.05 11.96 -10.53
N VAL D 74 -12.05 11.46 -9.79
CA VAL D 74 -11.72 10.03 -9.82
C VAL D 74 -12.04 9.35 -8.47
N ILE D 79 -15.98 13.09 -0.40
CA ILE D 79 -14.62 13.44 0.01
C ILE D 79 -14.59 14.17 1.36
N ASN D 80 -14.11 13.50 2.38
CA ASN D 80 -14.02 14.14 3.70
C ASN D 80 -12.89 15.16 3.78
N SER D 81 -12.76 15.82 4.94
CA SER D 81 -11.74 16.83 5.16
C SER D 81 -10.29 16.29 5.20
N SER D 82 -10.11 15.08 5.72
CA SER D 82 -8.79 14.46 5.80
C SER D 82 -8.22 14.18 4.41
N GLU D 83 -9.10 13.80 3.49
CA GLU D 83 -8.70 13.54 2.12
C GLU D 83 -8.29 14.82 1.40
N TRP D 84 -9.09 15.87 1.54
CA TRP D 84 -8.73 17.18 1.00
C TRP D 84 -7.35 17.60 1.53
N GLU D 85 -7.16 17.41 2.84
CA GLU D 85 -5.90 17.76 3.48
C GLU D 85 -4.72 17.16 2.70
N LYS D 86 -4.84 15.88 2.35
CA LYS D 86 -3.79 15.18 1.62
C LYS D 86 -3.70 15.65 0.14
N ALA D 87 -4.85 15.75 -0.53
CA ALA D 87 -4.89 16.26 -1.91
C ALA D 87 -4.35 17.66 -2.04
N ALA D 88 -4.67 18.51 -1.07
CA ALA D 88 -4.26 19.90 -1.16
C ALA D 88 -2.77 19.98 -0.87
N CYS D 89 -2.26 19.01 -0.10
CA CYS D 89 -0.83 18.93 0.16
C CYS D 89 -0.11 18.68 -1.18
N LEU D 90 -0.49 17.61 -1.87
CA LEU D 90 0.09 17.31 -3.18
C LEU D 90 0.01 18.50 -4.12
N ALA D 91 -1.15 19.15 -4.13
CA ALA D 91 -1.39 20.32 -4.98
C ALA D 91 -0.46 21.46 -4.60
N TRP D 92 -0.25 21.67 -3.32
CA TRP D 92 0.72 22.68 -2.95
C TRP D 92 2.13 22.27 -3.28
N CYS D 93 2.40 20.97 -3.17
CA CYS D 93 3.76 20.52 -3.43
C CYS D 93 4.11 20.75 -4.88
N ILE D 94 3.14 20.61 -5.77
CA ILE D 94 3.39 20.91 -7.15
C ILE D 94 3.76 22.38 -7.32
N GLU D 95 2.99 23.27 -6.69
CA GLU D 95 3.29 24.71 -6.76
C GLU D 95 4.66 25.06 -6.17
N ILE D 96 5.03 24.46 -5.04
CA ILE D 96 6.40 24.58 -4.55
C ILE D 96 7.46 24.15 -5.60
N LEU D 97 7.30 22.95 -6.17
CA LEU D 97 8.13 22.52 -7.28
C LEU D 97 8.18 23.60 -8.31
N GLN D 98 7.02 24.07 -8.78
CA GLN D 98 7.00 25.18 -9.75
C GLN D 98 7.82 26.37 -9.27
N ALA D 99 7.54 26.83 -8.04
CA ALA D 99 8.39 27.85 -7.44
C ALA D 99 9.86 27.49 -7.61
N ALA D 100 10.28 26.30 -7.19
CA ALA D 100 11.74 25.98 -7.23
C ALA D 100 12.26 26.06 -8.68
N PHE D 101 11.52 25.49 -9.63
CA PHE D 101 11.95 25.55 -11.03
C PHE D 101 12.08 26.99 -11.52
N LEU D 102 11.13 27.85 -11.18
CA LEU D 102 11.19 29.26 -11.55
C LEU D 102 12.45 29.94 -11.01
N VAL D 103 12.68 29.82 -9.70
CA VAL D 103 13.90 30.36 -9.09
C VAL D 103 15.13 29.82 -9.87
N ALA D 104 15.19 28.52 -10.07
CA ALA D 104 16.37 27.97 -10.70
C ALA D 104 16.52 28.55 -12.10
N ASP D 105 15.41 28.56 -12.86
CA ASP D 105 15.43 28.92 -14.30
C ASP D 105 15.89 30.36 -14.50
N ASP D 106 15.40 31.23 -13.64
CA ASP D 106 15.84 32.61 -13.63
C ASP D 106 17.32 32.79 -13.35
N ILE D 107 17.90 32.04 -12.38
CA ILE D 107 19.35 32.05 -12.19
C ILE D 107 20.05 31.64 -13.48
N MET D 108 19.65 30.49 -14.01
CA MET D 108 20.30 29.97 -15.21
C MET D 108 20.19 30.90 -16.41
N ASP D 109 18.99 31.44 -16.65
CA ASP D 109 18.75 32.32 -17.81
C ASP D 109 19.09 33.78 -17.53
N LYS D 110 19.52 34.06 -16.30
CA LYS D 110 19.86 35.41 -15.90
C LYS D 110 18.66 36.30 -16.24
N GLY D 111 17.51 35.96 -15.67
CA GLY D 111 16.30 36.73 -15.87
C GLY D 111 16.20 37.97 -14.99
N GLU D 112 15.28 38.86 -15.36
CA GLU D 112 15.07 40.15 -14.65
C GLU D 112 13.74 40.16 -13.90
N MET D 113 12.68 39.74 -14.59
CA MET D 113 11.34 39.83 -14.04
C MET D 113 10.62 38.46 -14.03
N ARG D 114 9.90 38.18 -12.94
CA ARG D 114 9.10 36.97 -12.83
C ARG D 114 7.88 37.23 -11.98
N ARG D 115 6.70 37.05 -12.58
CA ARG D 115 5.41 37.37 -11.96
C ARG D 115 5.31 38.84 -11.59
N ASN D 116 5.82 39.68 -12.49
CA ASN D 116 5.82 41.14 -12.31
C ASN D 116 6.45 41.62 -11.00
N LYS D 117 7.47 40.89 -10.56
CA LYS D 117 8.43 41.42 -9.59
C LYS D 117 9.81 40.96 -9.98
N TYR D 118 10.81 41.52 -9.31
CA TYR D 118 12.20 41.12 -9.58
C TYR D 118 12.35 39.63 -9.22
N CYS D 119 13.14 38.93 -10.03
CA CYS D 119 13.53 37.56 -9.71
C CYS D 119 14.24 37.43 -8.36
N TRP D 120 13.88 36.41 -7.59
CA TRP D 120 14.47 36.16 -6.26
C TRP D 120 16.00 36.39 -6.18
N TYR D 121 16.75 35.80 -7.10
CA TYR D 121 18.21 35.85 -7.05
C TYR D 121 18.82 37.23 -7.25
N LEU D 122 18.05 38.14 -7.86
CA LEU D 122 18.50 39.52 -8.10
C LEU D 122 18.55 40.35 -6.83
N LEU D 123 17.78 39.97 -5.81
CA LEU D 123 17.68 40.74 -4.59
C LEU D 123 19.03 40.83 -3.88
N LYS D 124 19.35 42.03 -3.39
CA LYS D 124 20.61 42.28 -2.68
C LYS D 124 20.73 41.44 -1.42
N ASP D 125 19.63 41.25 -0.69
CA ASP D 125 19.63 40.40 0.52
C ASP D 125 19.65 38.86 0.22
N VAL D 126 19.53 38.50 -1.04
CA VAL D 126 19.44 37.10 -1.41
C VAL D 126 20.68 36.70 -2.19
N GLU D 127 20.81 37.24 -3.41
CA GLU D 127 21.96 37.02 -4.30
C GLU D 127 22.00 35.62 -4.82
N THR D 128 22.85 35.38 -5.83
CA THR D 128 22.95 34.07 -6.46
C THR D 128 23.29 32.98 -5.45
N LYS D 129 24.22 33.28 -4.52
CA LYS D 129 24.65 32.32 -3.50
C LYS D 129 23.48 31.76 -2.68
N ASN D 130 22.51 32.56 -2.29
CA ASN D 130 21.40 32.02 -1.54
C ASN D 130 20.37 31.33 -2.43
N ALA D 131 20.16 31.87 -3.62
CA ALA D 131 19.12 31.38 -4.51
C ALA D 131 19.34 29.91 -4.83
N VAL D 132 20.58 29.58 -5.20
CA VAL D 132 20.97 28.19 -5.40
C VAL D 132 20.56 27.32 -4.20
N ASN D 133 21.05 27.69 -3.01
CA ASN D 133 20.72 26.96 -1.79
C ASN D 133 19.23 26.84 -1.59
N ASP D 134 18.53 27.95 -1.80
CA ASP D 134 17.06 27.97 -1.80
C ASP D 134 16.31 27.08 -2.83
N VAL D 135 16.89 26.84 -3.98
CA VAL D 135 16.25 25.90 -4.89
C VAL D 135 16.24 24.51 -4.23
N LEU D 136 17.41 24.06 -3.75
CA LEU D 136 17.51 22.79 -3.02
C LEU D 136 16.56 22.73 -1.85
N LEU D 137 16.34 23.88 -1.21
CA LEU D 137 15.49 23.86 -0.03
C LEU D 137 14.01 23.69 -0.33
N LEU D 138 13.50 24.56 -1.20
CA LEU D 138 12.17 24.39 -1.75
C LEU D 138 11.94 22.95 -2.24
N TYR D 139 12.84 22.48 -3.10
CA TYR D 139 12.76 21.11 -3.59
C TYR D 139 12.60 20.09 -2.45
N ASN D 140 13.54 20.06 -1.50
CA ASN D 140 13.43 19.13 -0.41
C ASN D 140 12.24 19.35 0.52
N SER D 141 11.76 20.61 0.62
CA SER D 141 10.57 20.87 1.43
C SER D 141 9.38 20.01 0.98
N ILE D 142 9.30 19.79 -0.34
CA ILE D 142 8.22 19.02 -0.97
C ILE D 142 8.20 17.63 -0.35
N TYR D 143 9.37 16.99 -0.27
CA TYR D 143 9.38 15.63 0.17
C TYR D 143 9.09 15.54 1.66
N LYS D 144 9.44 16.59 2.40
CA LYS D 144 9.08 16.59 3.82
C LYS D 144 7.56 16.73 4.02
N LEU D 145 6.95 17.69 3.35
CA LEU D 145 5.50 17.85 3.44
C LEU D 145 4.74 16.60 3.08
N ILE D 146 5.25 15.83 2.12
CA ILE D 146 4.61 14.57 1.72
C ILE D 146 4.76 13.50 2.80
N GLU D 147 5.89 13.49 3.49
CA GLU D 147 6.05 12.64 4.66
C GLU D 147 5.04 13.02 5.73
N ILE D 148 4.95 14.31 6.08
CA ILE D 148 3.96 14.73 7.05
C ILE D 148 2.51 14.31 6.71
N TYR D 149 2.06 14.54 5.48
CA TYR D 149 0.66 14.32 5.18
C TYR D 149 0.25 12.96 4.65
N LEU D 150 1.21 12.21 4.12
CA LEU D 150 0.89 10.98 3.37
C LEU D 150 1.74 9.76 3.74
N ARG D 151 2.67 9.93 4.69
CA ARG D 151 3.57 8.85 5.09
C ARG D 151 2.90 7.50 5.29
N ASN D 152 1.63 7.50 5.66
CA ASN D 152 0.91 6.27 6.01
C ASN D 152 0.00 5.75 4.93
N GLU D 153 -0.19 6.54 3.87
CA GLU D 153 -0.96 6.13 2.70
C GLU D 153 -0.22 5.05 1.93
N SER D 154 -0.98 4.20 1.26
CA SER D 154 -0.35 3.09 0.55
C SER D 154 0.35 3.61 -0.69
N CYS D 155 -0.18 4.69 -1.27
CA CYS D 155 0.41 5.31 -2.45
C CYS D 155 1.70 6.11 -2.15
N TYR D 156 1.94 6.40 -0.88
CA TYR D 156 3.12 7.14 -0.46
C TYR D 156 4.35 6.95 -1.34
N VAL D 157 4.83 5.71 -1.45
CA VAL D 157 6.09 5.45 -2.16
C VAL D 157 5.97 5.79 -3.63
N ASP D 158 4.84 5.44 -4.22
CA ASP D 158 4.58 5.81 -5.61
C ASP D 158 4.56 7.34 -5.83
N VAL D 159 3.93 8.07 -4.92
CA VAL D 159 3.85 9.51 -5.01
C VAL D 159 5.24 10.11 -5.02
N ILE D 160 6.05 9.84 -4.01
CA ILE D 160 7.39 10.40 -4.00
C ILE D 160 8.15 10.03 -5.27
N ALA D 161 7.92 8.82 -5.81
CA ALA D 161 8.65 8.41 -7.00
C ALA D 161 8.17 9.27 -8.17
N THR D 162 6.88 9.59 -8.20
CA THR D 162 6.35 10.34 -9.31
C THR D 162 7.06 11.68 -9.38
N PHE D 163 7.13 12.37 -8.23
CA PHE D 163 7.86 13.62 -8.13
C PHE D 163 9.31 13.47 -8.56
N ARG D 164 9.94 12.38 -8.16
CA ARG D 164 11.35 12.19 -8.48
C ARG D 164 11.54 12.02 -9.99
N ASP D 165 10.79 11.15 -10.62
CA ASP D 165 10.98 10.89 -12.03
C ASP D 165 10.59 12.10 -12.90
N ALA D 166 9.58 12.87 -12.48
CA ALA D 166 9.16 14.04 -13.26
C ALA D 166 10.21 15.13 -13.20
N THR D 167 10.83 15.31 -12.03
CA THR D 167 11.90 16.29 -11.85
C THR D 167 13.10 15.89 -12.73
N LEU D 168 13.53 14.61 -12.64
CA LEU D 168 14.61 14.11 -13.49
C LEU D 168 14.35 14.39 -14.99
N LYS D 169 13.14 14.09 -15.46
CA LYS D 169 12.81 14.42 -16.82
C LYS D 169 12.91 15.94 -17.10
N THR D 170 12.51 16.72 -16.10
CA THR D 170 12.52 18.19 -16.22
C THR D 170 13.94 18.73 -16.26
N ILE D 171 14.83 18.13 -15.48
CA ILE D 171 16.21 18.56 -15.44
C ILE D 171 16.82 18.31 -16.81
N ILE D 172 16.56 17.12 -17.39
CA ILE D 172 17.10 16.77 -18.68
C ILE D 172 16.54 17.69 -19.75
N GLY D 173 15.26 17.96 -19.68
CA GLY D 173 14.64 18.91 -20.62
C GLY D 173 15.23 20.31 -20.51
N GLN D 174 15.65 20.69 -19.29
CA GLN D 174 16.33 21.97 -19.10
C GLN D 174 17.73 21.92 -19.71
N HIS D 175 18.43 20.80 -19.50
CA HIS D 175 19.77 20.67 -20.03
C HIS D 175 19.69 20.90 -21.54
N LEU D 176 18.79 20.16 -22.20
CA LEU D 176 18.66 20.30 -23.65
C LEU D 176 18.36 21.74 -24.11
N ASP D 177 17.35 22.36 -23.53
CA ASP D 177 17.02 23.73 -23.88
C ASP D 177 18.22 24.67 -23.71
N THR D 178 19.14 24.32 -22.80
CA THR D 178 20.22 25.23 -22.45
C THR D 178 21.34 25.10 -23.43
N ASN D 179 21.48 23.92 -24.01
CA ASN D 179 22.68 23.53 -24.68
C ASN D 179 22.53 23.09 -26.13
N ILE D 180 21.30 23.09 -26.64
CA ILE D 180 21.03 22.57 -28.00
C ILE D 180 21.79 23.28 -29.12
N PHE D 181 22.03 24.58 -28.95
CA PHE D 181 22.85 25.33 -29.89
C PHE D 181 24.33 25.47 -29.49
N SER D 182 24.73 24.87 -28.37
CA SER D 182 26.05 25.13 -27.79
C SER D 182 27.17 24.40 -28.52
N ASP D 183 28.36 24.97 -28.35
CA ASP D 183 29.61 24.53 -28.95
C ASP D 183 29.83 23.02 -28.80
N LYS D 184 29.46 22.46 -27.64
CA LYS D 184 29.74 21.06 -27.33
C LYS D 184 28.81 20.13 -28.08
N TYR D 185 27.88 20.74 -28.83
CA TYR D 185 26.86 19.99 -29.55
C TYR D 185 27.07 20.18 -31.06
N SER D 186 27.53 19.11 -31.72
CA SER D 186 27.83 19.08 -33.16
C SER D 186 28.22 17.68 -33.67
N GLU D 191 34.57 16.11 -27.37
CA GLU D 191 34.91 16.13 -25.94
C GLU D 191 34.80 17.56 -25.41
N ILE D 192 34.71 17.70 -24.09
CA ILE D 192 34.68 19.01 -23.38
C ILE D 192 36.07 19.37 -22.84
N ASP D 193 36.47 20.61 -23.04
CA ASP D 193 37.79 21.05 -22.57
C ASP D 193 37.72 21.35 -21.08
N VAL D 194 38.26 20.44 -20.27
CA VAL D 194 38.29 20.63 -18.82
C VAL D 194 39.39 21.59 -18.38
N ASN D 195 39.97 22.31 -19.35
CA ASN D 195 41.03 23.31 -19.08
C ASN D 195 40.70 24.75 -19.53
N ASN D 196 39.70 24.87 -20.40
CA ASN D 196 39.21 26.19 -20.81
C ASN D 196 38.22 26.83 -19.83
N ILE D 197 38.64 27.90 -19.18
CA ILE D 197 37.79 28.62 -18.25
C ILE D 197 37.68 30.08 -18.68
N ASN D 198 37.99 30.34 -19.95
CA ASN D 198 37.95 31.68 -20.53
C ASN D 198 37.00 31.73 -21.67
N VAL D 199 37.68 31.80 -22.82
CA VAL D 199 37.17 31.95 -24.19
C VAL D 199 35.65 31.73 -24.35
N PRO D 200 34.84 32.74 -23.96
CA PRO D 200 33.37 32.65 -24.00
C PRO D 200 32.84 32.33 -25.39
N PRO D 203 27.60 32.72 -28.90
CA PRO D 203 26.49 31.82 -29.21
C PRO D 203 26.13 31.85 -30.69
N VAL D 204 26.04 30.68 -31.31
CA VAL D 204 25.56 30.56 -32.69
C VAL D 204 24.57 29.40 -32.85
N ILE D 205 23.44 29.64 -33.52
CA ILE D 205 22.48 28.55 -33.78
C ILE D 205 23.14 27.50 -34.65
N ASP D 206 22.69 26.26 -34.49
CA ASP D 206 23.20 25.14 -35.28
C ASP D 206 22.09 24.57 -36.16
N ILE D 207 22.20 24.76 -37.48
CA ILE D 207 21.12 24.36 -38.39
C ILE D 207 20.70 22.89 -38.22
N ASN D 208 21.61 22.04 -37.79
CA ASN D 208 21.27 20.64 -37.61
C ASN D 208 20.25 20.39 -36.53
N MET D 209 20.16 21.31 -35.57
CA MET D 209 19.23 21.14 -34.45
C MET D 209 17.87 21.75 -34.75
N ILE D 210 17.76 22.52 -35.83
CA ILE D 210 16.51 23.21 -36.12
C ILE D 210 15.48 22.29 -36.79
N ASN D 211 15.08 21.24 -36.09
CA ASN D 211 14.02 20.35 -36.56
C ASN D 211 13.04 19.96 -35.44
N PHE D 212 11.88 19.50 -35.85
CA PHE D 212 10.75 19.24 -34.96
C PHE D 212 10.96 18.13 -33.97
N GLY D 213 11.70 17.10 -34.37
CA GLY D 213 12.02 15.97 -33.52
C GLY D 213 12.71 16.43 -32.25
N VAL D 214 13.81 17.17 -32.42
CA VAL D 214 14.59 17.69 -31.30
C VAL D 214 13.72 18.59 -30.40
N TYR D 215 12.98 19.48 -31.03
CA TYR D 215 12.14 20.43 -30.29
C TYR D 215 11.19 19.68 -29.38
N LYS D 216 10.55 18.63 -29.93
CA LYS D 216 9.65 17.81 -29.15
C LYS D 216 10.38 17.17 -27.98
N ASN D 217 11.57 16.66 -28.24
CA ASN D 217 12.43 16.10 -27.22
C ASN D 217 12.69 17.08 -26.08
N ILE D 218 12.94 18.35 -26.43
CA ILE D 218 13.15 19.35 -25.41
C ILE D 218 11.84 19.67 -24.67
N VAL D 219 10.80 19.99 -25.43
CA VAL D 219 9.55 20.50 -24.90
C VAL D 219 8.89 19.46 -24.01
N ILE D 220 8.88 18.20 -24.47
CA ILE D 220 8.23 17.16 -23.71
C ILE D 220 8.83 17.08 -22.32
N HIS D 221 10.15 16.95 -22.28
CA HIS D 221 10.90 16.71 -21.07
C HIS D 221 10.91 17.91 -20.18
N LYS D 222 11.18 19.08 -20.76
CA LYS D 222 11.27 20.31 -19.95
C LYS D 222 9.97 20.70 -19.23
N THR D 223 8.84 20.35 -19.82
CA THR D 223 7.59 20.88 -19.31
C THR D 223 6.40 19.90 -19.15
N ALA D 224 6.33 18.85 -19.96
CA ALA D 224 5.11 18.03 -19.99
C ALA D 224 4.98 17.13 -18.76
N TYR D 225 6.08 16.48 -18.36
CA TYR D 225 6.04 15.60 -17.19
C TYR D 225 5.65 16.26 -15.84
N TYR D 226 6.15 17.44 -15.58
CA TYR D 226 5.84 18.08 -14.32
C TYR D 226 4.62 19.01 -14.41
N SER D 227 4.30 19.51 -15.60
CA SER D 227 3.09 20.34 -15.72
C SER D 227 1.78 19.55 -15.89
N PHE D 228 1.88 18.35 -16.44
CA PHE D 228 0.68 17.59 -16.71
C PHE D 228 0.69 16.23 -16.07
N PHE D 229 1.61 15.39 -16.48
CA PHE D 229 1.72 14.04 -15.95
C PHE D 229 1.75 13.96 -14.42
N LEU D 230 2.71 14.64 -13.78
CA LEU D 230 2.79 14.68 -12.32
C LEU D 230 1.45 15.06 -11.59
N PRO D 231 0.86 16.24 -11.88
CA PRO D 231 -0.37 16.57 -11.17
C PRO D 231 -1.49 15.56 -11.41
N ILE D 232 -1.68 15.13 -12.65
CA ILE D 232 -2.70 14.13 -12.91
C ILE D 232 -2.41 12.83 -12.11
N VAL D 233 -1.23 12.24 -12.32
CA VAL D 233 -0.84 11.03 -11.60
C VAL D 233 -0.97 11.21 -10.11
N CYS D 234 -0.69 12.40 -9.60
CA CYS D 234 -0.85 12.62 -8.17
C CYS D 234 -2.28 12.43 -7.74
N GLY D 235 -3.21 13.02 -8.49
CA GLY D 235 -4.66 12.93 -8.21
C GLY D 235 -5.20 11.52 -8.38
N MET D 236 -4.63 10.79 -9.35
CA MET D 236 -4.98 9.40 -9.61
C MET D 236 -4.49 8.42 -8.54
N LEU D 237 -3.25 8.58 -8.09
CA LEU D 237 -2.66 7.68 -7.11
C LEU D 237 -3.35 7.73 -5.76
N LEU D 238 -3.56 8.95 -5.28
CA LEU D 238 -4.31 9.19 -4.06
C LEU D 238 -5.71 8.60 -4.12
N ALA D 239 -6.34 8.64 -5.29
CA ALA D 239 -7.69 8.12 -5.44
C ALA D 239 -7.74 6.59 -5.47
N GLY D 240 -6.60 5.94 -5.60
CA GLY D 240 -6.54 4.47 -5.61
C GLY D 240 -6.25 3.73 -6.92
N ILE D 241 -6.10 4.46 -8.02
CA ILE D 241 -5.68 3.85 -9.27
C ILE D 241 -4.19 3.61 -9.25
N ASP D 244 0.80 1.22 -12.36
CA ASP D 244 -0.24 0.31 -11.91
C ASP D 244 -1.10 -0.19 -13.09
N ASN D 245 -2.31 0.36 -13.19
CA ASN D 245 -3.28 0.16 -14.28
C ASN D 245 -2.70 0.60 -15.63
N LEU D 246 -3.24 0.08 -16.73
CA LEU D 246 -2.80 0.47 -18.08
C LEU D 246 -3.26 1.90 -18.51
N ILE D 247 -4.03 2.60 -17.68
CA ILE D 247 -4.50 3.96 -18.00
C ILE D 247 -3.42 5.02 -17.75
N TYR D 248 -2.37 4.67 -17.03
CA TYR D 248 -1.29 5.63 -16.73
C TYR D 248 -0.51 5.99 -17.99
N LYS D 249 -0.24 4.99 -18.82
CA LYS D 249 0.48 5.21 -20.08
C LYS D 249 -0.40 5.99 -21.05
N LYS D 250 -1.72 5.80 -20.97
CA LYS D 250 -2.62 6.62 -21.75
C LYS D 250 -2.44 8.10 -21.34
N ILE D 251 -2.28 8.33 -20.03
CA ILE D 251 -2.18 9.68 -19.46
C ILE D 251 -0.82 10.28 -19.79
N GLU D 252 0.21 9.47 -19.79
CA GLU D 252 1.53 9.95 -20.18
C GLU D 252 1.53 10.54 -21.59
N ASP D 253 0.94 9.81 -22.54
CA ASP D 253 0.82 10.26 -23.92
C ASP D 253 0.00 11.54 -24.09
N ILE D 254 -1.20 11.61 -23.50
CA ILE D 254 -1.97 12.86 -23.49
C ILE D 254 -1.09 13.99 -22.91
N SER D 255 -0.35 13.70 -21.83
CA SER D 255 0.50 14.67 -21.18
C SER D 255 1.60 15.17 -22.09
N MET D 256 2.27 14.23 -22.77
CA MET D 256 3.21 14.57 -23.82
C MET D 256 2.55 15.48 -24.87
N LEU D 257 1.35 15.13 -25.32
CA LEU D 257 0.69 15.96 -26.32
C LEU D 257 0.39 17.38 -25.83
N MET D 258 -0.21 17.48 -24.66
CA MET D 258 -0.53 18.76 -24.09
C MET D 258 0.68 19.63 -23.85
N GLY D 259 1.78 19.07 -23.36
CA GLY D 259 2.99 19.87 -23.14
C GLY D 259 3.45 20.62 -24.38
N GLU D 260 3.61 19.88 -25.47
CA GLU D 260 3.86 20.43 -26.80
C GLU D 260 2.84 21.50 -27.25
N TYR D 261 1.55 21.17 -27.25
CA TYR D 261 0.47 22.10 -27.65
C TYR D 261 0.67 23.50 -27.09
N PHE D 262 1.37 23.50 -25.98
CA PHE D 262 1.18 24.50 -24.98
C PHE D 262 2.47 25.33 -24.86
N GLN D 263 3.61 24.65 -24.92
CA GLN D 263 4.87 25.32 -25.07
C GLN D 263 4.83 26.04 -26.42
N ILE D 264 4.34 25.38 -27.44
CA ILE D 264 4.21 26.04 -28.74
C ILE D 264 3.34 27.29 -28.68
N HIS D 265 2.24 27.25 -27.94
CA HIS D 265 1.42 28.44 -27.75
C HIS D 265 2.26 29.54 -27.12
N ASP D 266 3.05 29.19 -26.12
CA ASP D 266 3.90 30.16 -25.44
C ASP D 266 4.93 30.76 -26.41
N ASP D 267 5.49 29.93 -27.29
CA ASP D 267 6.38 30.43 -28.31
C ASP D 267 5.67 31.43 -29.22
N TYR D 268 4.41 31.18 -29.53
CA TYR D 268 3.67 32.06 -30.40
C TYR D 268 3.54 33.43 -29.74
N LEU D 269 3.29 33.48 -28.45
CA LEU D 269 3.19 34.75 -27.77
C LEU D 269 4.53 35.43 -27.61
N SER D 283 13.08 37.99 -24.74
CA SER D 283 13.27 37.78 -26.17
C SER D 283 13.99 36.45 -26.45
N ASP D 284 13.24 35.45 -26.91
CA ASP D 284 13.79 34.11 -27.18
C ASP D 284 14.81 34.11 -28.31
N ILE D 285 14.64 35.07 -29.22
CA ILE D 285 15.52 35.29 -30.36
C ILE D 285 16.84 35.88 -29.89
N GLN D 286 16.76 36.88 -29.02
CA GLN D 286 17.91 37.48 -28.38
C GLN D 286 18.53 36.49 -27.41
N ASN D 287 17.70 35.68 -26.78
CA ASN D 287 18.20 34.67 -25.89
C ASN D 287 18.60 33.40 -26.63
N ASN D 288 18.53 33.44 -27.97
CA ASN D 288 19.04 32.37 -28.85
C ASN D 288 18.40 31.02 -28.56
N LYS D 289 17.08 31.03 -28.38
CA LYS D 289 16.35 29.84 -27.99
C LYS D 289 15.76 29.13 -29.21
N LEU D 290 15.71 27.80 -29.16
CA LEU D 290 15.04 27.01 -30.18
C LEU D 290 13.55 27.15 -29.97
N THR D 291 12.87 27.82 -30.89
CA THR D 291 11.42 28.03 -30.77
C THR D 291 10.67 27.37 -31.90
N TRP D 292 9.36 27.27 -31.77
CA TRP D 292 8.53 26.74 -32.83
C TRP D 292 8.60 27.66 -34.07
N PRO D 293 8.31 28.96 -33.90
CA PRO D 293 8.45 29.92 -35.02
C PRO D 293 9.77 29.80 -35.76
N LEU D 294 10.87 29.68 -35.03
CA LEU D 294 12.16 29.49 -35.67
C LEU D 294 12.13 28.27 -36.58
N ILE D 295 11.62 27.15 -36.08
CA ILE D 295 11.65 25.91 -36.84
C ILE D 295 10.74 25.90 -38.05
N LYS D 296 9.58 26.50 -37.88
CA LYS D 296 8.61 26.61 -38.94
C LYS D 296 9.13 27.51 -40.04
N THR D 297 9.70 28.64 -39.67
CA THR D 297 10.33 29.56 -40.62
C THR D 297 11.45 28.86 -41.39
N PHE D 298 12.24 28.06 -40.70
CA PHE D 298 13.38 27.43 -41.31
C PHE D 298 12.99 26.40 -42.34
N GLU D 299 11.99 25.60 -42.02
CA GLU D 299 11.55 24.57 -42.93
C GLU D 299 10.76 25.13 -44.12
N LEU D 300 10.70 26.46 -44.21
CA LEU D 300 9.79 27.11 -45.13
C LEU D 300 10.43 28.21 -45.96
N CYS D 301 11.57 28.72 -45.51
CA CYS D 301 12.17 29.90 -46.13
C CYS D 301 13.14 29.55 -47.24
N SER D 302 13.55 30.59 -47.96
CA SER D 302 14.58 30.50 -49.00
C SER D 302 15.96 30.21 -48.45
N GLU D 303 16.71 29.44 -49.23
CA GLU D 303 18.10 29.14 -48.92
C GLU D 303 18.86 30.39 -48.51
N PRO D 304 18.64 31.53 -49.22
CA PRO D 304 19.19 32.83 -48.85
C PRO D 304 18.66 33.41 -47.54
N ASP D 305 17.42 33.09 -47.19
CA ASP D 305 16.85 33.59 -45.95
C ASP D 305 17.39 32.83 -44.74
N LYS D 306 17.69 31.56 -44.93
CA LYS D 306 18.30 30.75 -43.88
C LYS D 306 19.62 31.33 -43.39
N ILE D 307 20.31 32.03 -44.30
CA ILE D 307 21.60 32.65 -43.97
C ILE D 307 21.38 33.96 -43.21
N LYS D 308 20.36 34.72 -43.61
CA LYS D 308 19.95 35.92 -42.91
C LYS D 308 19.70 35.56 -41.44
N ILE D 309 18.92 34.50 -41.24
CA ILE D 309 18.55 33.96 -39.92
C ILE D 309 19.78 33.68 -39.05
N VAL D 310 20.71 32.89 -39.58
CA VAL D 310 21.95 32.57 -38.89
C VAL D 310 22.74 33.82 -38.44
N LYS D 311 22.75 34.86 -39.26
CA LYS D 311 23.53 36.07 -38.95
C LYS D 311 22.80 37.03 -38.01
N ASN D 312 21.53 36.78 -37.72
CA ASN D 312 20.78 37.73 -36.91
C ASN D 312 20.14 37.13 -35.66
N TYR D 313 20.05 35.80 -35.62
CA TYR D 313 19.45 35.11 -34.47
C TYR D 313 20.42 34.97 -33.31
N GLY D 314 20.01 35.53 -32.16
CA GLY D 314 20.71 35.33 -30.92
C GLY D 314 21.58 36.50 -30.54
N LYS D 315 21.67 37.47 -31.43
CA LYS D 315 22.55 38.58 -31.17
C LYS D 315 21.85 39.66 -30.36
N ASN D 316 22.66 40.42 -29.63
CA ASN D 316 22.13 41.57 -28.92
C ASN D 316 22.24 42.76 -29.85
N ASN D 317 21.19 42.97 -30.64
CA ASN D 317 21.09 44.10 -31.55
C ASN D 317 19.63 44.28 -31.94
N LEU D 318 19.09 45.47 -31.70
CA LEU D 318 17.71 45.79 -32.04
C LEU D 318 17.41 45.47 -33.51
N ALA D 319 18.34 45.80 -34.42
CA ALA D 319 18.13 45.59 -35.86
C ALA D 319 18.32 44.12 -36.31
N CYS D 320 19.02 43.31 -35.51
CA CYS D 320 19.02 41.86 -35.71
C CYS D 320 17.68 41.20 -35.31
N VAL D 321 17.21 41.51 -34.10
CA VAL D 321 15.90 41.09 -33.67
C VAL D 321 14.91 41.61 -34.70
N LYS D 322 14.86 42.94 -34.90
CA LYS D 322 13.90 43.63 -35.80
C LYS D 322 13.65 42.94 -37.12
N VAL D 323 14.42 41.89 -37.40
CA VAL D 323 14.67 41.39 -38.75
C VAL D 323 14.28 39.91 -38.88
N ILE D 324 14.68 39.13 -37.89
CA ILE D 324 14.12 37.84 -37.62
C ILE D 324 12.63 38.08 -37.46
N ASP D 325 12.29 39.15 -36.73
CA ASP D 325 10.93 39.54 -36.48
C ASP D 325 10.17 39.76 -37.77
N SER D 326 10.83 40.35 -38.76
CA SER D 326 10.18 40.60 -40.04
C SER D 326 10.11 39.36 -40.92
N LEU D 327 11.00 38.40 -40.68
CA LEU D 327 10.93 37.09 -41.34
C LEU D 327 9.70 36.31 -40.91
N TYR D 328 9.23 36.56 -39.69
CA TYR D 328 8.08 35.89 -39.16
C TYR D 328 6.81 36.44 -39.78
N GLU D 329 6.67 37.78 -39.82
CA GLU D 329 5.49 38.45 -40.40
C GLU D 329 5.37 38.19 -41.91
N GLN D 330 6.40 37.54 -42.41
CA GLN D 330 6.68 37.38 -43.81
C GLN D 330 6.19 36.00 -44.27
N TYR D 331 6.54 34.99 -43.48
CA TYR D 331 6.19 33.61 -43.77
C TYR D 331 4.89 33.25 -43.07
N LYS D 332 4.22 34.29 -42.54
CA LYS D 332 2.91 34.20 -41.95
C LYS D 332 2.89 33.12 -40.87
N ILE D 333 3.75 33.32 -39.88
CA ILE D 333 3.88 32.43 -38.72
C ILE D 333 2.65 32.48 -37.81
N ARG D 334 2.10 33.68 -37.61
CA ARG D 334 0.78 33.82 -37.02
C ARG D 334 -0.18 32.80 -37.61
N LYS D 335 -0.32 32.82 -38.93
CA LYS D 335 -1.28 31.98 -39.63
C LYS D 335 -0.99 30.49 -39.50
N HIS D 336 0.29 30.14 -39.52
CA HIS D 336 0.70 28.73 -39.40
C HIS D 336 0.48 28.15 -38.01
N TYR D 337 0.53 29.02 -37.00
CA TYR D 337 0.18 28.63 -35.66
C TYR D 337 -1.32 28.28 -35.56
N GLU D 338 -2.18 29.16 -36.07
CA GLU D 338 -3.63 28.95 -35.99
C GLU D 338 -4.04 27.62 -36.63
N SER D 339 -3.29 27.23 -37.66
CA SER D 339 -3.44 25.94 -38.32
C SER D 339 -2.98 24.77 -37.43
N TYR D 340 -1.88 24.97 -36.69
CA TYR D 340 -1.34 23.94 -35.81
C TYR D 340 -2.19 23.75 -34.55
N GLU D 341 -2.71 24.85 -34.01
CA GLU D 341 -3.56 24.83 -32.83
C GLU D 341 -4.86 24.06 -33.11
N LYS D 342 -5.42 24.24 -34.30
CA LYS D 342 -6.61 23.50 -34.71
C LYS D 342 -6.33 22.01 -34.78
N ALA D 343 -5.25 21.64 -35.46
CA ALA D 343 -4.84 20.25 -35.61
C ALA D 343 -4.38 19.58 -34.30
N GLN D 344 -3.65 20.29 -33.46
CA GLN D 344 -3.14 19.67 -32.25
C GLN D 344 -4.24 19.49 -31.21
N LYS D 345 -5.13 20.48 -31.11
CA LYS D 345 -6.31 20.39 -30.22
C LYS D 345 -7.14 19.16 -30.54
N ALA D 346 -7.29 18.89 -31.83
CA ALA D 346 -8.02 17.72 -32.30
C ALA D 346 -7.30 16.43 -31.94
N LYS D 347 -5.98 16.39 -32.13
CA LYS D 347 -5.19 15.22 -31.72
C LYS D 347 -5.31 14.96 -30.22
N ILE D 348 -5.36 16.01 -29.41
CA ILE D 348 -5.43 15.88 -27.95
C ILE D 348 -6.81 15.37 -27.51
N LEU D 349 -7.87 15.91 -28.11
CA LEU D 349 -9.26 15.47 -27.82
C LEU D 349 -9.54 14.04 -28.24
N SER D 350 -8.96 13.66 -29.37
CA SER D 350 -9.09 12.32 -29.88
C SER D 350 -8.47 11.32 -28.89
N ALA D 351 -7.31 11.66 -28.34
CA ALA D 351 -6.65 10.75 -27.38
C ALA D 351 -7.37 10.66 -26.03
N ILE D 352 -8.01 11.75 -25.64
CA ILE D 352 -8.77 11.80 -24.40
C ILE D 352 -9.99 10.89 -24.52
N ASN D 353 -10.60 10.87 -25.71
CA ASN D 353 -11.78 10.07 -25.98
C ASN D 353 -11.54 8.60 -25.76
N GLU D 354 -10.36 8.16 -26.16
CA GLU D 354 -10.00 6.77 -26.01
C GLU D 354 -9.51 6.42 -24.60
N LEU D 355 -9.77 7.30 -23.62
CA LEU D 355 -9.37 7.11 -22.23
C LEU D 355 -10.36 6.27 -21.43
N HIS D 356 -11.63 6.27 -21.83
CA HIS D 356 -12.71 5.57 -21.08
C HIS D 356 -12.70 5.88 -19.56
N HIS D 357 -12.97 7.14 -19.22
CA HIS D 357 -13.20 7.55 -17.85
C HIS D 357 -13.87 8.92 -17.82
N GLU D 358 -15.21 8.94 -17.80
CA GLU D 358 -16.01 10.20 -17.87
C GLU D 358 -15.53 11.34 -16.96
N GLY D 359 -14.98 10.97 -15.80
CA GLY D 359 -14.50 11.94 -14.81
C GLY D 359 -13.23 12.67 -15.23
N ILE D 360 -12.20 11.89 -15.53
CA ILE D 360 -10.89 12.38 -16.03
C ILE D 360 -11.00 13.07 -17.39
N GLU D 361 -11.73 12.47 -18.31
CA GLU D 361 -12.05 13.10 -19.60
C GLU D 361 -12.66 14.48 -19.46
N TYR D 362 -13.59 14.66 -18.51
CA TYR D 362 -14.20 15.96 -18.33
C TYR D 362 -13.16 17.00 -17.89
N VAL D 363 -12.30 16.61 -16.94
CA VAL D 363 -11.26 17.51 -16.39
C VAL D 363 -10.24 17.93 -17.44
N LEU D 364 -9.78 16.98 -18.22
CA LEU D 364 -8.81 17.24 -19.27
C LEU D 364 -9.36 18.06 -20.43
N LYS D 365 -10.61 17.82 -20.83
CA LYS D 365 -11.30 18.74 -21.74
C LYS D 365 -11.39 20.15 -21.13
N TYR D 366 -11.71 20.22 -19.85
CA TYR D 366 -11.75 21.49 -19.13
C TYR D 366 -10.41 22.22 -19.13
N LEU D 367 -9.34 21.56 -18.71
CA LEU D 367 -8.03 22.21 -18.64
C LEU D 367 -7.55 22.71 -20.00
N LEU D 368 -7.88 21.95 -21.04
CA LEU D 368 -7.52 22.33 -22.41
C LEU D 368 -8.25 23.60 -22.87
N GLU D 369 -9.37 23.91 -22.23
CA GLU D 369 -10.02 25.21 -22.42
C GLU D 369 -9.35 26.31 -21.62
N ILE D 370 -8.88 26.01 -20.40
CA ILE D 370 -8.28 27.05 -19.51
C ILE D 370 -6.75 27.12 -19.28
N LEU D 371 -6.01 26.03 -19.02
CA LEU D 371 -4.54 26.20 -18.96
C LEU D 371 -4.22 27.16 -20.11
N PHE D 372 -5.14 27.18 -21.08
CA PHE D 372 -5.23 28.19 -22.13
C PHE D 372 -5.53 29.58 -21.55
CAA HXK E . -14.92 -21.00 12.60
OAB HXK E . 1.31 -19.63 11.81
OAC HXK E . 1.39 -19.91 14.01
OAD HXK E . -4.04 -21.30 18.66
CAE HXK E . -0.62 -15.19 13.33
CAF HXK E . 0.16 -15.59 12.27
CAG HXK E . -0.88 -16.11 14.32
CAH HXK E . 0.67 -16.86 12.18
CAI HXK E . -3.11 -19.41 17.52
CAJ HXK E . -5.50 -19.81 17.50
CAK HXK E . -4.57 -17.90 16.33
CAL HXK E . -14.57 -21.21 14.08
CAM HXK E . -13.59 -20.12 14.54
CAN HXK E . -12.17 -20.73 14.77
CAO HXK E . -11.32 -19.97 15.82
CAP HXK E . -9.96 -20.65 16.02
CAQ HXK E . -8.98 -19.70 16.71
CAR HXK E . -7.82 -19.33 15.78
CAS HXK E . -2.09 -17.43 16.32
OAT HXK E . -6.95 -18.26 16.30
SAU HXK E . -0.77 -18.46 15.54
CAV HXK E . 1.06 -19.23 12.98
CAW HXK E . -4.21 -20.19 17.89
CAX HXK E . -3.28 -18.27 16.73
CAY HXK E . -5.69 -18.66 16.71
CAZ HXK E . -0.37 -17.38 14.23
CBA HXK E . 0.41 -17.79 13.15
CAA HXK F . 23.56 22.58 -1.68
OAB HXK F . 37.93 18.93 0.00
OAC HXK F . 38.19 17.90 2.02
OAD HXK F . 32.05 18.71 5.53
CAE HXK F . 36.26 14.31 -0.82
CAF HXK F . 37.27 14.96 -1.49
CAG HXK F . 35.80 14.82 0.36
CAH HXK F . 37.81 16.12 -1.01
CAI HXK F . 33.70 18.61 3.77
CAJ HXK F . 31.90 20.21 3.66
CAK HXK F . 33.53 20.09 1.87
CAL HXK F . 24.50 23.45 -0.83
CAM HXK F . 24.61 22.98 0.64
CAN HXK F . 25.83 22.08 0.84
CAO HXK F . 27.14 22.78 1.14
CAP HXK F . 28.01 21.79 1.94
CAQ HXK F . 29.45 22.23 2.19
CAR HXK F . 30.39 21.34 1.38
CAS HXK F . 35.42 18.44 1.91
OAT HXK F . 31.73 21.68 1.76
SAU HXK F . 35.76 16.68 2.40
CAV HXK F . 37.89 17.91 0.77
CAW HXK F . 32.54 19.18 4.33
CAX HXK F . 34.18 19.06 2.53
CAY HXK F . 32.38 20.67 2.43
CAZ HXK F . 36.34 15.98 0.87
CBA HXK F . 37.34 16.62 0.18
CAA HXK G . -22.91 -17.49 2.12
OAB HXK G . -37.33 -21.97 3.77
OAC HXK G . -38.88 -21.82 2.24
OAD HXK G . -36.04 -15.71 -3.06
CAE HXK G . -37.79 -16.95 3.33
CAF HXK G . -38.12 -17.76 4.41
CAG HXK G . -37.55 -17.55 2.09
CAH HXK G . -38.20 -19.17 4.29
CAI HXK G . -35.74 -17.39 -1.37
CAJ HXK G . -33.80 -16.18 -2.21
CAK HXK G . -33.54 -17.90 -0.50
CAL HXK G . -24.06 -16.47 2.12
CAM HXK G . -25.44 -17.13 1.97
CAN HXK G . -26.20 -16.55 0.76
CAO HXK G . -27.57 -17.20 0.54
CAP HXK G . -28.65 -16.16 0.22
CAQ HXK G . -30.03 -16.65 0.65
CAR HXK G . -31.16 -15.95 -0.14
CAS HXK G . -35.49 -19.23 0.43
OAT HXK G . -31.60 -16.70 -1.31
SAU HXK G . -37.29 -19.60 0.38
CAV HXK G . -38.05 -21.31 3.00
CAW HXK G . -35.20 -16.42 -2.22
CAX HXK G . -34.92 -18.14 -0.51
CAY HXK G . -32.97 -16.92 -1.34
CAZ HXK G . -37.63 -18.97 1.96
CBA HXK G . -37.95 -19.78 3.07
CAA HXK H . 15.48 22.38 -12.45
OAB HXK H . 1.57 27.66 -19.51
OAC HXK H . 2.18 26.30 -17.86
OAD HXK H . 5.31 28.50 -15.77
CAE HXK H . 4.54 24.19 -21.68
CAF HXK H . 3.64 23.63 -20.80
CAG HXK H . 4.72 25.55 -21.73
CAH HXK H . 2.95 24.48 -19.95
CAI HXK H . 5.72 28.32 -18.11
CAJ HXK H . 7.19 27.26 -16.51
CAK HXK H . 7.63 27.04 -18.90
CAL HXK H . 15.37 23.02 -13.82
CAM HXK H . 14.48 24.25 -13.72
CAN HXK H . 13.11 23.87 -14.21
CAO HXK H . 12.97 24.08 -15.71
CAP HXK H . 11.53 24.46 -16.10
CAQ HXK H . 11.38 25.97 -16.23
CAR HXK H . 9.91 26.40 -16.12
CAS HXK H . 6.12 28.15 -20.62
OAT HXK H . 9.08 25.98 -17.27
SAU HXK H . 4.31 28.11 -21.01
CAV HXK H . 2.26 26.71 -19.03
CAW HXK H . 6.06 28.04 -16.79
CAX HXK H . 6.50 27.83 -19.16
CAY HXK H . 7.97 26.76 -17.56
CAZ HXK H . 4.01 26.41 -20.89
CBA HXK H . 3.12 25.87 -19.99
S SO4 I . 2.62 30.69 -12.94
O1 SO4 I . 3.26 30.26 -14.19
O2 SO4 I . 1.17 30.83 -13.18
O3 SO4 I . 3.15 31.96 -12.47
O4 SO4 I . 2.85 29.75 -11.82
#